data_7QQG
#
_entry.id   7QQG
#
_cell.length_a   73.113
_cell.length_b   78.882
_cell.length_c   176.221
_cell.angle_alpha   80.777
_cell.angle_beta   80.209
_cell.angle_gamma   62.641
#
_symmetry.space_group_name_H-M   'P 1'
#
loop_
_entity.id
_entity.type
_entity.pdbx_description
1 polymer 'Myogenesis-regulating glycosidase'
2 branched 2-acetamido-2-deoxy-beta-D-glucopyranose-(1-4)-2-acetamido-2-deoxy-beta-D-glucopyranose
3 branched 2-acetamido-2-deoxy-beta-D-glucopyranose-(1-4)-[alpha-L-fucopyranose-(1-6)]2-acetamido-2-deoxy-beta-D-glucopyranose
4 non-polymer 2-acetamido-2-deoxy-beta-D-glucopyranose
5 non-polymer (2R,3S,4R,5S)-2-(hydroxymethyl)piperidine-3,4,5-triol
6 non-polymer 'MALONATE ION'
7 water water
#
_entity_poly.entity_id   1
_entity_poly.type   'polypeptide(L)'
_entity_poly.pdbx_seq_one_letter_code
;GVSLRKAERLRAELLDLKAGGFSIRNQKGEQVFRLAFRSGALDLDSCSRDGALLGCSLTADGLPLHFFIQTVRPKDTVMC
YRVRWEEAAPGRAVEHAMFLGDAAAHWYGGAEMRTQHWPIRLDGQQEPQPFVTSDVYSSDAAFGGILERYWLSSRAAAIK
VNDSVPFHLGWNSTERSLRLQARYHDTPYKPPAGRAAAPELSYRVCVGSDVTSIHKYMVRRYFNKPSRVPAPEAFRDPIW
STWALYGRAVDQDKVLRFAQQIRLHHFNSSHLEIDDMYTPAYGDFDFDEVKFPNASDMFRRLRDAGFRVTLWVHPFVNYN
SSRFGEGVERELFVREPTGRLPALVRWWNGIGAVLDFTHPKARDWFQGHLRRLRSRYSVASFKFDAGEVSYLPRDFSTYR
PLPDPSVWSRRYTEMALPFFSLAEVRVGYQSQNISCFFRLVDRDSVWGYDLGLRSLIPAVLTVSMLGYPFILPDMVGGNA
VPQRTAGGDVPERELYIRWLEVAAFMPAMQFSIPPWRYDAEVVAIAQKFAALRASLVAPLLLELAGEVTDTGDPIVRPLW
WIAPGDETAHRIDSQFLIGDTLLVAPVLEPGKQERDVYLPAGKWRSYKGELFDKTPVLLTDYPVDLDEIAYFTWAS
;
_entity_poly.pdbx_strand_id   A,B,C,D
#
# COMPACT_ATOMS: atom_id res chain seq x y z
N LEU A 14 -90.36 -13.19 15.81
CA LEU A 14 -89.69 -13.88 16.97
C LEU A 14 -88.25 -13.36 17.16
N LEU A 15 -87.78 -12.39 16.36
CA LEU A 15 -86.42 -11.82 16.47
C LEU A 15 -86.47 -10.42 17.07
N ASP A 16 -85.78 -10.19 18.20
CA ASP A 16 -85.56 -8.87 18.84
C ASP A 16 -84.22 -8.29 18.38
N LEU A 17 -84.25 -7.22 17.57
CA LEU A 17 -83.06 -6.50 17.06
C LEU A 17 -82.83 -5.22 17.89
N LYS A 18 -81.71 -5.15 18.61
CA LYS A 18 -81.17 -3.93 19.27
C LYS A 18 -79.96 -3.43 18.48
N ALA A 19 -79.39 -2.31 18.90
CA ALA A 19 -78.25 -1.63 18.22
C ALA A 19 -76.97 -2.48 18.33
N GLY A 20 -76.85 -3.29 19.40
CA GLY A 20 -75.64 -4.02 19.77
C GLY A 20 -75.70 -5.50 19.42
N GLY A 21 -76.85 -6.00 18.97
CA GLY A 21 -77.00 -7.40 18.56
C GLY A 21 -78.46 -7.81 18.39
N PHE A 22 -78.75 -9.11 18.37
CA PHE A 22 -80.14 -9.62 18.29
C PHE A 22 -80.25 -10.93 19.05
N SER A 23 -81.48 -11.27 19.44
CA SER A 23 -81.88 -12.57 20.02
C SER A 23 -83.10 -13.10 19.25
N ILE A 24 -83.21 -14.43 19.13
CA ILE A 24 -84.36 -15.12 18.50
C ILE A 24 -84.99 -16.01 19.56
N ARG A 25 -86.32 -16.08 19.56
CA ARG A 25 -87.11 -17.00 20.41
C ARG A 25 -87.78 -18.03 19.49
N ASN A 26 -88.14 -19.19 20.05
CA ASN A 26 -89.03 -20.19 19.40
C ASN A 26 -90.47 -19.87 19.82
N GLN A 27 -91.42 -20.61 19.26
CA GLN A 27 -92.88 -20.36 19.44
C GLN A 27 -93.27 -20.59 20.91
N LYS A 28 -92.47 -21.31 21.69
CA LYS A 28 -92.70 -21.54 23.15
C LYS A 28 -92.11 -20.39 23.98
N GLY A 29 -91.42 -19.44 23.35
CA GLY A 29 -90.93 -18.20 24.00
C GLY A 29 -89.57 -18.37 24.66
N GLU A 30 -88.88 -19.50 24.40
CA GLU A 30 -87.48 -19.70 24.86
C GLU A 30 -86.54 -18.93 23.94
N GLN A 31 -85.47 -18.35 24.50
CA GLN A 31 -84.34 -17.75 23.74
C GLN A 31 -83.44 -18.90 23.22
N VAL A 32 -83.42 -19.09 21.90
CA VAL A 32 -82.67 -20.21 21.24
C VAL A 32 -81.41 -19.66 20.54
N PHE A 33 -81.30 -18.34 20.37
CA PHE A 33 -80.16 -17.69 19.66
C PHE A 33 -79.92 -16.30 20.23
N ARG A 34 -78.66 -15.95 20.47
CA ARG A 34 -78.27 -14.60 20.98
C ARG A 34 -76.93 -14.21 20.34
N LEU A 35 -76.86 -13.03 19.73
CA LEU A 35 -75.66 -12.60 18.97
C LEU A 35 -75.39 -11.12 19.21
N ALA A 36 -74.13 -10.81 19.56
CA ALA A 36 -73.62 -9.42 19.76
C ALA A 36 -72.88 -8.98 18.50
N PHE A 37 -73.11 -7.76 18.04
CA PHE A 37 -72.26 -7.08 17.03
C PHE A 37 -70.99 -6.62 17.75
N ARG A 38 -69.81 -6.93 17.22
CA ARG A 38 -68.52 -6.68 17.93
C ARG A 38 -67.55 -5.85 17.08
N SER A 39 -67.91 -5.46 15.85
CA SER A 39 -67.10 -4.54 15.01
C SER A 39 -67.85 -3.21 14.75
N GLY A 40 -68.84 -2.89 15.57
CA GLY A 40 -69.74 -1.73 15.37
C GLY A 40 -71.14 -1.99 15.90
N ALA A 41 -72.00 -0.98 15.86
CA ALA A 41 -73.43 -1.05 16.26
C ALA A 41 -74.29 -0.49 15.11
N LEU A 42 -75.53 -0.98 14.95
CA LEU A 42 -76.51 -0.37 14.03
C LEU A 42 -76.92 1.00 14.58
N ASP A 43 -77.15 1.97 13.70
CA ASP A 43 -78.02 3.13 13.97
C ASP A 43 -79.43 2.69 13.59
N LEU A 44 -80.27 2.38 14.57
CA LEU A 44 -81.61 1.76 14.33
C LEU A 44 -82.49 2.71 13.51
N ASP A 45 -82.33 4.03 13.65
CA ASP A 45 -83.08 5.05 12.87
C ASP A 45 -82.87 4.83 11.37
N SER A 46 -81.77 4.18 10.97
CA SER A 46 -81.45 3.88 9.54
C SER A 46 -82.14 2.59 9.08
N CYS A 47 -82.76 1.86 10.01
CA CYS A 47 -83.44 0.56 9.74
C CYS A 47 -84.86 0.84 9.21
N SER A 48 -85.37 -0.03 8.34
CA SER A 48 -86.80 -0.11 8.01
C SER A 48 -87.19 -1.54 7.64
N ARG A 49 -88.47 -1.85 7.80
CA ARG A 49 -89.07 -3.19 7.59
C ARG A 49 -90.00 -3.08 6.38
N ASP A 50 -89.75 -3.86 5.34
CA ASP A 50 -90.69 -4.12 4.20
C ASP A 50 -91.05 -5.61 4.24
N GLY A 51 -92.15 -5.95 4.93
CA GLY A 51 -92.64 -7.34 5.02
C GLY A 51 -91.70 -8.22 5.84
N ALA A 52 -91.07 -9.22 5.22
CA ALA A 52 -90.16 -10.16 5.92
C ALA A 52 -88.73 -9.57 5.99
N LEU A 53 -88.46 -8.45 5.32
CA LEU A 53 -87.08 -7.88 5.21
C LEU A 53 -86.94 -6.68 6.15
N LEU A 54 -85.96 -6.75 7.06
CA LEU A 54 -85.48 -5.61 7.90
C LEU A 54 -84.09 -5.20 7.39
N GLY A 55 -83.96 -4.02 6.80
CA GLY A 55 -82.67 -3.48 6.31
C GLY A 55 -82.25 -2.24 7.09
N CYS A 56 -80.95 -2.07 7.29
CA CYS A 56 -80.33 -0.89 7.97
C CYS A 56 -79.16 -0.39 7.12
N SER A 57 -79.06 0.93 6.91
CA SER A 57 -78.17 1.54 5.89
C SER A 57 -76.92 2.19 6.49
N LEU A 58 -76.81 2.37 7.82
CA LEU A 58 -75.54 2.84 8.44
C LEU A 58 -75.42 2.44 9.92
N THR A 59 -74.16 2.39 10.40
CA THR A 59 -73.74 2.03 11.78
C THR A 59 -73.92 3.25 12.70
N ALA A 60 -73.72 3.08 14.01
CA ALA A 60 -73.95 4.11 15.05
C ALA A 60 -72.78 5.11 15.09
N ASP A 61 -71.68 4.83 14.36
CA ASP A 61 -70.57 5.79 14.09
C ASP A 61 -70.85 6.56 12.80
N GLY A 62 -71.93 6.24 12.08
CA GLY A 62 -72.38 6.94 10.86
C GLY A 62 -71.74 6.40 9.59
N LEU A 63 -71.09 5.25 9.63
CA LEU A 63 -70.46 4.62 8.43
C LEU A 63 -71.52 3.85 7.62
N PRO A 64 -71.48 3.91 6.27
CA PRO A 64 -72.48 3.24 5.43
C PRO A 64 -72.37 1.71 5.53
N LEU A 65 -73.54 1.06 5.52
CA LEU A 65 -73.69 -0.37 5.86
C LEU A 65 -74.72 -1.00 4.94
N HIS A 66 -74.48 -2.21 4.45
CA HIS A 66 -75.53 -3.08 3.87
C HIS A 66 -75.86 -4.16 4.90
N PHE A 67 -76.80 -3.86 5.82
CA PHE A 67 -77.28 -4.81 6.84
C PHE A 67 -78.74 -5.18 6.54
N PHE A 68 -79.06 -6.48 6.51
CA PHE A 68 -80.46 -6.94 6.54
C PHE A 68 -80.61 -8.23 7.34
N ILE A 69 -81.80 -8.39 7.91
CA ILE A 69 -82.36 -9.69 8.39
C ILE A 69 -83.61 -9.95 7.56
N GLN A 70 -83.64 -11.07 6.83
CA GLN A 70 -84.84 -11.52 6.08
C GLN A 70 -85.36 -12.80 6.73
N THR A 71 -86.63 -12.81 7.12
CA THR A 71 -87.33 -13.96 7.69
C THR A 71 -87.85 -14.84 6.53
N VAL A 72 -87.70 -16.15 6.67
CA VAL A 72 -88.16 -17.17 5.69
C VAL A 72 -88.84 -18.28 6.47
N ARG A 73 -90.03 -18.71 6.03
CA ARG A 73 -90.80 -19.86 6.62
C ARG A 73 -90.74 -20.99 5.59
N PRO A 74 -89.67 -21.79 5.54
CA PRO A 74 -89.56 -22.88 4.56
C PRO A 74 -90.56 -24.04 4.77
N LYS A 75 -90.94 -24.32 6.02
CA LYS A 75 -91.97 -25.31 6.40
C LYS A 75 -92.74 -24.81 7.63
N ASP A 76 -93.85 -25.47 7.94
CA ASP A 76 -94.76 -25.15 9.07
C ASP A 76 -93.96 -25.16 10.37
N THR A 77 -92.91 -25.97 10.48
CA THR A 77 -92.20 -26.23 11.77
C THR A 77 -90.84 -25.53 11.84
N VAL A 78 -90.44 -24.83 10.78
CA VAL A 78 -89.09 -24.22 10.66
C VAL A 78 -89.21 -22.73 10.33
N MET A 79 -88.67 -21.86 11.19
CA MET A 79 -88.49 -20.41 10.91
C MET A 79 -87.00 -20.13 10.73
N CYS A 80 -86.58 -19.54 9.61
CA CYS A 80 -85.18 -19.14 9.35
C CYS A 80 -85.04 -17.62 9.24
N TYR A 81 -83.84 -17.12 9.53
CA TYR A 81 -83.41 -15.70 9.57
C TYR A 81 -82.11 -15.58 8.77
N ARG A 82 -82.18 -14.96 7.60
CA ARG A 82 -81.00 -14.61 6.76
C ARG A 82 -80.43 -13.29 7.26
N VAL A 83 -79.15 -13.27 7.64
CA VAL A 83 -78.45 -12.09 8.22
C VAL A 83 -77.24 -11.76 7.34
N ARG A 84 -77.20 -10.55 6.80
CA ARG A 84 -76.02 -9.97 6.10
C ARG A 84 -75.57 -8.73 6.86
N TRP A 85 -74.27 -8.64 7.14
CA TRP A 85 -73.55 -7.40 7.56
C TRP A 85 -72.37 -7.22 6.60
N GLU A 86 -72.52 -6.30 5.63
CA GLU A 86 -71.53 -6.03 4.56
C GLU A 86 -71.12 -4.57 4.66
N GLU A 87 -69.85 -4.34 4.98
CA GLU A 87 -69.24 -3.01 5.16
C GLU A 87 -68.99 -2.39 3.78
N ALA A 88 -68.88 -1.06 3.75
CA ALA A 88 -68.83 -0.22 2.52
C ALA A 88 -67.55 -0.45 1.71
N ALA A 89 -66.44 -0.89 2.32
CA ALA A 89 -65.09 -0.75 1.72
C ALA A 89 -64.07 -1.64 2.44
N PRO A 90 -62.82 -1.79 1.91
CA PRO A 90 -61.76 -2.51 2.63
C PRO A 90 -61.36 -1.78 3.92
N GLY A 91 -60.57 -2.45 4.77
CA GLY A 91 -60.05 -1.92 6.04
C GLY A 91 -60.80 -2.46 7.25
N ARG A 92 -62.08 -2.83 7.09
CA ARG A 92 -63.06 -3.01 8.21
C ARG A 92 -63.48 -4.49 8.31
N ALA A 93 -62.75 -5.29 9.08
CA ALA A 93 -63.10 -6.68 9.46
C ALA A 93 -64.47 -6.68 10.19
N VAL A 94 -65.37 -7.60 9.82
CA VAL A 94 -66.70 -7.76 10.48
C VAL A 94 -66.60 -8.90 11.51
N GLU A 95 -66.98 -8.66 12.75
CA GLU A 95 -67.05 -9.70 13.80
C GLU A 95 -68.42 -9.67 14.49
N HIS A 96 -69.10 -10.82 14.53
CA HIS A 96 -70.26 -11.09 15.42
C HIS A 96 -69.87 -12.20 16.39
N ALA A 97 -70.19 -12.01 17.68
CA ALA A 97 -70.01 -12.99 18.76
C ALA A 97 -71.34 -13.72 19.00
N MET A 98 -71.39 -15.01 18.68
CA MET A 98 -72.57 -15.89 18.90
C MET A 98 -72.44 -16.52 20.27
N PHE A 99 -73.34 -16.19 21.19
CA PHE A 99 -73.39 -16.74 22.57
C PHE A 99 -74.00 -18.16 22.50
N LEU A 100 -73.36 -19.12 23.16
CA LEU A 100 -73.84 -20.51 23.27
C LEU A 100 -74.95 -20.59 24.33
N GLY A 101 -74.89 -19.71 25.34
CA GLY A 101 -75.98 -19.48 26.32
C GLY A 101 -75.78 -20.25 27.61
N ASP A 102 -76.87 -20.55 28.31
CA ASP A 102 -76.87 -21.17 29.66
C ASP A 102 -76.44 -22.63 29.55
N ALA A 103 -76.26 -23.29 30.69
CA ALA A 103 -75.66 -24.64 30.86
C ALA A 103 -76.56 -25.75 30.29
N ALA A 104 -77.83 -25.45 30.00
CA ALA A 104 -78.82 -26.39 29.40
C ALA A 104 -78.73 -26.36 27.87
N ALA A 105 -78.04 -25.38 27.29
CA ALA A 105 -77.84 -25.24 25.84
C ALA A 105 -76.52 -25.93 25.46
N HIS A 106 -76.58 -26.94 24.60
CA HIS A 106 -75.39 -27.73 24.16
C HIS A 106 -75.27 -27.57 22.65
N TRP A 107 -74.05 -27.51 22.11
CA TRP A 107 -73.79 -27.27 20.67
C TRP A 107 -72.88 -28.34 20.07
N TYR A 108 -73.05 -28.56 18.77
CA TYR A 108 -72.44 -29.65 17.98
C TYR A 108 -72.07 -29.11 16.59
N GLY A 109 -71.05 -29.71 15.96
CA GLY A 109 -70.63 -29.40 14.58
C GLY A 109 -69.28 -28.69 14.54
N GLY A 110 -69.14 -27.76 13.61
CA GLY A 110 -67.90 -27.00 13.38
C GLY A 110 -66.84 -27.88 12.76
N ALA A 111 -65.74 -28.09 13.48
CA ALA A 111 -64.56 -28.80 12.95
C ALA A 111 -64.16 -29.98 13.83
N GLU A 112 -63.68 -31.07 13.22
CA GLU A 112 -62.71 -31.98 13.87
C GLU A 112 -61.60 -31.12 14.50
N MET A 113 -61.30 -31.35 15.79
CA MET A 113 -60.25 -30.64 16.57
C MET A 113 -59.35 -31.69 17.21
N ARG A 114 -58.18 -31.28 17.68
CA ARG A 114 -57.18 -32.13 18.37
C ARG A 114 -57.80 -32.68 19.66
N THR A 115 -58.30 -31.79 20.51
CA THR A 115 -59.04 -32.13 21.76
C THR A 115 -60.53 -32.01 21.48
N GLN A 116 -61.21 -33.13 21.21
CA GLN A 116 -62.61 -33.14 20.70
C GLN A 116 -63.57 -33.50 21.83
N HIS A 117 -64.42 -32.56 22.21
CA HIS A 117 -65.45 -32.69 23.26
C HIS A 117 -66.80 -32.77 22.56
N TRP A 118 -67.77 -33.42 23.22
CA TRP A 118 -69.17 -33.51 22.78
C TRP A 118 -70.06 -33.41 24.01
N PRO A 119 -70.88 -32.34 24.18
CA PRO A 119 -70.97 -31.24 23.23
C PRO A 119 -69.70 -30.37 23.16
N ILE A 120 -69.68 -29.42 22.23
CA ILE A 120 -68.51 -28.53 21.94
C ILE A 120 -68.14 -27.81 23.25
N ARG A 121 -66.90 -27.91 23.68
CA ARG A 121 -66.33 -27.07 24.76
C ARG A 121 -65.01 -26.49 24.27
N LEU A 122 -64.90 -25.18 24.19
CA LEU A 122 -63.63 -24.51 23.76
C LEU A 122 -63.10 -23.70 24.94
N ASP A 123 -61.86 -24.00 25.33
CA ASP A 123 -61.19 -23.53 26.57
C ASP A 123 -60.38 -22.27 26.23
N GLY A 124 -60.23 -21.37 27.19
CA GLY A 124 -59.41 -20.16 27.06
C GLY A 124 -59.94 -19.20 26.02
N GLN A 125 -59.04 -18.53 25.31
CA GLN A 125 -59.32 -17.38 24.42
C GLN A 125 -58.62 -17.64 23.08
N GLN A 126 -59.29 -17.38 21.96
CA GLN A 126 -58.68 -17.54 20.62
C GLN A 126 -59.18 -16.40 19.71
N GLU A 127 -58.25 -15.55 19.25
CA GLU A 127 -58.53 -14.52 18.21
C GLU A 127 -58.98 -15.27 16.97
N PRO A 128 -59.97 -14.74 16.19
CA PRO A 128 -60.46 -15.45 15.02
C PRO A 128 -59.30 -15.77 14.06
N GLN A 129 -59.13 -17.03 13.71
CA GLN A 129 -58.11 -17.48 12.74
C GLN A 129 -58.84 -18.12 11.57
N PRO A 130 -58.19 -18.24 10.39
CA PRO A 130 -58.86 -18.78 9.21
C PRO A 130 -59.52 -20.16 9.44
N PHE A 131 -60.81 -20.27 9.10
CA PHE A 131 -61.57 -21.56 9.13
C PHE A 131 -61.17 -22.32 7.87
N VAL A 132 -59.99 -22.95 7.92
CA VAL A 132 -59.39 -23.69 6.77
C VAL A 132 -58.93 -25.05 7.25
N THR A 133 -58.90 -26.01 6.33
CA THR A 133 -58.44 -27.41 6.59
C THR A 133 -56.99 -27.36 7.08
N SER A 134 -56.76 -27.72 8.35
CA SER A 134 -55.40 -27.81 8.95
C SER A 134 -55.16 -29.21 9.54
N ASP A 135 -53.87 -29.54 9.71
CA ASP A 135 -53.35 -30.71 10.45
C ASP A 135 -53.27 -30.33 11.93
N VAL A 136 -54.20 -30.83 12.73
CA VAL A 136 -54.36 -30.44 14.16
C VAL A 136 -53.65 -31.44 15.06
N TYR A 137 -52.83 -32.33 14.52
CA TYR A 137 -52.11 -33.34 15.34
C TYR A 137 -51.31 -32.66 16.45
N SER A 138 -50.72 -31.50 16.20
CA SER A 138 -49.80 -30.80 17.13
C SER A 138 -50.42 -29.50 17.67
N SER A 139 -51.65 -29.15 17.29
CA SER A 139 -52.23 -27.83 17.63
C SER A 139 -53.69 -27.96 18.09
N ASP A 140 -54.00 -27.42 19.28
CA ASP A 140 -55.35 -27.29 19.88
C ASP A 140 -55.98 -25.95 19.48
N ALA A 141 -55.30 -25.16 18.64
CA ALA A 141 -55.83 -23.87 18.12
C ALA A 141 -56.51 -24.14 16.78
N ALA A 142 -55.86 -24.90 15.90
CA ALA A 142 -56.24 -24.99 14.48
C ALA A 142 -57.51 -25.82 14.35
N PHE A 143 -58.12 -25.73 13.16
CA PHE A 143 -59.31 -26.47 12.74
C PHE A 143 -58.87 -27.66 11.88
N GLY A 144 -59.41 -28.86 12.17
CA GLY A 144 -58.97 -30.13 11.56
C GLY A 144 -59.34 -30.24 10.10
N GLY A 145 -59.03 -31.39 9.50
CA GLY A 145 -59.12 -31.65 8.06
C GLY A 145 -60.55 -31.71 7.56
N ILE A 146 -61.48 -31.98 8.47
CA ILE A 146 -62.94 -32.09 8.14
C ILE A 146 -63.67 -31.02 8.96
N LEU A 147 -64.33 -30.09 8.28
CA LEU A 147 -65.09 -29.01 8.95
C LEU A 147 -66.16 -28.45 8.00
N GLU A 148 -67.21 -27.90 8.60
CA GLU A 148 -68.27 -27.16 7.89
C GLU A 148 -68.59 -25.96 8.77
N ARG A 149 -68.97 -24.84 8.15
CA ARG A 149 -69.35 -23.61 8.89
C ARG A 149 -70.78 -23.84 9.41
N TYR A 150 -70.96 -24.81 10.29
CA TYR A 150 -72.31 -25.29 10.73
C TYR A 150 -72.27 -25.63 12.21
N TRP A 151 -73.14 -24.98 12.99
CA TRP A 151 -73.29 -25.24 14.44
C TRP A 151 -74.76 -25.49 14.76
N LEU A 152 -75.01 -26.51 15.60
CA LEU A 152 -76.35 -27.03 15.96
C LEU A 152 -76.51 -26.91 17.47
N SER A 153 -77.67 -26.43 17.94
CA SER A 153 -78.02 -26.30 19.38
C SER A 153 -79.04 -27.38 19.81
N SER A 154 -78.87 -27.92 21.02
CA SER A 154 -79.81 -28.82 21.73
C SER A 154 -81.18 -28.16 21.91
N ARG A 155 -81.25 -26.83 21.84
CA ARG A 155 -82.51 -26.03 21.92
C ARG A 155 -83.17 -25.92 20.54
N ALA A 156 -82.71 -26.67 19.52
CA ALA A 156 -83.31 -26.74 18.17
C ALA A 156 -83.13 -25.41 17.40
N ALA A 157 -81.99 -24.75 17.57
CA ALA A 157 -81.49 -23.71 16.64
C ALA A 157 -80.23 -24.20 15.94
N ALA A 158 -80.00 -23.74 14.72
CA ALA A 158 -78.82 -24.10 13.91
C ALA A 158 -78.41 -22.89 13.04
N ILE A 159 -77.10 -22.72 12.85
CA ILE A 159 -76.52 -21.60 12.04
C ILE A 159 -75.63 -22.19 10.96
N LYS A 160 -75.86 -21.78 9.70
CA LYS A 160 -74.97 -22.05 8.55
C LYS A 160 -74.37 -20.71 8.11
N VAL A 161 -73.08 -20.50 8.35
CA VAL A 161 -72.34 -19.31 7.84
C VAL A 161 -72.21 -19.43 6.31
N ASN A 162 -72.53 -18.37 5.57
CA ASN A 162 -72.61 -18.35 4.08
C ASN A 162 -71.25 -18.75 3.49
N ASP A 163 -71.25 -19.44 2.36
CA ASP A 163 -70.04 -19.93 1.66
C ASP A 163 -69.19 -18.77 1.14
N SER A 164 -69.80 -17.61 0.87
CA SER A 164 -69.15 -16.39 0.32
C SER A 164 -68.11 -15.83 1.30
N VAL A 165 -68.29 -16.05 2.60
CA VAL A 165 -67.61 -15.26 3.68
C VAL A 165 -66.12 -15.63 3.72
N PRO A 166 -65.21 -14.63 3.77
CA PRO A 166 -63.82 -14.88 4.14
C PRO A 166 -63.82 -15.22 5.64
N PHE A 167 -64.24 -16.46 5.97
CA PHE A 167 -64.70 -16.82 7.33
C PHE A 167 -63.52 -17.13 8.24
N HIS A 168 -63.51 -16.49 9.40
CA HIS A 168 -62.52 -16.67 10.49
C HIS A 168 -63.30 -16.96 11.77
N LEU A 169 -62.87 -17.99 12.51
CA LEU A 169 -63.54 -18.45 13.76
C LEU A 169 -62.56 -18.29 14.93
N GLY A 170 -63.01 -17.59 15.98
CA GLY A 170 -62.37 -17.60 17.30
C GLY A 170 -63.37 -18.03 18.36
N TRP A 171 -63.01 -17.88 19.62
CA TRP A 171 -63.92 -18.20 20.74
C TRP A 171 -63.45 -17.48 22.00
N ASN A 172 -64.36 -17.29 22.94
CA ASN A 172 -64.14 -16.55 24.21
C ASN A 172 -64.86 -17.34 25.31
N SER A 173 -64.11 -18.11 26.09
CA SER A 173 -64.69 -19.07 27.06
C SER A 173 -65.35 -18.31 28.21
N THR A 174 -64.94 -17.07 28.48
CA THR A 174 -65.50 -16.24 29.59
C THR A 174 -66.99 -15.96 29.35
N GLU A 175 -67.39 -15.67 28.12
CA GLU A 175 -68.80 -15.36 27.75
C GLU A 175 -69.39 -16.55 26.95
N ARG A 176 -68.62 -17.63 26.81
CA ARG A 176 -69.02 -18.87 26.10
C ARG A 176 -69.54 -18.49 24.70
N SER A 177 -68.69 -17.87 23.88
CA SER A 177 -69.07 -17.36 22.54
C SER A 177 -68.14 -17.95 21.47
N LEU A 178 -68.65 -18.06 20.26
CA LEU A 178 -67.84 -18.21 19.03
C LEU A 178 -67.68 -16.80 18.42
N ARG A 179 -66.48 -16.50 17.97
CA ARG A 179 -66.16 -15.23 17.29
C ARG A 179 -66.19 -15.49 15.78
N LEU A 180 -67.28 -15.06 15.13
CA LEU A 180 -67.49 -15.18 13.66
C LEU A 180 -66.95 -13.91 13.01
N GLN A 181 -65.97 -14.04 12.11
CA GLN A 181 -65.27 -12.87 11.54
C GLN A 181 -65.10 -13.02 10.03
N ALA A 182 -65.40 -11.94 9.30
CA ALA A 182 -65.05 -11.72 7.89
C ALA A 182 -63.88 -10.73 7.88
N ARG A 183 -62.81 -11.06 7.14
CA ARG A 183 -61.63 -10.19 6.98
C ARG A 183 -60.81 -10.64 5.77
N TYR A 184 -60.06 -9.70 5.19
CA TYR A 184 -59.24 -9.89 3.97
C TYR A 184 -57.76 -9.57 4.22
N HIS A 185 -57.39 -9.11 5.43
CA HIS A 185 -55.98 -8.88 5.86
C HIS A 185 -55.50 -10.08 6.70
N ASP A 186 -54.23 -10.47 6.54
CA ASP A 186 -53.58 -11.60 7.25
C ASP A 186 -54.47 -12.84 7.12
N THR A 187 -54.60 -13.37 5.91
CA THR A 187 -55.54 -14.48 5.61
C THR A 187 -55.21 -15.10 4.26
N PRO A 188 -55.40 -16.41 4.09
CA PRO A 188 -55.28 -17.04 2.77
C PRO A 188 -56.49 -16.82 1.85
N TYR A 189 -57.55 -16.15 2.34
CA TYR A 189 -58.75 -15.80 1.53
C TYR A 189 -58.42 -14.63 0.61
N LYS A 190 -58.69 -14.78 -0.69
CA LYS A 190 -58.61 -13.68 -1.70
C LYS A 190 -60.04 -13.33 -2.09
N PRO A 191 -60.39 -12.06 -2.35
CA PRO A 191 -61.69 -11.71 -2.88
C PRO A 191 -61.87 -12.30 -4.27
N PRO A 192 -63.09 -12.70 -4.68
CA PRO A 192 -63.31 -13.19 -6.05
C PRO A 192 -62.97 -12.10 -7.08
N ALA A 193 -62.23 -12.48 -8.12
CA ALA A 193 -61.66 -11.61 -9.18
C ALA A 193 -62.74 -11.31 -10.22
N ALA A 198 -63.87 -6.12 0.10
CA ALA A 198 -64.89 -5.55 1.01
C ALA A 198 -65.50 -6.65 1.87
N PRO A 199 -65.19 -6.74 3.18
CA PRO A 199 -65.60 -7.87 4.00
C PRO A 199 -67.10 -7.89 4.29
N GLU A 200 -67.64 -9.11 4.38
CA GLU A 200 -69.08 -9.41 4.48
C GLU A 200 -69.20 -10.66 5.38
N LEU A 201 -69.90 -10.53 6.51
CA LEU A 201 -70.31 -11.67 7.37
C LEU A 201 -71.80 -11.91 7.10
N SER A 202 -72.15 -13.08 6.59
CA SER A 202 -73.55 -13.45 6.26
C SER A 202 -73.80 -14.91 6.64
N TYR A 203 -74.99 -15.20 7.13
CA TYR A 203 -75.35 -16.52 7.71
C TYR A 203 -76.87 -16.68 7.71
N ARG A 204 -77.32 -17.91 7.90
CA ARG A 204 -78.75 -18.25 8.09
C ARG A 204 -78.85 -18.93 9.47
N VAL A 205 -79.78 -18.46 10.30
CA VAL A 205 -80.16 -19.12 11.57
C VAL A 205 -81.55 -19.72 11.35
N CYS A 206 -81.70 -21.03 11.57
CA CYS A 206 -83.01 -21.73 11.48
C CYS A 206 -83.39 -22.29 12.85
N VAL A 207 -84.68 -22.23 13.18
CA VAL A 207 -85.28 -22.68 14.47
C VAL A 207 -86.35 -23.73 14.13
N GLY A 208 -86.36 -24.82 14.88
CA GLY A 208 -87.31 -25.95 14.68
C GLY A 208 -87.92 -26.39 15.99
N SER A 209 -88.69 -27.48 15.95
CA SER A 209 -89.44 -28.03 17.11
C SER A 209 -88.51 -28.82 18.03
N ASP A 210 -87.50 -29.47 17.47
CA ASP A 210 -86.52 -30.29 18.24
C ASP A 210 -85.19 -30.36 17.47
N VAL A 211 -84.10 -30.72 18.16
CA VAL A 211 -82.71 -30.66 17.64
C VAL A 211 -82.56 -31.58 16.41
N THR A 212 -83.23 -32.74 16.39
CA THR A 212 -83.11 -33.71 15.27
C THR A 212 -83.78 -33.15 14.02
N SER A 213 -84.99 -32.61 14.15
CA SER A 213 -85.78 -32.04 13.03
C SER A 213 -85.00 -30.92 12.36
N ILE A 214 -84.48 -29.96 13.12
CA ILE A 214 -83.81 -28.77 12.56
C ILE A 214 -82.48 -29.21 11.93
N HIS A 215 -81.75 -30.12 12.55
CA HIS A 215 -80.51 -30.71 11.96
C HIS A 215 -80.82 -31.33 10.59
N LYS A 216 -81.87 -32.13 10.49
CA LYS A 216 -82.26 -32.81 9.22
C LYS A 216 -82.66 -31.77 8.17
N TYR A 217 -83.40 -30.72 8.54
CA TYR A 217 -83.65 -29.54 7.65
C TYR A 217 -82.30 -28.98 7.14
N MET A 218 -81.34 -28.72 8.02
CA MET A 218 -80.07 -28.05 7.66
C MET A 218 -79.24 -28.97 6.78
N VAL A 219 -79.14 -30.26 7.14
CA VAL A 219 -78.39 -31.31 6.37
C VAL A 219 -78.97 -31.39 4.95
N ARG A 220 -80.29 -31.44 4.82
CA ARG A 220 -80.99 -31.58 3.52
C ARG A 220 -80.73 -30.34 2.67
N ARG A 221 -80.63 -29.17 3.29
CA ARG A 221 -80.46 -27.89 2.57
C ARG A 221 -79.02 -27.72 2.09
N TYR A 222 -78.02 -28.02 2.92
CA TYR A 222 -76.61 -27.57 2.74
C TYR A 222 -75.67 -28.70 2.33
N PHE A 223 -75.84 -29.93 2.83
CA PHE A 223 -74.85 -31.02 2.62
C PHE A 223 -75.32 -31.97 1.52
N ASN A 224 -74.47 -32.17 0.52
CA ASN A 224 -74.67 -33.22 -0.51
C ASN A 224 -74.51 -34.57 0.19
N LYS A 225 -75.08 -35.62 -0.40
CA LYS A 225 -74.97 -36.99 0.14
C LYS A 225 -74.06 -37.80 -0.77
N PRO A 226 -73.32 -38.79 -0.23
CA PRO A 226 -72.67 -39.79 -1.07
C PRO A 226 -73.78 -40.49 -1.87
N SER A 227 -73.55 -40.67 -3.16
CA SER A 227 -74.47 -41.38 -4.08
C SER A 227 -74.13 -42.87 -4.12
N ARG A 228 -72.99 -43.28 -3.56
CA ARG A 228 -72.54 -44.70 -3.61
C ARG A 228 -72.07 -45.15 -2.23
N VAL A 229 -72.04 -46.46 -2.03
CA VAL A 229 -71.52 -47.12 -0.80
C VAL A 229 -70.19 -47.78 -1.12
N PRO A 230 -69.16 -47.58 -0.27
CA PRO A 230 -67.92 -48.33 -0.38
C PRO A 230 -68.12 -49.85 -0.32
N ALA A 231 -67.05 -50.61 -0.57
CA ALA A 231 -67.06 -52.09 -0.59
C ALA A 231 -67.70 -52.63 0.68
N PRO A 232 -68.62 -53.61 0.58
CA PRO A 232 -69.31 -54.17 1.75
C PRO A 232 -68.34 -54.65 2.85
N GLU A 233 -67.20 -55.19 2.46
CA GLU A 233 -66.24 -55.84 3.38
C GLU A 233 -65.58 -54.79 4.27
N ALA A 234 -65.49 -53.54 3.80
CA ALA A 234 -64.93 -52.40 4.58
C ALA A 234 -65.82 -52.11 5.78
N PHE A 235 -67.09 -52.57 5.77
CA PHE A 235 -68.05 -52.38 6.89
C PHE A 235 -68.06 -53.61 7.80
N ARG A 236 -67.23 -54.62 7.51
CA ARG A 236 -67.26 -55.91 8.23
C ARG A 236 -65.86 -56.30 8.69
N ASP A 237 -64.94 -56.53 7.75
CA ASP A 237 -63.63 -57.12 8.07
C ASP A 237 -62.69 -56.01 8.52
N PRO A 238 -61.73 -56.34 9.41
CA PRO A 238 -60.73 -55.36 9.83
C PRO A 238 -59.86 -54.97 8.64
N ILE A 239 -59.53 -53.69 8.56
CA ILE A 239 -58.46 -53.15 7.67
C ILE A 239 -57.14 -53.33 8.42
N TRP A 240 -56.06 -53.68 7.72
CA TRP A 240 -54.72 -53.88 8.33
C TRP A 240 -53.75 -52.87 7.73
N SER A 241 -53.14 -52.01 8.55
CA SER A 241 -52.20 -50.95 8.12
C SER A 241 -50.80 -51.24 8.64
N THR A 242 -49.79 -51.02 7.80
CA THR A 242 -48.36 -51.19 8.14
C THR A 242 -47.87 -50.05 9.04
N TRP A 243 -48.57 -48.92 9.13
CA TRP A 243 -48.01 -47.62 9.59
C TRP A 243 -47.56 -47.66 11.06
N ALA A 244 -48.47 -47.85 12.01
CA ALA A 244 -48.17 -47.81 13.46
C ALA A 244 -47.26 -48.98 13.82
N LEU A 245 -47.40 -50.12 13.13
CA LEU A 245 -46.66 -51.38 13.41
C LEU A 245 -45.18 -51.24 13.00
N TYR A 246 -44.91 -50.79 11.76
CA TYR A 246 -43.57 -50.81 11.14
C TYR A 246 -42.98 -49.40 10.96
N GLY A 247 -43.83 -48.37 10.82
CA GLY A 247 -43.38 -47.01 10.50
C GLY A 247 -42.79 -46.95 9.10
N ARG A 248 -41.94 -45.94 8.84
CA ARG A 248 -41.35 -45.67 7.51
C ARG A 248 -40.57 -46.91 7.02
N ALA A 249 -39.94 -47.65 7.93
CA ALA A 249 -39.05 -48.80 7.66
C ALA A 249 -39.81 -50.04 7.16
N VAL A 250 -41.09 -49.93 6.78
CA VAL A 250 -41.87 -51.00 6.10
C VAL A 250 -41.03 -51.57 4.95
N ASP A 251 -41.18 -52.85 4.63
CA ASP A 251 -40.45 -53.51 3.50
C ASP A 251 -41.21 -54.77 3.05
N GLN A 252 -40.70 -55.41 2.01
CA GLN A 252 -41.33 -56.59 1.35
C GLN A 252 -41.46 -57.72 2.35
N ASP A 253 -40.39 -58.01 3.09
CA ASP A 253 -40.39 -59.11 4.09
C ASP A 253 -41.48 -58.85 5.12
N LYS A 254 -41.54 -57.63 5.66
CA LYS A 254 -42.44 -57.21 6.77
C LYS A 254 -43.91 -57.25 6.35
N VAL A 255 -44.23 -56.83 5.13
CA VAL A 255 -45.63 -56.85 4.58
C VAL A 255 -46.10 -58.31 4.55
N LEU A 256 -45.30 -59.21 4.00
CA LEU A 256 -45.66 -60.65 3.83
C LEU A 256 -45.76 -61.34 5.19
N ARG A 257 -44.85 -61.05 6.11
CA ARG A 257 -44.85 -61.58 7.51
C ARG A 257 -46.13 -61.11 8.24
N PHE A 258 -46.50 -59.83 8.08
CA PHE A 258 -47.74 -59.21 8.61
C PHE A 258 -48.95 -60.00 8.12
N ALA A 259 -49.06 -60.18 6.81
CA ALA A 259 -50.16 -60.88 6.11
C ALA A 259 -50.24 -62.33 6.58
N GLN A 260 -49.10 -63.01 6.72
CA GLN A 260 -49.07 -64.42 7.18
C GLN A 260 -49.66 -64.48 8.60
N GLN A 261 -49.25 -63.55 9.48
CA GLN A 261 -49.69 -63.51 10.90
C GLN A 261 -51.19 -63.21 10.97
N ILE A 262 -51.69 -62.32 10.10
CA ILE A 262 -53.15 -62.03 9.98
C ILE A 262 -53.89 -63.34 9.68
N ARG A 263 -53.36 -64.19 8.78
CA ARG A 263 -54.01 -65.47 8.38
C ARG A 263 -53.88 -66.50 9.52
N LEU A 264 -52.70 -66.63 10.13
CA LEU A 264 -52.43 -67.63 11.20
C LEU A 264 -53.30 -67.37 12.43
N HIS A 265 -53.60 -66.12 12.76
CA HIS A 265 -54.47 -65.74 13.92
C HIS A 265 -55.94 -65.63 13.45
N HIS A 266 -56.25 -66.09 12.24
CA HIS A 266 -57.64 -66.38 11.76
C HIS A 266 -58.47 -65.10 11.70
N PHE A 267 -57.92 -64.01 11.13
CA PHE A 267 -58.67 -62.76 10.89
C PHE A 267 -58.92 -62.60 9.40
N ASN A 268 -60.14 -62.21 9.05
CA ASN A 268 -60.49 -61.65 7.73
C ASN A 268 -59.75 -60.33 7.54
N SER A 269 -59.76 -59.82 6.32
CA SER A 269 -59.10 -58.54 5.94
C SER A 269 -59.96 -57.86 4.87
N SER A 270 -60.44 -56.65 5.11
CA SER A 270 -61.08 -55.85 4.05
C SER A 270 -60.02 -55.64 2.96
N HIS A 271 -58.83 -55.26 3.37
CA HIS A 271 -57.65 -55.01 2.52
C HIS A 271 -56.45 -54.76 3.44
N LEU A 272 -55.24 -54.86 2.88
CA LEU A 272 -53.97 -54.52 3.55
C LEU A 272 -53.49 -53.19 2.97
N GLU A 273 -53.16 -52.24 3.84
CA GLU A 273 -52.78 -50.86 3.45
C GLU A 273 -51.26 -50.70 3.68
N ILE A 274 -50.47 -50.67 2.60
CA ILE A 274 -49.02 -50.41 2.68
C ILE A 274 -48.81 -48.89 2.75
N ASP A 275 -48.30 -48.42 3.89
CA ASP A 275 -48.13 -46.98 4.19
C ASP A 275 -46.71 -46.51 3.84
N ASP A 276 -46.45 -45.22 4.09
CA ASP A 276 -45.12 -44.57 4.15
C ASP A 276 -44.12 -45.55 4.74
N MET A 277 -42.94 -45.79 4.13
CA MET A 277 -42.48 -45.32 2.82
C MET A 277 -42.14 -46.55 1.98
N TYR A 278 -42.66 -46.67 0.77
CA TYR A 278 -42.39 -47.83 -0.13
C TYR A 278 -41.78 -47.34 -1.46
N THR A 279 -41.39 -46.07 -1.55
CA THR A 279 -40.80 -45.43 -2.76
C THR A 279 -39.41 -44.92 -2.43
N PRO A 280 -38.50 -44.77 -3.41
CA PRO A 280 -37.16 -44.26 -3.16
C PRO A 280 -37.15 -42.80 -2.69
N ALA A 281 -38.08 -41.99 -3.17
CA ALA A 281 -38.32 -40.58 -2.77
C ALA A 281 -39.83 -40.25 -2.81
N TYR A 282 -40.23 -39.27 -2.01
CA TYR A 282 -41.61 -38.73 -1.94
C TYR A 282 -41.87 -37.94 -3.24
N GLY A 283 -42.78 -38.47 -4.07
CA GLY A 283 -43.11 -37.94 -5.41
C GLY A 283 -42.94 -39.00 -6.48
N ASP A 284 -42.07 -39.99 -6.25
CA ASP A 284 -41.94 -41.20 -7.12
C ASP A 284 -43.11 -42.13 -6.81
N PHE A 285 -43.71 -42.72 -7.85
CA PHE A 285 -44.85 -43.66 -7.71
C PHE A 285 -44.32 -45.11 -7.78
N ASP A 286 -43.14 -45.34 -8.37
CA ASP A 286 -42.50 -46.68 -8.48
C ASP A 286 -42.02 -47.15 -7.11
N PHE A 287 -42.13 -48.45 -6.82
CA PHE A 287 -41.63 -49.07 -5.56
C PHE A 287 -40.10 -49.01 -5.51
N ASP A 288 -39.55 -48.80 -4.31
CA ASP A 288 -38.09 -48.85 -4.02
C ASP A 288 -37.64 -50.32 -4.05
N GLU A 289 -36.75 -50.69 -4.98
CA GLU A 289 -36.29 -52.08 -5.25
C GLU A 289 -35.41 -52.60 -4.10
N VAL A 290 -34.78 -51.72 -3.31
CA VAL A 290 -33.97 -52.13 -2.13
C VAL A 290 -34.92 -52.73 -1.07
N LYS A 291 -35.97 -52.00 -0.69
CA LYS A 291 -36.93 -52.47 0.34
C LYS A 291 -37.92 -53.48 -0.26
N PHE A 292 -38.18 -53.45 -1.59
CA PHE A 292 -39.17 -54.32 -2.27
C PHE A 292 -38.55 -54.95 -3.53
N PRO A 293 -37.62 -55.92 -3.39
CA PRO A 293 -36.90 -56.47 -4.53
C PRO A 293 -37.76 -57.17 -5.60
N ASN A 294 -38.93 -57.71 -5.25
CA ASN A 294 -39.88 -58.26 -6.25
C ASN A 294 -41.31 -57.88 -5.83
N ALA A 295 -41.71 -56.63 -6.07
CA ALA A 295 -43.05 -56.09 -5.79
C ALA A 295 -44.12 -57.01 -6.40
N SER A 296 -43.97 -57.35 -7.68
CA SER A 296 -44.88 -58.24 -8.45
C SER A 296 -45.17 -59.54 -7.68
N ASP A 297 -44.11 -60.19 -7.18
CA ASP A 297 -44.20 -61.50 -6.48
C ASP A 297 -44.91 -61.30 -5.13
N MET A 298 -44.59 -60.20 -4.43
CA MET A 298 -45.29 -59.80 -3.17
C MET A 298 -46.80 -59.68 -3.42
N PHE A 299 -47.19 -58.94 -4.45
CA PHE A 299 -48.60 -58.68 -4.82
C PHE A 299 -49.27 -59.99 -5.26
N ARG A 300 -48.53 -60.88 -5.92
CA ARG A 300 -49.02 -62.23 -6.35
C ARG A 300 -49.27 -63.08 -5.10
N ARG A 301 -48.34 -63.08 -4.15
CA ARG A 301 -48.43 -63.87 -2.88
C ARG A 301 -49.58 -63.32 -2.02
N LEU A 302 -49.76 -61.99 -2.00
CA LEU A 302 -50.84 -61.32 -1.26
C LEU A 302 -52.19 -61.66 -1.90
N ARG A 303 -52.29 -61.57 -3.22
CA ARG A 303 -53.53 -61.93 -4.00
C ARG A 303 -53.91 -63.40 -3.73
N ASP A 304 -52.95 -64.32 -3.83
CA ASP A 304 -53.14 -65.79 -3.61
C ASP A 304 -53.60 -66.09 -2.18
N ALA A 305 -53.18 -65.28 -1.19
CA ALA A 305 -53.56 -65.42 0.23
C ALA A 305 -54.85 -64.64 0.51
N GLY A 306 -55.53 -64.14 -0.53
CA GLY A 306 -56.87 -63.50 -0.45
C GLY A 306 -56.82 -62.07 0.07
N PHE A 307 -55.73 -61.34 -0.16
CA PHE A 307 -55.53 -59.94 0.33
C PHE A 307 -55.72 -58.94 -0.81
N ARG A 308 -56.73 -58.09 -0.68
CA ARG A 308 -56.85 -56.81 -1.42
C ARG A 308 -55.80 -55.86 -0.82
N VAL A 309 -55.20 -54.99 -1.63
CA VAL A 309 -54.11 -54.06 -1.20
C VAL A 309 -54.43 -52.63 -1.64
N THR A 310 -54.28 -51.69 -0.70
CA THR A 310 -54.28 -50.23 -0.97
C THR A 310 -52.89 -49.66 -0.68
N LEU A 311 -52.54 -48.58 -1.37
CA LEU A 311 -51.23 -47.90 -1.25
C LEU A 311 -51.43 -46.47 -0.74
N TRP A 312 -50.59 -46.09 0.22
CA TRP A 312 -50.42 -44.70 0.72
C TRP A 312 -49.90 -43.79 -0.41
N VAL A 313 -50.60 -42.68 -0.65
CA VAL A 313 -50.16 -41.59 -1.57
C VAL A 313 -50.43 -40.24 -0.89
N HIS A 314 -49.99 -39.16 -1.52
CA HIS A 314 -50.00 -37.78 -0.96
C HIS A 314 -49.88 -36.79 -2.09
N PRO A 315 -50.11 -35.49 -1.84
CA PRO A 315 -50.03 -34.47 -2.89
C PRO A 315 -48.65 -33.81 -3.15
N PHE A 316 -47.59 -34.27 -2.50
CA PHE A 316 -46.26 -33.60 -2.51
C PHE A 316 -45.29 -34.28 -3.49
N VAL A 317 -44.42 -33.48 -4.11
CA VAL A 317 -43.20 -33.97 -4.85
C VAL A 317 -42.00 -33.25 -4.27
N ASN A 318 -41.18 -33.98 -3.50
CA ASN A 318 -39.96 -33.47 -2.82
C ASN A 318 -38.93 -33.09 -3.90
N TYR A 319 -37.99 -32.21 -3.57
CA TYR A 319 -37.01 -31.66 -4.55
C TYR A 319 -36.07 -32.77 -5.04
N ASN A 320 -35.86 -33.85 -4.28
CA ASN A 320 -34.93 -34.96 -4.64
C ASN A 320 -35.71 -36.16 -5.20
N SER A 321 -36.98 -35.96 -5.56
CA SER A 321 -37.80 -36.94 -6.32
C SER A 321 -37.39 -36.90 -7.79
N SER A 322 -37.38 -38.05 -8.47
CA SER A 322 -37.14 -38.17 -9.94
C SER A 322 -38.27 -37.52 -10.74
N ARG A 323 -39.36 -37.11 -10.09
CA ARG A 323 -40.56 -36.52 -10.75
C ARG A 323 -40.63 -35.01 -10.52
N PHE A 324 -39.76 -34.45 -9.68
CA PHE A 324 -39.77 -33.01 -9.31
C PHE A 324 -39.58 -32.15 -10.56
N GLY A 325 -38.52 -32.42 -11.33
CA GLY A 325 -38.22 -31.73 -12.59
C GLY A 325 -39.37 -31.84 -13.57
N GLU A 326 -39.92 -33.03 -13.72
CA GLU A 326 -41.13 -33.28 -14.55
C GLU A 326 -42.24 -32.29 -14.16
N GLY A 327 -42.46 -32.09 -12.85
CA GLY A 327 -43.53 -31.23 -12.30
C GLY A 327 -43.27 -29.75 -12.52
N VAL A 328 -42.03 -29.30 -12.35
CA VAL A 328 -41.60 -27.90 -12.63
C VAL A 328 -41.90 -27.59 -14.10
N GLU A 329 -41.46 -28.47 -15.01
CA GLU A 329 -41.48 -28.27 -16.49
C GLU A 329 -42.90 -28.31 -17.05
N ARG A 330 -43.77 -29.16 -16.50
CA ARG A 330 -45.16 -29.33 -16.98
C ARG A 330 -46.09 -28.40 -16.21
N GLU A 331 -45.55 -27.68 -15.21
CA GLU A 331 -46.22 -26.60 -14.44
C GLU A 331 -47.42 -27.19 -13.69
N LEU A 332 -47.19 -28.28 -12.96
CA LEU A 332 -48.24 -29.11 -12.29
C LEU A 332 -48.43 -28.66 -10.84
N PHE A 333 -47.56 -27.78 -10.34
CA PHE A 333 -47.46 -27.45 -8.89
C PHE A 333 -48.19 -26.14 -8.57
N VAL A 334 -48.52 -25.99 -7.29
CA VAL A 334 -49.05 -24.71 -6.73
C VAL A 334 -47.92 -23.69 -6.82
N ARG A 335 -48.24 -22.49 -7.30
CA ARG A 335 -47.24 -21.44 -7.64
C ARG A 335 -47.16 -20.40 -6.51
N GLU A 336 -46.08 -19.61 -6.50
CA GLU A 336 -45.96 -18.39 -5.66
C GLU A 336 -46.98 -17.37 -6.17
N PRO A 337 -47.18 -16.24 -5.45
CA PRO A 337 -48.26 -15.29 -5.78
C PRO A 337 -48.29 -14.73 -7.22
N THR A 338 -47.14 -14.52 -7.88
CA THR A 338 -47.07 -13.93 -9.25
C THR A 338 -47.54 -14.96 -10.28
N GLY A 339 -47.52 -16.26 -9.93
CA GLY A 339 -48.14 -17.35 -10.71
C GLY A 339 -47.23 -17.85 -11.82
N ARG A 340 -45.92 -17.71 -11.66
CA ARG A 340 -44.93 -18.03 -12.71
C ARG A 340 -44.13 -19.30 -12.33
N LEU A 341 -43.86 -19.52 -11.06
CA LEU A 341 -42.92 -20.57 -10.57
C LEU A 341 -43.56 -21.39 -9.47
N PRO A 342 -43.20 -22.68 -9.33
CA PRO A 342 -43.61 -23.47 -8.18
C PRO A 342 -43.23 -22.80 -6.85
N ALA A 343 -44.09 -22.92 -5.84
CA ALA A 343 -43.82 -22.53 -4.45
C ALA A 343 -43.45 -23.79 -3.66
N LEU A 344 -42.33 -23.75 -2.95
CA LEU A 344 -41.87 -24.86 -2.08
C LEU A 344 -42.67 -24.84 -0.78
N VAL A 345 -42.93 -26.02 -0.21
CA VAL A 345 -43.63 -26.18 1.09
C VAL A 345 -42.80 -27.15 1.94
N ARG A 346 -43.00 -27.09 3.26
CA ARG A 346 -42.50 -28.10 4.21
C ARG A 346 -43.68 -28.92 4.72
N TRP A 347 -43.57 -30.25 4.64
CA TRP A 347 -44.45 -31.22 5.35
C TRP A 347 -43.56 -32.14 6.18
N TRP A 348 -44.16 -33.09 6.91
CA TRP A 348 -43.44 -33.91 7.92
C TRP A 348 -42.39 -34.81 7.24
N ASN A 349 -42.45 -35.00 5.92
CA ASN A 349 -41.49 -35.84 5.14
C ASN A 349 -40.55 -34.96 4.30
N GLY A 350 -40.54 -33.64 4.48
CA GLY A 350 -39.46 -32.76 4.01
C GLY A 350 -39.96 -31.59 3.18
N ILE A 351 -39.20 -31.23 2.14
CA ILE A 351 -39.41 -30.00 1.34
C ILE A 351 -39.62 -30.40 -0.12
N GLY A 352 -40.69 -29.90 -0.71
CA GLY A 352 -40.95 -30.04 -2.16
C GLY A 352 -42.06 -29.10 -2.59
N ALA A 353 -42.66 -29.41 -3.75
CA ALA A 353 -43.84 -28.69 -4.28
C ALA A 353 -45.10 -29.50 -3.96
N VAL A 354 -46.27 -28.89 -4.11
CA VAL A 354 -47.58 -29.56 -3.89
C VAL A 354 -48.36 -29.46 -5.20
N LEU A 355 -48.99 -30.56 -5.62
CA LEU A 355 -49.70 -30.64 -6.92
C LEU A 355 -50.90 -29.70 -6.89
N ASP A 356 -51.16 -29.02 -8.00
CA ASP A 356 -52.31 -28.10 -8.14
C ASP A 356 -53.51 -28.92 -8.67
N PHE A 357 -54.42 -29.29 -7.78
CA PHE A 357 -55.55 -30.19 -8.14
C PHE A 357 -56.69 -29.39 -8.79
N THR A 358 -56.46 -28.09 -9.04
CA THR A 358 -57.35 -27.22 -9.86
C THR A 358 -56.90 -27.28 -11.33
N HIS A 359 -55.70 -27.80 -11.61
CA HIS A 359 -55.09 -27.89 -12.96
C HIS A 359 -55.46 -29.22 -13.61
N PRO A 360 -56.22 -29.23 -14.73
CA PRO A 360 -56.57 -30.47 -15.41
C PRO A 360 -55.37 -31.40 -15.66
N LYS A 361 -54.22 -30.82 -16.00
CA LYS A 361 -53.00 -31.56 -16.39
C LYS A 361 -52.42 -32.25 -15.15
N ALA A 362 -52.38 -31.55 -14.02
CA ALA A 362 -51.89 -32.06 -12.72
C ALA A 362 -52.78 -33.20 -12.24
N ARG A 363 -54.09 -33.13 -12.48
CA ARG A 363 -55.05 -34.18 -12.12
C ARG A 363 -54.81 -35.40 -13.03
N ASP A 364 -54.80 -35.21 -14.35
CA ASP A 364 -54.55 -36.30 -15.33
C ASP A 364 -53.26 -37.00 -14.92
N TRP A 365 -52.25 -36.23 -14.54
CA TRP A 365 -50.89 -36.72 -14.19
C TRP A 365 -50.96 -37.62 -12.95
N PHE A 366 -51.53 -37.10 -11.87
CA PHE A 366 -51.76 -37.85 -10.60
C PHE A 366 -52.54 -39.14 -10.90
N GLN A 367 -53.67 -39.04 -11.60
CA GLN A 367 -54.56 -40.18 -11.97
C GLN A 367 -53.78 -41.23 -12.77
N GLY A 368 -53.04 -40.80 -13.80
CA GLY A 368 -52.20 -41.66 -14.65
C GLY A 368 -51.32 -42.58 -13.81
N HIS A 369 -50.64 -42.03 -12.80
CA HIS A 369 -49.71 -42.81 -11.93
C HIS A 369 -50.50 -43.77 -11.04
N LEU A 370 -51.71 -43.38 -10.61
CA LEU A 370 -52.59 -44.25 -9.79
C LEU A 370 -53.06 -45.42 -10.66
N ARG A 371 -53.54 -45.13 -11.88
CA ARG A 371 -54.01 -46.15 -12.85
C ARG A 371 -52.88 -47.12 -13.17
N ARG A 372 -51.64 -46.63 -13.29
CA ARG A 372 -50.45 -47.45 -13.60
C ARG A 372 -50.17 -48.41 -12.44
N LEU A 373 -50.31 -47.93 -11.20
CA LEU A 373 -50.11 -48.77 -9.99
C LEU A 373 -51.17 -49.87 -9.89
N ARG A 374 -52.41 -49.59 -10.32
CA ARG A 374 -53.50 -50.61 -10.34
C ARG A 374 -53.21 -51.63 -11.43
N SER A 375 -52.91 -51.16 -12.63
CA SER A 375 -52.61 -51.99 -13.81
C SER A 375 -51.41 -52.92 -13.53
N ARG A 376 -50.34 -52.40 -12.94
CA ARG A 376 -49.05 -53.13 -12.76
C ARG A 376 -49.18 -54.16 -11.61
N TYR A 377 -49.93 -53.85 -10.55
CA TYR A 377 -49.91 -54.63 -9.28
C TYR A 377 -51.30 -55.07 -8.80
N SER A 378 -52.37 -54.83 -9.57
CA SER A 378 -53.80 -55.03 -9.17
C SER A 378 -54.06 -54.49 -7.75
N VAL A 379 -53.42 -53.37 -7.40
CA VAL A 379 -53.76 -52.55 -6.20
C VAL A 379 -55.24 -52.13 -6.34
N ALA A 380 -56.00 -52.19 -5.26
CA ALA A 380 -57.47 -51.98 -5.25
C ALA A 380 -57.79 -50.48 -5.25
N SER A 381 -57.14 -49.72 -4.37
CA SER A 381 -57.38 -48.27 -4.15
C SER A 381 -56.18 -47.62 -3.46
N PHE A 382 -56.37 -46.46 -2.85
CA PHE A 382 -55.27 -45.64 -2.26
C PHE A 382 -55.76 -44.95 -0.99
N LYS A 383 -54.86 -44.81 -0.02
CA LYS A 383 -55.02 -43.93 1.15
C LYS A 383 -54.42 -42.58 0.77
N PHE A 384 -55.27 -41.56 0.67
CA PHE A 384 -54.95 -40.17 0.26
C PHE A 384 -54.57 -39.37 1.51
N ASP A 385 -53.28 -39.31 1.83
CA ASP A 385 -52.75 -38.59 3.03
C ASP A 385 -52.69 -37.08 2.76
N ALA A 386 -52.49 -36.29 3.82
CA ALA A 386 -52.51 -34.81 3.83
C ALA A 386 -53.82 -34.31 3.20
N GLY A 387 -53.80 -33.22 2.45
CA GLY A 387 -54.99 -32.60 1.85
C GLY A 387 -55.36 -31.30 2.53
N GLU A 388 -54.78 -31.01 3.69
CA GLU A 388 -54.99 -29.74 4.44
C GLU A 388 -54.25 -28.62 3.73
N VAL A 389 -54.83 -27.42 3.72
CA VAL A 389 -54.25 -26.21 3.08
C VAL A 389 -53.26 -25.55 4.03
N SER A 390 -53.13 -26.05 5.27
CA SER A 390 -52.06 -25.62 6.20
C SER A 390 -50.68 -26.02 5.63
N TYR A 391 -50.63 -26.89 4.61
CA TYR A 391 -49.40 -27.37 3.91
C TYR A 391 -49.22 -26.63 2.58
N LEU A 392 -50.11 -25.67 2.27
CA LEU A 392 -49.95 -24.74 1.13
C LEU A 392 -49.31 -23.46 1.67
N PRO A 393 -48.62 -22.65 0.84
CA PRO A 393 -48.00 -21.42 1.30
C PRO A 393 -49.04 -20.35 1.63
N ARG A 394 -48.69 -19.39 2.51
CA ARG A 394 -49.59 -18.33 3.03
C ARG A 394 -50.39 -17.73 1.88
N ASP A 395 -49.69 -17.06 0.96
CA ASP A 395 -50.22 -16.54 -0.33
C ASP A 395 -49.72 -17.48 -1.42
N PHE A 396 -50.57 -17.80 -2.39
CA PHE A 396 -50.28 -18.82 -3.44
C PHE A 396 -51.20 -18.58 -4.63
N SER A 397 -50.79 -19.10 -5.80
CA SER A 397 -51.52 -19.03 -7.08
C SER A 397 -51.88 -20.46 -7.51
N THR A 398 -53.02 -20.64 -8.15
CA THR A 398 -53.47 -21.94 -8.71
C THR A 398 -54.01 -21.68 -10.13
N TYR A 399 -54.04 -22.72 -10.97
CA TYR A 399 -54.51 -22.64 -12.37
C TYR A 399 -55.87 -21.95 -12.41
N ARG A 400 -56.85 -22.48 -11.67
CA ARG A 400 -58.12 -21.76 -11.33
C ARG A 400 -57.92 -21.04 -10.01
N PRO A 401 -58.32 -19.76 -9.89
CA PRO A 401 -58.17 -19.02 -8.64
C PRO A 401 -59.09 -19.62 -7.57
N LEU A 402 -58.59 -19.73 -6.34
CA LEU A 402 -59.35 -20.22 -5.16
C LEU A 402 -59.50 -19.08 -4.17
N PRO A 403 -60.59 -18.28 -4.28
CA PRO A 403 -60.90 -17.28 -3.25
C PRO A 403 -61.02 -17.92 -1.87
N ASP A 404 -61.61 -19.14 -1.83
CA ASP A 404 -61.67 -20.00 -0.63
C ASP A 404 -60.57 -21.05 -0.69
N PRO A 405 -59.44 -20.91 0.04
CA PRO A 405 -58.28 -21.79 -0.15
C PRO A 405 -58.61 -23.27 0.07
N SER A 406 -59.52 -23.57 1.00
CA SER A 406 -59.89 -24.94 1.44
C SER A 406 -60.51 -25.75 0.30
N VAL A 407 -60.99 -25.09 -0.76
CA VAL A 407 -61.55 -25.78 -1.96
C VAL A 407 -60.43 -26.62 -2.62
N TRP A 408 -59.16 -26.30 -2.37
CA TRP A 408 -58.00 -27.12 -2.79
C TRP A 408 -58.15 -28.53 -2.17
N SER A 409 -58.50 -28.60 -0.90
CA SER A 409 -58.74 -29.87 -0.15
C SER A 409 -59.82 -30.68 -0.88
N ARG A 410 -60.92 -30.02 -1.25
CA ARG A 410 -62.04 -30.66 -2.02
C ARG A 410 -61.47 -31.28 -3.30
N ARG A 411 -60.76 -30.47 -4.08
CA ARG A 411 -60.20 -30.84 -5.41
C ARG A 411 -59.31 -32.08 -5.24
N TYR A 412 -58.57 -32.16 -4.15
CA TYR A 412 -57.68 -33.30 -3.82
C TYR A 412 -58.55 -34.53 -3.53
N THR A 413 -59.56 -34.41 -2.64
CA THR A 413 -60.49 -35.52 -2.30
C THR A 413 -61.12 -36.08 -3.57
N GLU A 414 -61.25 -35.28 -4.64
CA GLU A 414 -61.89 -35.72 -5.91
C GLU A 414 -61.02 -36.80 -6.58
N MET A 415 -59.74 -36.90 -6.21
CA MET A 415 -58.80 -37.89 -6.79
C MET A 415 -59.21 -39.30 -6.30
N ALA A 416 -59.89 -39.37 -5.16
CA ALA A 416 -60.44 -40.64 -4.61
C ALA A 416 -61.55 -41.19 -5.51
N LEU A 417 -62.23 -40.35 -6.30
CA LEU A 417 -63.51 -40.70 -6.98
C LEU A 417 -63.41 -41.97 -7.83
N PRO A 418 -62.43 -42.13 -8.74
CA PRO A 418 -62.34 -43.35 -9.55
C PRO A 418 -62.08 -44.65 -8.76
N PHE A 419 -61.60 -44.55 -7.53
CA PHE A 419 -61.23 -45.69 -6.65
C PHE A 419 -61.96 -45.59 -5.31
N PHE A 420 -63.14 -44.98 -5.30
CA PHE A 420 -63.91 -44.61 -4.07
C PHE A 420 -64.13 -45.84 -3.18
N SER A 421 -64.27 -47.00 -3.78
CA SER A 421 -64.84 -48.22 -3.15
C SER A 421 -64.01 -48.65 -1.93
N LEU A 422 -62.69 -48.42 -1.96
CA LEU A 422 -61.77 -48.75 -0.83
C LEU A 422 -60.79 -47.57 -0.58
N ALA A 423 -61.11 -46.37 -1.07
CA ALA A 423 -60.29 -45.16 -0.85
C ALA A 423 -60.58 -44.64 0.56
N GLU A 424 -59.58 -44.01 1.18
CA GLU A 424 -59.78 -43.12 2.35
C GLU A 424 -59.09 -41.78 2.09
N VAL A 425 -59.69 -40.70 2.62
CA VAL A 425 -59.09 -39.34 2.73
C VAL A 425 -59.13 -38.96 4.21
N ARG A 426 -58.37 -37.93 4.62
CA ARG A 426 -58.42 -37.43 6.01
C ARG A 426 -58.86 -35.97 6.06
N VAL A 427 -59.31 -35.43 4.93
CA VAL A 427 -59.86 -34.04 4.86
C VAL A 427 -61.22 -34.11 4.16
N GLY A 428 -62.06 -33.13 4.46
CA GLY A 428 -63.37 -32.96 3.81
C GLY A 428 -63.79 -31.53 3.85
N TYR A 429 -63.96 -30.93 2.68
CA TYR A 429 -64.45 -29.54 2.51
C TYR A 429 -65.50 -29.57 1.42
N GLN A 430 -66.76 -29.72 1.80
CA GLN A 430 -67.86 -30.08 0.86
C GLN A 430 -67.43 -31.33 0.08
N SER A 431 -66.82 -32.31 0.75
CA SER A 431 -66.35 -33.57 0.13
C SER A 431 -67.37 -34.70 0.38
N GLN A 432 -68.54 -34.37 0.94
CA GLN A 432 -69.59 -35.32 1.40
C GLN A 432 -70.00 -36.29 0.28
N ASN A 433 -70.13 -35.80 -0.96
CA ASN A 433 -70.69 -36.61 -2.09
C ASN A 433 -69.58 -37.48 -2.71
N ILE A 434 -68.38 -37.37 -2.17
CA ILE A 434 -67.27 -38.32 -2.46
C ILE A 434 -67.52 -39.53 -1.57
N SER A 435 -67.82 -40.67 -2.17
CA SER A 435 -68.47 -41.81 -1.50
C SER A 435 -67.41 -42.77 -0.96
N CYS A 436 -66.29 -42.23 -0.47
CA CYS A 436 -65.20 -43.01 0.15
C CYS A 436 -65.27 -42.83 1.67
N PHE A 437 -64.34 -43.44 2.38
CA PHE A 437 -64.20 -43.33 3.85
C PHE A 437 -63.44 -42.06 4.22
N PHE A 438 -63.77 -41.50 5.38
CA PHE A 438 -63.11 -40.31 5.95
C PHE A 438 -62.47 -40.74 7.25
N ARG A 439 -61.15 -40.60 7.33
CA ARG A 439 -60.35 -41.02 8.50
C ARG A 439 -60.14 -39.83 9.44
N LEU A 440 -60.38 -40.02 10.74
CA LEU A 440 -59.96 -39.08 11.79
C LEU A 440 -58.44 -38.91 11.72
N VAL A 441 -57.95 -37.69 11.89
CA VAL A 441 -56.50 -37.40 11.93
C VAL A 441 -55.91 -38.22 13.07
N ASP A 442 -54.71 -38.76 12.85
CA ASP A 442 -53.93 -39.69 13.72
C ASP A 442 -54.35 -39.57 15.20
N ARG A 443 -54.82 -40.67 15.76
CA ARG A 443 -55.16 -40.81 17.20
C ARG A 443 -53.89 -41.20 17.96
N ASP A 444 -53.71 -40.65 19.16
CA ASP A 444 -52.57 -40.97 20.06
C ASP A 444 -52.99 -42.12 21.00
N SER A 445 -52.02 -42.95 21.39
CA SER A 445 -52.21 -44.11 22.29
C SER A 445 -52.31 -43.60 23.74
N VAL A 446 -53.29 -42.72 24.00
CA VAL A 446 -53.63 -42.18 25.34
C VAL A 446 -55.14 -42.37 25.57
N TRP A 447 -55.61 -42.13 26.79
CA TRP A 447 -57.01 -42.35 27.24
C TRP A 447 -57.86 -41.12 26.90
N GLY A 448 -57.25 -39.93 26.91
CA GLY A 448 -57.97 -38.65 27.07
C GLY A 448 -58.59 -38.15 25.78
N TYR A 449 -59.16 -36.95 25.84
CA TYR A 449 -59.90 -36.28 24.74
C TYR A 449 -58.93 -35.69 23.73
N ASP A 450 -57.64 -35.61 24.08
CA ASP A 450 -56.55 -35.08 23.22
C ASP A 450 -56.09 -36.20 22.27
N LEU A 451 -56.95 -36.53 21.29
CA LEU A 451 -56.72 -37.52 20.21
C LEU A 451 -56.66 -38.94 20.78
N GLY A 452 -57.11 -39.14 22.01
CA GLY A 452 -57.10 -40.47 22.69
C GLY A 452 -58.43 -41.17 22.61
N LEU A 453 -58.62 -42.19 23.45
CA LEU A 453 -59.81 -43.08 23.42
C LEU A 453 -61.08 -42.24 23.58
N ARG A 454 -61.11 -41.33 24.56
CA ARG A 454 -62.31 -40.52 24.88
C ARG A 454 -62.62 -39.54 23.76
N SER A 455 -61.72 -39.34 22.80
CA SER A 455 -61.93 -38.43 21.63
C SER A 455 -62.74 -39.14 20.54
N LEU A 456 -62.75 -40.47 20.54
CA LEU A 456 -63.30 -41.25 19.41
C LEU A 456 -64.77 -40.90 19.21
N ILE A 457 -65.57 -40.97 20.27
CA ILE A 457 -67.05 -40.81 20.12
C ILE A 457 -67.34 -39.36 19.72
N PRO A 458 -66.80 -38.35 20.42
CA PRO A 458 -66.93 -36.97 19.99
C PRO A 458 -66.54 -36.75 18.52
N ALA A 459 -65.35 -37.19 18.12
CA ALA A 459 -64.81 -36.97 16.75
C ALA A 459 -65.75 -37.63 15.72
N VAL A 460 -66.13 -38.90 15.95
CA VAL A 460 -67.01 -39.64 15.00
C VAL A 460 -68.38 -38.95 14.94
N LEU A 461 -68.94 -38.56 16.09
CA LEU A 461 -70.27 -37.88 16.13
C LEU A 461 -70.17 -36.55 15.37
N THR A 462 -69.12 -35.75 15.64
CA THR A 462 -68.87 -34.44 15.00
C THR A 462 -68.86 -34.62 13.49
N VAL A 463 -68.07 -35.56 12.99
CA VAL A 463 -67.89 -35.76 11.53
C VAL A 463 -69.20 -36.29 10.94
N SER A 464 -69.89 -37.20 11.63
CA SER A 464 -71.21 -37.76 11.21
C SER A 464 -72.23 -36.63 11.01
N MET A 465 -72.25 -35.65 11.92
CA MET A 465 -73.15 -34.46 11.91
C MET A 465 -72.96 -33.63 10.64
N LEU A 466 -71.73 -33.60 10.12
CA LEU A 466 -71.31 -32.72 9.00
C LEU A 466 -71.59 -33.40 7.65
N GLY A 467 -72.28 -34.55 7.65
CA GLY A 467 -72.73 -35.20 6.41
C GLY A 467 -71.76 -36.26 5.88
N TYR A 468 -70.78 -36.69 6.67
CA TYR A 468 -69.79 -37.73 6.30
C TYR A 468 -70.10 -39.01 7.08
N PRO A 469 -70.91 -39.94 6.50
CA PRO A 469 -71.33 -41.13 7.24
C PRO A 469 -70.29 -42.26 7.33
N PHE A 470 -69.43 -42.38 6.31
CA PHE A 470 -68.46 -43.49 6.18
C PHE A 470 -67.19 -43.09 6.92
N ILE A 471 -67.17 -43.27 8.24
CA ILE A 471 -66.07 -42.77 9.12
C ILE A 471 -65.16 -43.94 9.53
N LEU A 472 -63.86 -43.70 9.47
CA LEU A 472 -62.79 -44.60 9.93
C LEU A 472 -62.07 -43.90 11.07
N PRO A 473 -62.25 -44.34 12.33
CA PRO A 473 -61.62 -43.68 13.47
C PRO A 473 -60.14 -44.08 13.64
N ASP A 474 -59.34 -43.84 12.60
CA ASP A 474 -57.88 -44.07 12.56
C ASP A 474 -57.57 -45.52 13.01
N MET A 475 -56.61 -45.70 13.92
CA MET A 475 -55.96 -47.01 14.21
C MET A 475 -56.39 -47.47 15.59
N VAL A 476 -56.79 -48.75 15.69
CA VAL A 476 -57.06 -49.37 17.01
C VAL A 476 -55.80 -49.23 17.86
N GLY A 477 -55.94 -48.61 19.03
CA GLY A 477 -54.86 -48.41 20.02
C GLY A 477 -54.08 -47.14 19.79
N GLY A 478 -54.33 -46.45 18.66
CA GLY A 478 -53.61 -45.23 18.25
C GLY A 478 -52.31 -45.57 17.53
N ASN A 479 -51.50 -44.54 17.26
CA ASN A 479 -50.30 -44.66 16.39
C ASN A 479 -49.04 -44.92 17.22
N ALA A 480 -49.13 -44.95 18.55
CA ALA A 480 -48.03 -45.37 19.46
C ALA A 480 -46.79 -44.51 19.19
N VAL A 481 -46.98 -43.19 19.13
CA VAL A 481 -45.88 -42.19 18.96
C VAL A 481 -45.18 -42.05 20.30
N PRO A 482 -43.83 -42.12 20.33
CA PRO A 482 -43.06 -41.84 21.55
C PRO A 482 -43.45 -40.50 22.18
N GLN A 483 -43.45 -40.43 23.52
CA GLN A 483 -43.81 -39.24 24.33
C GLN A 483 -45.34 -39.05 24.36
N ARG A 484 -46.09 -39.78 23.52
CA ARG A 484 -47.56 -39.65 23.37
C ARG A 484 -48.20 -41.05 23.45
N THR A 485 -47.66 -41.93 24.30
CA THR A 485 -48.14 -43.33 24.48
C THR A 485 -48.24 -43.62 25.98
N ALA A 486 -49.46 -43.87 26.48
CA ALA A 486 -49.70 -44.55 27.77
C ALA A 486 -49.27 -46.02 27.63
N GLY A 487 -48.06 -46.36 28.09
CA GLY A 487 -47.46 -47.70 28.02
C GLY A 487 -45.96 -47.63 27.78
N GLY A 488 -45.51 -46.86 26.79
CA GLY A 488 -44.13 -46.89 26.27
C GLY A 488 -44.09 -47.25 24.79
N ASP A 489 -43.68 -48.48 24.46
CA ASP A 489 -43.46 -48.96 23.07
C ASP A 489 -44.79 -49.05 22.32
N VAL A 490 -45.79 -49.68 22.94
CA VAL A 490 -47.17 -49.83 22.41
C VAL A 490 -48.13 -49.39 23.50
N PRO A 491 -49.39 -49.07 23.16
CA PRO A 491 -50.40 -48.75 24.17
C PRO A 491 -50.46 -49.82 25.27
N GLU A 492 -50.64 -49.39 26.53
CA GLU A 492 -50.91 -50.33 27.63
C GLU A 492 -52.10 -51.20 27.22
N ARG A 493 -52.09 -52.43 27.72
CA ARG A 493 -52.95 -53.57 27.29
C ARG A 493 -54.45 -53.21 27.41
N GLU A 494 -54.83 -52.65 28.55
CA GLU A 494 -56.24 -52.29 28.87
C GLU A 494 -56.73 -51.24 27.87
N LEU A 495 -55.87 -50.30 27.50
CA LEU A 495 -56.21 -49.24 26.52
C LEU A 495 -56.46 -49.88 25.14
N TYR A 496 -55.57 -50.77 24.70
CA TYR A 496 -55.69 -51.47 23.38
C TYR A 496 -57.06 -52.18 23.32
N ILE A 497 -57.40 -52.92 24.37
CA ILE A 497 -58.62 -53.77 24.48
C ILE A 497 -59.86 -52.85 24.43
N ARG A 498 -59.92 -51.83 25.27
CA ARG A 498 -61.10 -50.92 25.37
C ARG A 498 -61.31 -50.21 24.03
N TRP A 499 -60.21 -49.93 23.31
CA TRP A 499 -60.22 -49.21 22.01
C TRP A 499 -60.76 -50.13 20.92
N LEU A 500 -60.19 -51.32 20.82
CA LEU A 500 -60.64 -52.46 19.97
C LEU A 500 -62.16 -52.61 20.08
N GLU A 501 -62.67 -52.61 21.31
CA GLU A 501 -64.09 -52.86 21.63
C GLU A 501 -64.96 -51.75 21.01
N VAL A 502 -64.59 -50.48 21.21
CA VAL A 502 -65.40 -49.35 20.68
C VAL A 502 -65.24 -49.31 19.16
N ALA A 503 -64.05 -49.58 18.64
CA ALA A 503 -63.74 -49.58 17.18
C ALA A 503 -64.53 -50.67 16.45
N ALA A 504 -64.83 -51.78 17.11
CA ALA A 504 -65.62 -52.90 16.52
C ALA A 504 -67.05 -52.43 16.18
N PHE A 505 -67.53 -51.35 16.81
CA PHE A 505 -68.90 -50.81 16.63
C PHE A 505 -68.92 -49.59 15.70
N MET A 506 -67.78 -49.20 15.12
CA MET A 506 -67.66 -48.01 14.23
C MET A 506 -67.74 -48.45 12.77
N PRO A 507 -68.06 -47.55 11.81
CA PRO A 507 -68.35 -47.98 10.45
C PRO A 507 -67.24 -48.77 9.75
N ALA A 508 -65.97 -48.43 10.02
CA ALA A 508 -64.80 -49.19 9.55
C ALA A 508 -63.84 -49.34 10.71
N MET A 509 -63.19 -50.51 10.77
CA MET A 509 -62.28 -50.88 11.86
C MET A 509 -60.91 -51.19 11.27
N GLN A 510 -59.87 -50.52 11.76
CA GLN A 510 -58.49 -50.63 11.22
C GLN A 510 -57.53 -50.97 12.36
N PHE A 511 -56.89 -52.14 12.26
CA PHE A 511 -55.73 -52.54 13.10
C PHE A 511 -54.45 -52.09 12.39
N SER A 512 -53.44 -51.69 13.17
CA SER A 512 -52.03 -51.62 12.71
C SER A 512 -51.18 -52.45 13.66
N ILE A 513 -50.98 -51.96 14.88
CA ILE A 513 -50.38 -52.77 15.97
C ILE A 513 -51.38 -53.88 16.24
N PRO A 514 -51.03 -55.15 15.94
CA PRO A 514 -52.02 -56.24 15.95
C PRO A 514 -52.24 -56.84 17.33
N PRO A 515 -53.36 -57.58 17.52
CA PRO A 515 -53.66 -58.23 18.80
C PRO A 515 -52.55 -59.13 19.35
N TRP A 516 -51.80 -59.81 18.48
CA TRP A 516 -50.79 -60.84 18.87
C TRP A 516 -49.47 -60.19 19.26
N ARG A 517 -49.39 -58.86 19.19
CA ARG A 517 -48.28 -58.07 19.80
C ARG A 517 -48.39 -58.16 21.32
N TYR A 518 -49.57 -58.49 21.86
CA TYR A 518 -49.85 -58.53 23.33
C TYR A 518 -49.78 -59.96 23.86
N ASP A 519 -50.83 -60.75 23.70
CA ASP A 519 -50.99 -62.11 24.29
C ASP A 519 -52.25 -62.78 23.73
N ALA A 520 -52.46 -64.06 24.04
CA ALA A 520 -53.51 -64.93 23.49
C ALA A 520 -54.90 -64.43 23.90
N GLU A 521 -55.02 -63.84 25.10
CA GLU A 521 -56.31 -63.34 25.64
C GLU A 521 -56.75 -62.14 24.79
N VAL A 522 -55.82 -61.26 24.41
CA VAL A 522 -56.10 -60.07 23.55
C VAL A 522 -56.52 -60.57 22.16
N VAL A 523 -55.82 -61.54 21.60
CA VAL A 523 -56.17 -62.14 20.27
C VAL A 523 -57.61 -62.65 20.34
N ALA A 524 -57.92 -63.42 21.38
CA ALA A 524 -59.26 -64.01 21.61
C ALA A 524 -60.32 -62.89 21.72
N ILE A 525 -60.04 -61.84 22.49
CA ILE A 525 -60.97 -60.68 22.63
C ILE A 525 -61.22 -60.06 21.24
N ALA A 526 -60.18 -59.93 20.43
CA ALA A 526 -60.25 -59.34 19.07
C ALA A 526 -61.07 -60.26 18.16
N GLN A 527 -60.86 -61.57 18.28
CA GLN A 527 -61.62 -62.61 17.53
C GLN A 527 -63.09 -62.53 17.91
N LYS A 528 -63.39 -62.39 19.20
CA LYS A 528 -64.78 -62.24 19.71
C LYS A 528 -65.41 -60.99 19.09
N PHE A 529 -64.69 -59.87 19.07
CA PHE A 529 -65.25 -58.57 18.60
C PHE A 529 -65.35 -58.57 17.08
N ALA A 530 -64.45 -59.25 16.38
CA ALA A 530 -64.54 -59.46 14.91
C ALA A 530 -65.82 -60.26 14.61
N ALA A 531 -66.05 -61.36 15.32
CA ALA A 531 -67.25 -62.21 15.17
C ALA A 531 -68.51 -61.37 15.45
N LEU A 532 -68.51 -60.60 16.54
CA LEU A 532 -69.69 -59.78 16.95
C LEU A 532 -69.93 -58.67 15.92
N ARG A 533 -68.87 -58.02 15.44
CA ARG A 533 -68.95 -56.99 14.36
C ARG A 533 -69.57 -57.65 13.12
N ALA A 534 -69.08 -58.82 12.73
CA ALA A 534 -69.51 -59.56 11.52
C ALA A 534 -71.02 -59.86 11.58
N SER A 535 -71.54 -60.33 12.73
CA SER A 535 -72.90 -60.91 12.85
C SER A 535 -73.94 -59.87 13.33
N LEU A 536 -73.55 -58.87 14.13
CA LEU A 536 -74.47 -57.87 14.71
C LEU A 536 -74.30 -56.51 14.04
N VAL A 537 -73.06 -56.00 13.94
CA VAL A 537 -72.77 -54.59 13.60
C VAL A 537 -72.78 -54.41 12.07
N ALA A 538 -72.01 -55.23 11.35
CA ALA A 538 -71.81 -55.13 9.88
C ALA A 538 -73.15 -55.13 9.13
N PRO A 539 -74.07 -56.10 9.37
CA PRO A 539 -75.35 -56.12 8.66
C PRO A 539 -76.16 -54.82 8.81
N LEU A 540 -76.06 -54.20 9.99
CA LEU A 540 -76.78 -52.95 10.31
C LEU A 540 -76.05 -51.77 9.64
N LEU A 541 -74.72 -51.73 9.68
CA LEU A 541 -73.90 -50.70 8.97
C LEU A 541 -74.21 -50.71 7.47
N LEU A 542 -74.22 -51.88 6.83
CA LEU A 542 -74.52 -51.99 5.36
C LEU A 542 -75.92 -51.46 5.04
N GLU A 543 -76.92 -51.73 5.87
CA GLU A 543 -78.31 -51.26 5.64
C GLU A 543 -78.35 -49.73 5.76
N LEU A 544 -77.72 -49.17 6.80
CA LEU A 544 -77.69 -47.71 7.07
C LEU A 544 -76.86 -47.01 6.00
N ALA A 545 -75.82 -47.65 5.49
CA ALA A 545 -74.93 -47.06 4.45
C ALA A 545 -75.77 -46.92 3.16
N GLY A 546 -76.49 -47.98 2.77
CA GLY A 546 -77.43 -47.95 1.63
C GLY A 546 -78.51 -46.88 1.82
N GLU A 547 -78.94 -46.68 3.05
CA GLU A 547 -80.02 -45.73 3.43
C GLU A 547 -79.53 -44.29 3.31
N VAL A 548 -78.28 -43.98 3.67
CA VAL A 548 -77.70 -42.60 3.63
C VAL A 548 -78.04 -41.92 2.31
N THR A 549 -77.67 -42.61 1.23
CA THR A 549 -77.89 -42.18 -0.17
C THR A 549 -79.30 -41.57 -0.33
N ASP A 550 -80.29 -42.04 0.43
CA ASP A 550 -81.70 -41.56 0.38
C ASP A 550 -81.96 -40.51 1.48
N THR A 551 -81.71 -40.84 2.74
CA THR A 551 -82.11 -40.04 3.93
C THR A 551 -81.12 -38.90 4.19
N GLY A 552 -79.84 -39.05 3.84
CA GLY A 552 -78.76 -38.12 4.20
C GLY A 552 -78.30 -38.29 5.64
N ASP A 553 -79.01 -39.12 6.42
CA ASP A 553 -78.77 -39.31 7.88
C ASP A 553 -77.43 -40.00 8.10
N PRO A 554 -76.73 -39.72 9.21
CA PRO A 554 -75.47 -40.41 9.50
C PRO A 554 -75.69 -41.87 9.88
N ILE A 555 -74.58 -42.62 9.99
CA ILE A 555 -74.59 -44.04 10.42
C ILE A 555 -74.45 -44.07 11.95
N VAL A 556 -73.36 -43.47 12.46
CA VAL A 556 -73.14 -43.30 13.92
C VAL A 556 -73.95 -42.07 14.35
N ARG A 557 -74.83 -42.25 15.34
CA ARG A 557 -75.75 -41.19 15.77
C ARG A 557 -75.59 -40.92 17.26
N PRO A 558 -75.74 -39.67 17.70
CA PRO A 558 -75.78 -39.34 19.13
C PRO A 558 -77.08 -39.84 19.77
N LEU A 559 -77.10 -40.04 21.09
CA LEU A 559 -78.32 -40.52 21.81
C LEU A 559 -79.50 -39.59 21.54
N TRP A 560 -79.25 -38.28 21.44
CA TRP A 560 -80.32 -37.26 21.30
C TRP A 560 -81.04 -37.40 19.96
N TRP A 561 -80.47 -38.16 19.02
CA TRP A 561 -81.07 -38.36 17.69
C TRP A 561 -82.50 -38.89 17.86
N ILE A 562 -82.70 -39.90 18.71
CA ILE A 562 -84.02 -40.57 18.98
C ILE A 562 -84.71 -39.92 20.18
N ALA A 563 -83.96 -39.13 20.97
CA ALA A 563 -84.42 -38.50 22.24
C ALA A 563 -84.07 -37.01 22.22
N PRO A 564 -84.57 -36.25 21.21
CA PRO A 564 -84.15 -34.86 21.04
C PRO A 564 -84.55 -33.91 22.19
N GLY A 565 -85.57 -34.24 22.97
CA GLY A 565 -85.99 -33.42 24.13
C GLY A 565 -85.34 -33.83 25.43
N ASP A 566 -84.34 -34.72 25.40
CA ASP A 566 -83.77 -35.37 26.62
C ASP A 566 -82.41 -34.71 26.87
N GLU A 567 -82.29 -34.01 28.00
CA GLU A 567 -81.11 -33.15 28.29
C GLU A 567 -79.90 -34.01 28.67
N THR A 568 -80.12 -35.22 29.17
CA THR A 568 -79.03 -36.17 29.49
C THR A 568 -78.45 -36.67 28.16
N ALA A 569 -79.31 -37.10 27.23
CA ALA A 569 -78.95 -37.56 25.86
C ALA A 569 -78.15 -36.47 25.14
N HIS A 570 -78.46 -35.19 25.38
CA HIS A 570 -77.76 -34.00 24.79
C HIS A 570 -76.29 -33.97 25.20
N ARG A 571 -75.98 -34.38 26.44
CA ARG A 571 -74.66 -34.24 27.11
C ARG A 571 -73.79 -35.49 26.95
N ILE A 572 -74.36 -36.67 26.62
CA ILE A 572 -73.63 -37.97 26.70
C ILE A 572 -72.55 -38.02 25.60
N ASP A 573 -71.30 -38.31 26.00
CA ASP A 573 -70.12 -38.44 25.10
C ASP A 573 -69.53 -39.86 25.22
N SER A 574 -70.04 -40.71 26.12
CA SER A 574 -69.51 -42.08 26.36
C SER A 574 -70.42 -43.15 25.74
N GLN A 575 -71.45 -42.75 24.99
CA GLN A 575 -72.43 -43.67 24.35
C GLN A 575 -72.74 -43.08 22.98
N PHE A 576 -73.24 -43.93 22.08
CA PHE A 576 -73.70 -43.56 20.72
C PHE A 576 -74.67 -44.64 20.25
N LEU A 577 -75.37 -44.34 19.16
CA LEU A 577 -76.25 -45.29 18.41
C LEU A 577 -75.59 -45.63 17.07
N ILE A 578 -75.82 -46.87 16.62
CA ILE A 578 -75.75 -47.26 15.18
C ILE A 578 -77.18 -47.28 14.67
N GLY A 579 -77.52 -46.39 13.74
CA GLY A 579 -78.91 -46.12 13.31
C GLY A 579 -79.74 -45.66 14.50
N ASP A 580 -80.98 -46.11 14.60
CA ASP A 580 -81.92 -45.68 15.67
C ASP A 580 -82.06 -46.78 16.73
N THR A 581 -81.54 -47.99 16.48
CA THR A 581 -82.02 -49.22 17.18
C THR A 581 -80.91 -49.91 17.98
N LEU A 582 -79.64 -49.55 17.83
CA LEU A 582 -78.52 -50.24 18.54
C LEU A 582 -77.75 -49.20 19.37
N LEU A 583 -77.85 -49.29 20.69
CA LEU A 583 -77.26 -48.34 21.67
C LEU A 583 -76.02 -49.00 22.25
N VAL A 584 -74.90 -48.27 22.27
CA VAL A 584 -73.54 -48.81 22.61
C VAL A 584 -72.97 -47.99 23.76
N ALA A 585 -72.51 -48.66 24.81
CA ALA A 585 -71.91 -48.05 26.02
C ALA A 585 -70.60 -48.78 26.35
N PRO A 586 -69.49 -48.39 25.70
CA PRO A 586 -68.19 -48.98 25.98
C PRO A 586 -67.56 -48.43 27.27
N VAL A 587 -66.72 -49.19 27.93
CA VAL A 587 -65.89 -48.68 29.06
C VAL A 587 -64.72 -47.91 28.46
N LEU A 588 -64.51 -46.67 28.92
CA LEU A 588 -63.55 -45.71 28.32
C LEU A 588 -62.56 -45.22 29.40
N GLU A 589 -62.42 -45.96 30.49
CA GLU A 589 -61.53 -45.65 31.63
C GLU A 589 -60.79 -46.89 32.05
N PRO A 590 -59.55 -46.74 32.61
CA PRO A 590 -58.80 -47.88 33.14
C PRO A 590 -59.36 -48.36 34.50
N GLY A 591 -59.11 -49.62 34.83
CA GLY A 591 -59.43 -50.20 36.15
C GLY A 591 -60.92 -50.31 36.40
N LYS A 592 -61.73 -50.36 35.33
CA LYS A 592 -63.22 -50.40 35.42
C LYS A 592 -63.73 -51.69 34.80
N GLN A 593 -64.53 -52.44 35.54
CA GLN A 593 -65.25 -53.67 35.08
C GLN A 593 -66.75 -53.39 35.12
N GLU A 594 -67.12 -52.11 35.12
CA GLU A 594 -68.52 -51.63 35.09
C GLU A 594 -68.50 -50.17 34.66
N ARG A 595 -69.68 -49.63 34.35
CA ARG A 595 -69.92 -48.20 34.07
C ARG A 595 -71.40 -47.91 34.24
N ASP A 596 -71.76 -46.63 34.37
CA ASP A 596 -73.16 -46.16 34.31
C ASP A 596 -73.59 -46.14 32.84
N VAL A 597 -74.77 -46.68 32.56
CA VAL A 597 -75.37 -46.72 31.20
C VAL A 597 -76.69 -45.97 31.30
N TYR A 598 -76.85 -44.89 30.51
CA TYR A 598 -78.12 -44.15 30.39
C TYR A 598 -78.93 -44.81 29.28
N LEU A 599 -80.17 -45.19 29.56
CA LEU A 599 -81.16 -45.58 28.54
C LEU A 599 -82.21 -44.48 28.46
N PRO A 600 -82.44 -43.90 27.26
CA PRO A 600 -83.52 -42.94 27.07
C PRO A 600 -84.90 -43.63 27.09
N ALA A 601 -85.98 -42.85 26.99
CA ALA A 601 -87.36 -43.35 26.91
C ALA A 601 -87.44 -44.49 25.88
N GLY A 602 -88.45 -45.34 26.01
CA GLY A 602 -88.68 -46.49 25.12
C GLY A 602 -88.16 -47.78 25.74
N LYS A 603 -88.26 -48.90 25.02
CA LYS A 603 -87.86 -50.22 25.56
C LYS A 603 -86.53 -50.63 24.94
N TRP A 604 -85.65 -51.17 25.78
CA TRP A 604 -84.27 -51.53 25.42
C TRP A 604 -83.99 -52.94 25.91
N ARG A 605 -83.43 -53.77 25.04
CA ARG A 605 -83.07 -55.18 25.35
C ARG A 605 -81.55 -55.28 25.30
N SER A 606 -80.93 -55.65 26.43
CA SER A 606 -79.47 -55.88 26.56
C SER A 606 -79.09 -57.10 25.70
N TYR A 607 -77.79 -57.27 25.44
CA TYR A 607 -77.22 -58.42 24.71
C TYR A 607 -77.60 -59.73 25.43
N LYS A 608 -77.70 -59.70 26.76
CA LYS A 608 -78.01 -60.88 27.62
C LYS A 608 -79.52 -61.13 27.61
N GLY A 609 -80.32 -60.18 27.11
CA GLY A 609 -81.79 -60.32 26.93
C GLY A 609 -82.60 -59.57 27.99
N GLU A 610 -81.97 -58.82 28.89
CA GLU A 610 -82.67 -58.04 29.95
C GLU A 610 -83.57 -56.99 29.26
N LEU A 611 -84.88 -56.95 29.50
CA LEU A 611 -85.75 -55.90 28.91
C LEU A 611 -85.86 -54.76 29.92
N PHE A 612 -85.36 -53.57 29.60
CA PHE A 612 -85.54 -52.32 30.37
C PHE A 612 -86.65 -51.49 29.71
N ASP A 613 -87.78 -51.34 30.39
CA ASP A 613 -88.99 -50.64 29.90
C ASP A 613 -89.45 -49.60 30.92
N LYS A 614 -88.81 -49.51 32.09
CA LYS A 614 -88.97 -48.40 33.05
C LYS A 614 -87.86 -47.37 32.72
N THR A 615 -88.13 -46.51 31.74
CA THR A 615 -87.16 -45.59 31.11
C THR A 615 -87.79 -44.21 30.99
N PRO A 616 -87.02 -43.10 30.97
CA PRO A 616 -85.55 -43.14 31.02
C PRO A 616 -85.00 -43.65 32.35
N VAL A 617 -83.81 -44.23 32.33
CA VAL A 617 -83.17 -44.75 33.58
C VAL A 617 -81.66 -44.67 33.44
N LEU A 618 -80.97 -44.40 34.54
CA LEU A 618 -79.50 -44.59 34.64
C LEU A 618 -79.24 -45.93 35.32
N LEU A 619 -78.73 -46.92 34.60
CA LEU A 619 -78.26 -48.21 35.15
C LEU A 619 -76.88 -47.97 35.75
N THR A 620 -76.73 -48.07 37.06
CA THR A 620 -75.48 -47.73 37.78
C THR A 620 -74.64 -48.98 37.97
N ASP A 621 -73.32 -48.83 37.86
CA ASP A 621 -72.32 -49.92 37.97
C ASP A 621 -72.79 -51.13 37.15
N TYR A 622 -73.24 -50.90 35.93
CA TYR A 622 -73.65 -51.99 35.00
C TYR A 622 -72.40 -52.79 34.64
N PRO A 623 -72.37 -54.12 34.91
CA PRO A 623 -71.17 -54.93 34.71
C PRO A 623 -70.73 -54.99 33.24
N VAL A 624 -69.48 -54.67 32.98
CA VAL A 624 -68.82 -54.74 31.64
C VAL A 624 -67.38 -55.13 31.90
N ASP A 625 -67.07 -56.42 31.86
CA ASP A 625 -65.70 -56.93 32.15
C ASP A 625 -64.76 -56.47 31.03
N LEU A 626 -63.46 -56.64 31.25
CA LEU A 626 -62.38 -56.16 30.33
C LEU A 626 -62.68 -56.61 28.89
N ASP A 627 -63.20 -57.84 28.72
CA ASP A 627 -63.46 -58.47 27.41
C ASP A 627 -64.91 -58.26 26.97
N GLU A 628 -65.62 -57.24 27.48
CA GLU A 628 -67.04 -57.01 27.13
C GLU A 628 -67.29 -55.54 26.76
N ILE A 629 -68.41 -55.33 26.08
CA ILE A 629 -69.06 -54.00 25.83
C ILE A 629 -70.54 -54.11 26.20
N ALA A 630 -71.14 -53.03 26.71
CA ALA A 630 -72.59 -52.93 26.92
C ALA A 630 -73.23 -52.47 25.60
N TYR A 631 -74.17 -53.25 25.07
CA TYR A 631 -75.05 -52.81 23.95
C TYR A 631 -76.50 -53.23 24.24
N PHE A 632 -77.45 -52.49 23.69
CA PHE A 632 -78.91 -52.68 23.85
C PHE A 632 -79.57 -52.42 22.50
N THR A 633 -80.60 -53.21 22.18
CA THR A 633 -81.41 -53.13 20.94
C THR A 633 -82.79 -52.58 21.32
N TRP A 634 -83.32 -51.69 20.49
CA TRP A 634 -84.71 -51.18 20.57
C TRP A 634 -85.68 -52.38 20.56
N ALA A 635 -86.74 -52.37 21.38
CA ALA A 635 -87.65 -53.53 21.57
C ALA A 635 -89.08 -53.16 21.19
N LEU B 10 44.03 67.24 11.45
CA LEU B 10 44.59 66.60 12.70
C LEU B 10 46.05 66.18 12.48
N ARG B 11 47.02 66.98 12.98
CA ARG B 11 48.48 66.77 12.76
C ARG B 11 49.09 65.89 13.87
N ALA B 12 49.88 64.88 13.47
CA ALA B 12 50.77 64.07 14.36
C ALA B 12 52.20 64.18 13.83
N GLU B 13 53.02 65.06 14.43
CA GLU B 13 54.38 65.38 13.96
C GLU B 13 54.26 66.01 12.55
N LEU B 14 54.71 65.34 11.48
CA LEU B 14 54.59 65.83 10.08
C LEU B 14 53.49 65.03 9.35
N LEU B 15 52.52 64.50 10.09
CA LEU B 15 51.42 63.65 9.55
C LEU B 15 50.12 64.45 9.62
N ASP B 16 49.46 64.62 8.47
CA ASP B 16 48.09 65.17 8.31
C ASP B 16 47.08 64.04 8.27
N LEU B 17 46.27 63.88 9.32
CA LEU B 17 45.15 62.89 9.41
C LEU B 17 43.82 63.59 9.11
N LYS B 18 43.19 63.22 7.98
CA LYS B 18 41.78 63.57 7.64
C LYS B 18 40.90 62.34 7.83
N ALA B 19 39.59 62.47 7.61
CA ALA B 19 38.58 61.41 7.83
C ALA B 19 38.79 60.25 6.82
N GLY B 20 39.31 60.55 5.62
CA GLY B 20 39.38 59.62 4.48
C GLY B 20 40.76 59.03 4.27
N GLY B 21 41.77 59.50 5.01
CA GLY B 21 43.14 58.97 4.92
C GLY B 21 44.14 59.87 5.62
N PHE B 22 45.43 59.69 5.32
CA PHE B 22 46.50 60.56 5.87
C PHE B 22 47.63 60.71 4.85
N SER B 23 48.41 61.78 5.01
CA SER B 23 49.67 62.06 4.29
C SER B 23 50.76 62.40 5.30
N ILE B 24 52.00 62.04 4.98
CA ILE B 24 53.21 62.32 5.80
C ILE B 24 54.14 63.15 4.92
N ARG B 25 54.77 64.15 5.53
CA ARG B 25 55.84 64.96 4.92
C ARG B 25 57.15 64.63 5.64
N ASN B 26 58.28 64.90 4.98
CA ASN B 26 59.64 64.88 5.58
C ASN B 26 59.93 66.30 6.08
N GLN B 27 61.07 66.48 6.74
CA GLN B 27 61.48 67.75 7.39
C GLN B 27 61.66 68.86 6.32
N LYS B 28 61.83 68.50 5.04
CA LYS B 28 61.95 69.49 3.93
C LYS B 28 60.56 69.84 3.38
N GLY B 29 59.50 69.18 3.85
CA GLY B 29 58.11 69.51 3.47
C GLY B 29 57.65 68.85 2.18
N GLU B 30 58.38 67.85 1.69
CA GLU B 30 57.90 66.98 0.58
C GLU B 30 56.88 65.97 1.14
N GLN B 31 55.83 65.68 0.38
CA GLN B 31 54.87 64.57 0.66
C GLN B 31 55.52 63.25 0.23
N VAL B 32 55.88 62.39 1.20
CA VAL B 32 56.63 61.11 0.95
C VAL B 32 55.69 59.90 1.11
N PHE B 33 54.50 60.09 1.66
CA PHE B 33 53.53 59.02 1.96
C PHE B 33 52.11 59.59 1.92
N ARG B 34 51.22 58.89 1.24
CA ARG B 34 49.79 59.26 1.08
C ARG B 34 48.96 57.97 1.09
N LEU B 35 47.93 57.92 1.93
CA LEU B 35 47.13 56.68 2.12
C LEU B 35 45.66 57.05 2.31
N ALA B 36 44.79 56.37 1.56
CA ALA B 36 43.32 56.49 1.62
C ALA B 36 42.76 55.33 2.44
N PHE B 37 41.85 55.59 3.37
CA PHE B 37 40.99 54.55 4.00
C PHE B 37 39.95 54.12 2.96
N ARG B 38 39.78 52.82 2.73
CA ARG B 38 38.91 52.31 1.63
C ARG B 38 37.84 51.34 2.14
N SER B 39 37.77 51.03 3.43
CA SER B 39 36.70 50.21 4.04
C SER B 39 35.92 51.03 5.08
N GLY B 40 35.99 52.36 5.02
CA GLY B 40 35.41 53.25 6.04
C GLY B 40 36.15 54.57 6.15
N ALA B 41 35.62 55.48 6.95
CA ALA B 41 36.23 56.79 7.29
C ALA B 41 36.24 56.92 8.81
N LEU B 42 37.23 57.63 9.36
CA LEU B 42 37.22 58.02 10.80
C LEU B 42 36.12 59.06 11.03
N ASP B 43 35.46 58.99 12.18
CA ASP B 43 34.80 60.17 12.80
C ASP B 43 35.87 60.87 13.62
N LEU B 44 36.39 62.00 13.13
CA LEU B 44 37.56 62.70 13.75
C LEU B 44 37.20 63.15 15.18
N ASP B 45 35.94 63.50 15.45
CA ASP B 45 35.48 63.94 16.79
C ASP B 45 35.72 62.83 17.81
N SER B 46 35.88 61.57 17.38
CA SER B 46 36.17 60.41 18.26
C SER B 46 37.67 60.29 18.53
N CYS B 47 38.49 61.09 17.84
CA CYS B 47 39.97 61.05 17.94
C CYS B 47 40.43 61.87 19.14
N SER B 48 41.52 61.48 19.78
CA SER B 48 42.19 62.27 20.84
C SER B 48 43.67 61.92 20.90
N ARG B 49 44.46 62.85 21.44
CA ARG B 49 45.94 62.79 21.52
C ARG B 49 46.33 62.63 22.99
N ASP B 50 47.07 61.57 23.31
CA ASP B 50 47.85 61.44 24.57
C ASP B 50 49.34 61.37 24.19
N GLY B 51 50.03 62.53 24.14
CA GLY B 51 51.46 62.61 23.81
C GLY B 51 51.74 62.22 22.37
N ALA B 52 52.49 61.14 22.13
CA ALA B 52 52.85 60.68 20.76
C ALA B 52 51.73 59.80 20.19
N LEU B 53 50.69 59.48 20.96
CA LEU B 53 49.59 58.55 20.54
C LEU B 53 48.35 59.36 20.15
N LEU B 54 47.88 59.17 18.91
CA LEU B 54 46.59 59.67 18.38
C LEU B 54 45.65 58.46 18.20
N GLY B 55 44.60 58.35 18.99
CA GLY B 55 43.63 57.25 18.92
C GLY B 55 42.24 57.75 18.53
N CYS B 56 41.49 56.95 17.77
CA CYS B 56 40.10 57.23 17.33
C CYS B 56 39.23 56.01 17.61
N SER B 57 38.04 56.20 18.19
CA SER B 57 37.23 55.11 18.81
C SER B 57 36.02 54.70 17.95
N LEU B 58 35.65 55.44 16.89
CA LEU B 58 34.60 54.99 15.94
C LEU B 58 34.71 55.64 14.56
N THR B 59 34.14 54.96 13.55
CA THR B 59 34.11 55.33 12.11
C THR B 59 33.02 56.37 11.87
N ALA B 60 32.92 56.91 10.65
CA ALA B 60 31.96 57.98 10.25
C ALA B 60 30.58 57.37 9.97
N ASP B 61 30.43 56.04 9.96
CA ASP B 61 29.12 55.33 9.99
C ASP B 61 28.71 55.05 11.44
N GLY B 62 29.55 55.38 12.42
CA GLY B 62 29.26 55.24 13.86
C GLY B 62 29.61 53.86 14.41
N LEU B 63 30.36 53.04 13.66
CA LEU B 63 30.77 51.67 14.13
C LEU B 63 32.00 51.80 15.04
N PRO B 64 32.09 51.01 16.14
CA PRO B 64 33.23 51.08 17.05
C PRO B 64 34.53 50.57 16.41
N LEU B 65 35.65 51.24 16.73
CA LEU B 65 36.94 51.11 16.02
C LEU B 65 38.08 51.17 17.04
N HIS B 66 39.11 50.35 16.89
CA HIS B 66 40.41 50.54 17.56
C HIS B 66 41.42 51.08 16.53
N PHE B 67 41.45 52.41 16.35
CA PHE B 67 42.39 53.11 15.44
C PHE B 67 43.41 53.92 16.25
N PHE B 68 44.70 53.76 15.99
CA PHE B 68 45.72 54.70 16.51
C PHE B 68 46.85 54.93 15.49
N ILE B 69 47.45 56.11 15.59
CA ILE B 69 48.79 56.43 15.04
C ILE B 69 49.67 56.78 16.24
N GLN B 70 50.78 56.07 16.43
CA GLN B 70 51.84 56.43 17.41
C GLN B 70 53.08 56.90 16.66
N THR B 71 53.56 58.10 16.99
CA THR B 71 54.80 58.70 16.44
C THR B 71 55.99 58.19 17.27
N VAL B 72 57.07 57.80 16.61
CA VAL B 72 58.30 57.25 17.25
C VAL B 72 59.52 57.89 16.56
N ARG B 73 60.48 58.39 17.35
CA ARG B 73 61.70 59.03 16.83
C ARG B 73 62.91 58.16 17.18
N PRO B 74 63.14 57.01 16.48
CA PRO B 74 64.21 56.09 16.86
C PRO B 74 65.64 56.65 16.68
N LYS B 75 65.87 57.52 15.70
CA LYS B 75 67.15 58.25 15.47
C LYS B 75 66.89 59.71 15.11
N ASP B 76 67.92 60.55 15.17
CA ASP B 76 67.85 61.99 14.81
C ASP B 76 67.32 62.14 13.38
N THR B 77 67.59 61.16 12.51
CA THR B 77 67.33 61.25 11.04
C THR B 77 66.13 60.39 10.62
N VAL B 78 65.48 59.67 11.54
CA VAL B 78 64.38 58.71 11.22
C VAL B 78 63.15 59.01 12.07
N MET B 79 62.02 59.32 11.43
CA MET B 79 60.70 59.49 12.07
C MET B 79 59.80 58.35 11.60
N CYS B 80 59.25 57.55 12.52
CA CYS B 80 58.31 56.45 12.21
C CYS B 80 56.92 56.74 12.75
N TYR B 81 55.91 56.12 12.11
CA TYR B 81 54.45 56.25 12.38
C TYR B 81 53.88 54.83 12.44
N ARG B 82 53.51 54.39 13.64
CA ARG B 82 52.83 53.10 13.88
C ARG B 82 51.32 53.32 13.69
N VAL B 83 50.71 52.55 12.78
CA VAL B 83 49.27 52.69 12.41
C VAL B 83 48.56 51.35 12.64
N ARG B 84 47.51 51.36 13.46
CA ARG B 84 46.57 50.22 13.64
C ARG B 84 45.17 50.68 13.24
N TRP B 85 44.48 49.89 12.41
CA TRP B 85 43.01 49.93 12.16
C TRP B 85 42.45 48.53 12.43
N GLU B 86 41.81 48.35 13.59
CA GLU B 86 41.25 47.06 14.05
C GLU B 86 39.74 47.22 14.27
N GLU B 87 38.92 46.43 13.58
CA GLU B 87 37.43 46.46 13.70
C GLU B 87 37.01 45.72 14.98
N ALA B 88 35.86 46.12 15.54
CA ALA B 88 35.33 45.61 16.83
C ALA B 88 34.91 44.13 16.74
N ALA B 89 34.65 43.59 15.54
CA ALA B 89 33.98 42.28 15.38
C ALA B 89 34.26 41.67 14.01
N PRO B 90 33.95 40.36 13.80
CA PRO B 90 34.12 39.72 12.51
C PRO B 90 33.23 40.34 11.42
N GLY B 91 33.45 39.94 10.16
CA GLY B 91 32.61 40.27 9.00
C GLY B 91 33.25 41.32 8.10
N ARG B 92 34.08 42.20 8.67
CA ARG B 92 34.48 43.52 8.07
C ARG B 92 35.97 43.51 7.68
N ALA B 93 36.28 43.17 6.43
CA ALA B 93 37.63 43.30 5.82
C ALA B 93 38.10 44.77 5.93
N VAL B 94 39.36 44.98 6.32
CA VAL B 94 39.99 46.34 6.39
C VAL B 94 40.83 46.51 5.11
N GLU B 95 40.62 47.61 4.37
CA GLU B 95 41.48 47.97 3.21
C GLU B 95 41.96 49.41 3.32
N HIS B 96 43.27 49.62 3.22
CA HIS B 96 43.90 50.95 2.96
C HIS B 96 44.61 50.90 1.61
N ALA B 97 44.43 51.94 0.80
CA ALA B 97 45.11 52.13 -0.50
C ALA B 97 46.31 53.07 -0.31
N MET B 98 47.53 52.54 -0.47
CA MET B 98 48.78 53.33 -0.39
C MET B 98 49.13 53.82 -1.79
N PHE B 99 49.13 55.14 -1.98
CA PHE B 99 49.46 55.81 -3.27
C PHE B 99 50.97 55.83 -3.43
N LEU B 100 51.47 55.46 -4.60
CA LEU B 100 52.92 55.46 -4.95
C LEU B 100 53.33 56.89 -5.31
N GLY B 101 52.40 57.68 -5.87
CA GLY B 101 52.54 59.13 -6.08
C GLY B 101 52.94 59.48 -7.50
N ASP B 102 53.57 60.64 -7.68
CA ASP B 102 53.94 61.18 -9.03
C ASP B 102 55.10 60.36 -9.59
N ALA B 103 55.47 60.64 -10.84
CA ALA B 103 56.43 59.88 -11.68
C ALA B 103 57.88 59.99 -11.15
N ALA B 104 58.16 60.91 -10.22
CA ALA B 104 59.50 61.05 -9.59
C ALA B 104 59.64 60.12 -8.37
N ALA B 105 58.53 59.55 -7.90
CA ALA B 105 58.51 58.60 -6.75
C ALA B 105 58.60 57.17 -7.31
N HIS B 106 59.63 56.43 -6.93
CA HIS B 106 59.90 55.05 -7.41
C HIS B 106 59.93 54.11 -6.20
N TRP B 107 59.40 52.89 -6.34
CA TRP B 107 59.24 51.93 -5.21
C TRP B 107 59.90 50.58 -5.51
N TYR B 108 60.33 49.91 -4.46
CA TYR B 108 61.14 48.67 -4.49
C TYR B 108 60.66 47.74 -3.37
N GLY B 109 60.81 46.43 -3.56
CA GLY B 109 60.55 45.40 -2.52
C GLY B 109 59.35 44.54 -2.89
N GLY B 110 58.54 44.18 -1.89
CA GLY B 110 57.36 43.32 -2.05
C GLY B 110 57.77 41.89 -2.35
N ALA B 111 57.43 41.43 -3.54
CA ALA B 111 57.54 40.02 -3.93
C ALA B 111 58.32 39.88 -5.23
N GLU B 112 59.10 38.80 -5.36
CA GLU B 112 59.42 38.21 -6.67
C GLU B 112 58.11 37.99 -7.42
N MET B 113 58.03 38.44 -8.67
CA MET B 113 56.84 38.34 -9.56
C MET B 113 57.30 37.74 -10.88
N ARG B 114 56.36 37.26 -11.69
CA ARG B 114 56.60 36.63 -13.01
C ARG B 114 57.21 37.68 -13.94
N THR B 115 56.53 38.82 -14.09
CA THR B 115 56.99 40.00 -14.85
C THR B 115 57.56 41.00 -13.83
N GLN B 116 58.89 41.03 -13.68
CA GLN B 116 59.58 41.79 -12.62
C GLN B 116 60.17 43.06 -13.21
N HIS B 117 59.65 44.21 -12.79
CA HIS B 117 60.14 45.55 -13.17
C HIS B 117 60.90 46.14 -12.00
N TRP B 118 61.82 47.07 -12.29
CA TRP B 118 62.56 47.84 -11.26
C TRP B 118 62.72 49.27 -11.77
N PRO B 119 62.09 50.29 -11.16
CA PRO B 119 61.27 50.13 -9.96
C PRO B 119 59.96 49.38 -10.23
N ILE B 120 59.21 49.10 -9.16
CA ILE B 120 57.94 48.31 -9.19
C ILE B 120 56.98 48.99 -10.17
N ARG B 121 56.49 48.26 -11.15
CA ARG B 121 55.32 48.66 -11.97
C ARG B 121 54.31 47.50 -11.97
N LEU B 122 53.08 47.76 -11.53
CA LEU B 122 51.98 46.77 -11.57
C LEU B 122 50.91 47.31 -12.53
N ASP B 123 50.57 46.51 -13.54
CA ASP B 123 49.71 46.86 -14.68
C ASP B 123 48.27 46.43 -14.35
N GLY B 124 47.28 47.16 -14.88
CA GLY B 124 45.86 46.82 -14.78
C GLY B 124 45.37 46.88 -13.34
N GLN B 125 44.46 45.95 -12.98
CA GLN B 125 43.68 45.97 -11.72
C GLN B 125 43.79 44.59 -11.06
N GLN B 126 43.96 44.55 -9.75
CA GLN B 126 43.97 43.27 -9.00
C GLN B 126 43.29 43.47 -7.63
N GLU B 127 42.19 42.78 -7.39
CA GLU B 127 41.52 42.70 -6.07
C GLU B 127 42.52 42.09 -5.10
N PRO B 128 42.60 42.54 -3.82
CA PRO B 128 43.57 42.01 -2.89
C PRO B 128 43.46 40.49 -2.78
N GLN B 129 44.56 39.77 -3.03
CA GLN B 129 44.60 38.30 -2.88
C GLN B 129 45.67 37.98 -1.84
N PRO B 130 45.66 36.77 -1.24
CA PRO B 130 46.60 36.42 -0.18
C PRO B 130 48.08 36.66 -0.52
N PHE B 131 48.78 37.39 0.35
CA PHE B 131 50.24 37.63 0.22
C PHE B 131 50.91 36.37 0.78
N VAL B 132 50.96 35.34 -0.04
CA VAL B 132 51.51 34.01 0.33
C VAL B 132 52.44 33.53 -0.77
N THR B 133 53.42 32.69 -0.40
CA THR B 133 54.40 32.07 -1.32
C THR B 133 53.64 31.31 -2.39
N SER B 134 53.70 31.76 -3.65
CA SER B 134 53.11 31.08 -4.84
C SER B 134 54.19 30.83 -5.91
N ASP B 135 53.89 29.87 -6.78
CA ASP B 135 54.60 29.56 -8.05
C ASP B 135 54.04 30.50 -9.12
N VAL B 136 54.82 31.52 -9.50
CA VAL B 136 54.37 32.59 -10.43
C VAL B 136 54.83 32.28 -11.86
N TYR B 137 55.33 31.08 -12.14
CA TYR B 137 55.82 30.73 -13.51
C TYR B 137 54.72 30.96 -14.54
N SER B 138 53.46 30.68 -14.20
CA SER B 138 52.29 30.74 -15.14
C SER B 138 51.36 31.90 -14.83
N SER B 139 51.61 32.71 -13.80
CA SER B 139 50.64 33.73 -13.32
C SER B 139 51.35 35.08 -13.03
N ASP B 140 50.86 36.15 -13.66
CA ASP B 140 51.26 37.57 -13.42
C ASP B 140 50.39 38.18 -12.33
N ALA B 141 49.46 37.42 -11.74
CA ALA B 141 48.60 37.86 -10.62
C ALA B 141 49.28 37.49 -9.29
N ALA B 142 49.79 36.27 -9.18
CA ALA B 142 50.25 35.69 -7.89
C ALA B 142 51.55 36.38 -7.44
N PHE B 143 51.90 36.19 -6.17
CA PHE B 143 53.16 36.61 -5.52
C PHE B 143 54.13 35.42 -5.46
N GLY B 144 55.40 35.66 -5.83
CA GLY B 144 56.43 34.60 -6.00
C GLY B 144 56.87 34.00 -4.67
N GLY B 145 57.86 33.10 -4.74
CA GLY B 145 58.26 32.22 -3.63
C GLY B 145 59.00 32.97 -2.56
N ILE B 146 59.56 34.12 -2.91
CA ILE B 146 60.35 35.00 -1.98
C ILE B 146 59.61 36.34 -1.93
N LEU B 147 59.18 36.74 -0.74
CA LEU B 147 58.49 38.03 -0.52
C LEU B 147 58.57 38.45 0.95
N GLU B 148 58.42 39.74 1.19
CA GLU B 148 58.31 40.38 2.51
C GLU B 148 57.26 41.47 2.36
N ARG B 149 56.50 41.74 3.42
CA ARG B 149 55.49 42.82 3.44
C ARG B 149 56.22 44.15 3.62
N TYR B 150 57.09 44.51 2.67
CA TYR B 150 58.03 45.65 2.79
C TYR B 150 58.14 46.38 1.46
N TRP B 151 57.85 47.68 1.47
CA TRP B 151 57.96 48.56 0.29
C TRP B 151 58.79 49.80 0.65
N LEU B 152 59.70 50.17 -0.25
CA LEU B 152 60.72 51.24 -0.09
C LEU B 152 60.48 52.28 -1.18
N SER B 153 60.50 53.57 -0.83
CA SER B 153 60.35 54.71 -1.79
C SER B 153 61.70 55.42 -2.00
N SER B 154 61.95 55.83 -3.25
CA SER B 154 63.10 56.66 -3.69
C SER B 154 63.10 58.02 -2.96
N ARG B 155 61.96 58.44 -2.40
CA ARG B 155 61.81 59.66 -1.58
C ARG B 155 62.15 59.39 -0.11
N ALA B 156 62.75 58.24 0.22
CA ALA B 156 63.26 57.89 1.58
C ALA B 156 62.10 57.66 2.56
N ALA B 157 61.00 57.07 2.10
CA ALA B 157 59.92 56.51 2.94
C ALA B 157 59.86 55.01 2.75
N ALA B 158 59.46 54.27 3.79
CA ALA B 158 59.39 52.80 3.78
C ALA B 158 58.23 52.34 4.67
N ILE B 159 57.54 51.27 4.26
CA ILE B 159 56.38 50.69 5.02
C ILE B 159 56.67 49.21 5.26
N LYS B 160 56.57 48.78 6.51
CA LYS B 160 56.57 47.36 6.93
C LYS B 160 55.17 47.04 7.48
N VAL B 161 54.39 46.25 6.75
CA VAL B 161 53.07 45.73 7.24
C VAL B 161 53.36 44.72 8.36
N ASN B 162 52.63 44.83 9.47
CA ASN B 162 52.84 44.03 10.71
C ASN B 162 52.68 42.53 10.41
N ASP B 163 53.46 41.69 11.08
CA ASP B 163 53.45 40.20 10.89
C ASP B 163 52.09 39.62 11.33
N SER B 164 51.37 40.27 12.24
CA SER B 164 50.07 39.82 12.80
C SER B 164 48.98 39.77 11.71
N VAL B 165 49.11 40.58 10.66
CA VAL B 165 47.98 40.92 9.73
C VAL B 165 47.65 39.71 8.85
N PRO B 166 46.37 39.34 8.72
CA PRO B 166 45.93 38.42 7.67
C PRO B 166 46.05 39.19 6.35
N PHE B 167 47.29 39.34 5.85
CA PHE B 167 47.64 40.36 4.84
C PHE B 167 47.29 39.89 3.44
N HIS B 168 46.57 40.76 2.72
CA HIS B 168 46.16 40.58 1.31
C HIS B 168 46.60 41.82 0.54
N LEU B 169 47.23 41.63 -0.62
CA LEU B 169 47.75 42.73 -1.47
C LEU B 169 47.04 42.72 -2.82
N GLY B 170 46.49 43.87 -3.20
CA GLY B 170 46.04 44.15 -4.57
C GLY B 170 46.74 45.39 -5.10
N TRP B 171 46.30 45.89 -6.24
CA TRP B 171 46.85 47.14 -6.83
C TRP B 171 45.83 47.71 -7.81
N ASN B 172 45.94 49.01 -8.07
CA ASN B 172 45.04 49.77 -8.96
C ASN B 172 45.93 50.72 -9.76
N SER B 173 46.21 50.37 -11.02
CA SER B 173 47.19 51.11 -11.86
C SER B 173 46.65 52.51 -12.20
N THR B 174 45.32 52.70 -12.20
CA THR B 174 44.66 53.99 -12.53
C THR B 174 45.08 55.09 -11.53
N GLU B 175 45.16 54.76 -10.24
CA GLU B 175 45.54 55.70 -9.16
C GLU B 175 46.95 55.37 -8.66
N ARG B 176 47.61 54.38 -9.29
CA ARG B 176 48.96 53.90 -8.93
C ARG B 176 49.03 53.61 -7.42
N SER B 177 48.17 52.71 -6.94
CA SER B 177 48.06 52.32 -5.51
C SER B 177 48.34 50.82 -5.32
N LEU B 178 48.83 50.48 -4.13
CA LEU B 178 48.78 49.12 -3.57
C LEU B 178 47.54 49.06 -2.66
N ARG B 179 46.79 47.97 -2.77
CA ARG B 179 45.60 47.73 -1.94
C ARG B 179 46.00 46.80 -0.81
N LEU B 180 46.18 47.36 0.39
CA LEU B 180 46.57 46.64 1.64
C LEU B 180 45.27 46.21 2.33
N GLN B 181 45.07 44.91 2.54
CA GLN B 181 43.81 44.38 3.10
C GLN B 181 44.11 43.36 4.20
N ALA B 182 43.39 43.51 5.32
CA ALA B 182 43.19 42.46 6.34
C ALA B 182 41.82 41.84 6.15
N ARG B 183 41.74 40.51 6.09
CA ARG B 183 40.46 39.76 5.96
C ARG B 183 40.65 38.30 6.38
N TYR B 184 39.55 37.65 6.79
CA TYR B 184 39.53 36.26 7.31
C TYR B 184 38.57 35.37 6.50
N HIS B 185 37.86 35.93 5.51
CA HIS B 185 36.98 35.18 4.57
C HIS B 185 37.71 34.93 3.25
N ASP B 186 37.50 33.76 2.62
CA ASP B 186 38.16 33.31 1.37
C ASP B 186 39.67 33.56 1.49
N THR B 187 40.36 32.82 2.35
CA THR B 187 41.78 33.05 2.66
C THR B 187 42.37 31.84 3.38
N PRO B 188 43.66 31.52 3.14
CA PRO B 188 44.33 30.48 3.92
C PRO B 188 44.79 30.94 5.32
N TYR B 189 44.56 32.21 5.68
CA TYR B 189 44.87 32.77 7.02
C TYR B 189 43.79 32.31 8.02
N LYS B 190 44.21 31.73 9.14
CA LYS B 190 43.34 31.40 10.30
C LYS B 190 43.70 32.36 11.42
N PRO B 191 42.72 32.84 12.22
CA PRO B 191 43.05 33.64 13.41
C PRO B 191 43.80 32.78 14.41
N PRO B 192 44.75 33.33 15.20
CA PRO B 192 45.60 32.50 16.06
C PRO B 192 44.85 31.69 17.11
N ALA B 196 39.84 34.64 17.45
CA ALA B 196 39.05 35.85 17.72
C ALA B 196 38.32 36.32 16.44
N ALA B 197 39.07 36.42 15.32
CA ALA B 197 38.57 36.55 13.92
C ALA B 197 38.15 37.99 13.58
N ALA B 198 38.54 38.97 14.40
CA ALA B 198 38.47 40.43 14.12
C ALA B 198 39.64 40.83 13.24
N PRO B 199 39.43 41.26 11.97
CA PRO B 199 40.51 41.69 11.10
C PRO B 199 41.12 43.03 11.54
N GLU B 200 42.43 43.13 11.33
CA GLU B 200 43.32 44.20 11.81
C GLU B 200 44.37 44.45 10.71
N LEU B 201 44.40 45.67 10.16
CA LEU B 201 45.49 46.16 9.29
C LEU B 201 46.38 47.07 10.12
N SER B 202 47.63 46.70 10.30
CA SER B 202 48.62 47.46 11.11
C SER B 202 49.97 47.43 10.41
N TYR B 203 50.71 48.54 10.50
CA TYR B 203 51.95 48.77 9.75
C TYR B 203 52.75 49.87 10.43
N ARG B 204 54.02 49.98 10.05
CA ARG B 204 54.92 51.09 10.44
C ARG B 204 55.40 51.77 9.17
N VAL B 205 55.24 53.09 9.09
CA VAL B 205 55.80 53.93 8.02
C VAL B 205 56.97 54.71 8.63
N CYS B 206 58.17 54.57 8.07
CA CYS B 206 59.39 55.31 8.52
C CYS B 206 59.87 56.21 7.39
N VAL B 207 60.33 57.41 7.77
CA VAL B 207 60.83 58.48 6.87
C VAL B 207 62.27 58.79 7.29
N GLY B 208 63.18 58.92 6.33
CA GLY B 208 64.61 59.19 6.57
C GLY B 208 65.13 60.27 5.67
N SER B 209 66.45 60.51 5.73
CA SER B 209 67.17 61.58 4.99
C SER B 209 67.42 61.13 3.55
N ASP B 210 67.63 59.85 3.30
CA ASP B 210 67.86 59.29 1.93
C ASP B 210 67.43 57.81 1.89
N VAL B 211 67.20 57.29 0.70
CA VAL B 211 66.57 55.95 0.46
C VAL B 211 67.46 54.84 1.06
N THR B 212 68.78 54.96 0.99
CA THR B 212 69.72 53.92 1.48
C THR B 212 69.67 53.88 3.01
N SER B 213 69.72 55.02 3.69
CA SER B 213 69.68 55.13 5.16
C SER B 213 68.39 54.50 5.70
N ILE B 214 67.23 54.88 5.17
CA ILE B 214 65.93 54.40 5.72
C ILE B 214 65.78 52.89 5.42
N HIS B 215 66.21 52.44 4.25
CA HIS B 215 66.26 50.99 3.91
C HIS B 215 67.09 50.23 4.95
N LYS B 216 68.29 50.72 5.26
CA LYS B 216 69.22 50.06 6.23
C LYS B 216 68.58 50.04 7.62
N TYR B 217 67.91 51.13 8.05
CA TYR B 217 67.11 51.13 9.29
C TYR B 217 66.08 49.99 9.25
N MET B 218 65.31 49.88 8.16
CA MET B 218 64.19 48.90 8.07
C MET B 218 64.77 47.48 8.03
N VAL B 219 65.82 47.24 7.24
CA VAL B 219 66.50 45.91 7.12
C VAL B 219 67.01 45.47 8.49
N ARG B 220 67.66 46.37 9.22
CA ARG B 220 68.25 46.08 10.55
C ARG B 220 67.14 45.76 11.55
N ARG B 221 65.98 46.40 11.42
CA ARG B 221 64.86 46.22 12.37
C ARG B 221 64.13 44.89 12.10
N TYR B 222 63.85 44.56 10.84
CA TYR B 222 62.86 43.52 10.44
C TYR B 222 63.51 42.23 9.92
N PHE B 223 64.63 42.29 9.19
CA PHE B 223 65.19 41.09 8.50
C PHE B 223 66.39 40.52 9.27
N ASN B 224 66.32 39.23 9.58
CA ASN B 224 67.46 38.42 10.07
C ASN B 224 68.49 38.33 8.95
N LYS B 225 69.73 38.06 9.29
CA LYS B 225 70.84 37.89 8.30
C LYS B 225 71.32 36.45 8.38
N PRO B 226 71.86 35.91 7.27
CA PRO B 226 72.59 34.64 7.33
C PRO B 226 73.78 34.83 8.28
N SER B 227 74.01 33.86 9.14
CA SER B 227 75.17 33.84 10.07
C SER B 227 76.35 33.11 9.43
N ARG B 228 76.14 32.43 8.31
CA ARG B 228 77.20 31.59 7.68
C ARG B 228 77.24 31.84 6.18
N VAL B 229 78.36 31.49 5.55
CA VAL B 229 78.61 31.65 4.08
C VAL B 229 78.60 30.25 3.44
N PRO B 230 77.88 30.07 2.32
CA PRO B 230 78.01 28.86 1.52
C PRO B 230 79.44 28.58 1.05
N ALA B 231 79.68 27.42 0.46
CA ALA B 231 80.99 26.95 -0.05
C ALA B 231 81.58 28.02 -0.96
N PRO B 232 82.88 28.37 -0.78
CA PRO B 232 83.53 29.41 -1.57
C PRO B 232 83.40 29.18 -3.09
N GLU B 233 83.42 27.92 -3.53
CA GLU B 233 83.46 27.55 -4.97
C GLU B 233 82.13 27.90 -5.62
N ALA B 234 81.04 27.93 -4.85
CA ALA B 234 79.70 28.30 -5.35
C ALA B 234 79.69 29.77 -5.80
N PHE B 235 80.63 30.58 -5.30
CA PHE B 235 80.78 32.01 -5.66
C PHE B 235 81.79 32.21 -6.79
N ARG B 236 82.37 31.12 -7.32
CA ARG B 236 83.46 31.19 -8.31
C ARG B 236 83.16 30.30 -9.51
N ASP B 237 83.03 28.99 -9.31
CA ASP B 237 82.93 28.03 -10.43
C ASP B 237 81.46 27.93 -10.86
N PRO B 238 81.21 27.65 -12.15
CA PRO B 238 79.85 27.43 -12.63
C PRO B 238 79.26 26.18 -11.97
N ILE B 239 77.99 26.26 -11.63
CA ILE B 239 77.12 25.11 -11.25
C ILE B 239 76.61 24.50 -12.55
N TRP B 240 76.52 23.17 -12.64
CA TRP B 240 76.03 22.48 -13.86
C TRP B 240 74.76 21.69 -13.49
N SER B 241 73.64 21.97 -14.15
CA SER B 241 72.31 21.34 -13.88
C SER B 241 71.88 20.50 -15.08
N THR B 242 71.32 19.32 -14.83
CA THR B 242 70.81 18.40 -15.87
C THR B 242 69.47 18.89 -16.42
N TRP B 243 68.78 19.81 -15.74
CA TRP B 243 67.32 20.06 -15.91
C TRP B 243 66.99 20.57 -17.32
N ALA B 244 67.45 21.77 -17.69
CA ALA B 244 67.10 22.41 -18.98
C ALA B 244 67.70 21.60 -20.14
N LEU B 245 68.85 20.95 -19.92
CA LEU B 245 69.60 20.20 -20.96
C LEU B 245 68.87 18.90 -21.30
N TYR B 246 68.50 18.09 -20.31
CA TYR B 246 67.99 16.70 -20.47
C TYR B 246 66.50 16.58 -20.11
N GLY B 247 65.98 17.42 -19.23
CA GLY B 247 64.61 17.31 -18.70
C GLY B 247 64.46 16.08 -17.85
N ARG B 248 63.21 15.59 -17.71
CA ARG B 248 62.86 14.43 -16.84
C ARG B 248 63.67 13.21 -17.27
N ALA B 249 63.95 13.06 -18.57
CA ALA B 249 64.59 11.89 -19.20
C ALA B 249 66.10 11.79 -18.87
N VAL B 250 66.61 12.55 -17.90
CA VAL B 250 67.99 12.40 -17.35
C VAL B 250 68.25 10.92 -17.05
N ASP B 251 69.51 10.47 -17.17
CA ASP B 251 69.89 9.06 -16.86
C ASP B 251 71.39 8.99 -16.55
N GLN B 252 71.86 7.79 -16.18
CA GLN B 252 73.27 7.54 -15.75
C GLN B 252 74.21 7.89 -16.90
N ASP B 253 73.91 7.43 -18.11
CA ASP B 253 74.74 7.68 -19.31
C ASP B 253 74.90 9.19 -19.52
N LYS B 254 73.79 9.92 -19.48
CA LYS B 254 73.69 11.37 -19.80
C LYS B 254 74.44 12.22 -18.75
N VAL B 255 74.33 11.87 -17.46
CA VAL B 255 75.04 12.57 -16.35
C VAL B 255 76.55 12.47 -16.61
N LEU B 256 77.05 11.28 -16.88
CA LEU B 256 78.51 11.01 -17.07
C LEU B 256 79.01 11.70 -18.34
N ARG B 257 78.25 11.63 -19.44
CA ARG B 257 78.57 12.32 -20.72
C ARG B 257 78.64 13.84 -20.50
N PHE B 258 77.69 14.40 -19.74
CA PHE B 258 77.62 15.84 -19.36
C PHE B 258 78.93 16.24 -18.64
N ALA B 259 79.28 15.49 -17.60
CA ALA B 259 80.48 15.71 -16.76
C ALA B 259 81.75 15.61 -17.61
N GLN B 260 81.84 14.62 -18.51
CA GLN B 260 83.03 14.45 -19.38
C GLN B 260 83.16 15.72 -20.26
N GLN B 261 82.06 16.20 -20.85
CA GLN B 261 82.05 17.37 -21.76
C GLN B 261 82.44 18.64 -20.99
N ILE B 262 81.98 18.76 -19.74
CA ILE B 262 82.39 19.86 -18.81
C ILE B 262 83.92 19.86 -18.68
N ARG B 263 84.54 18.68 -18.51
CA ARG B 263 86.02 18.54 -18.34
C ARG B 263 86.73 18.82 -19.67
N LEU B 264 86.24 18.26 -20.79
CA LEU B 264 86.88 18.38 -22.12
C LEU B 264 86.90 19.85 -22.59
N HIS B 265 85.87 20.64 -22.28
CA HIS B 265 85.79 22.09 -22.64
C HIS B 265 86.39 22.94 -21.51
N HIS B 266 87.09 22.33 -20.55
CA HIS B 266 88.03 23.00 -19.61
C HIS B 266 87.27 23.99 -18.70
N PHE B 267 86.15 23.55 -18.12
CA PHE B 267 85.38 24.32 -17.11
C PHE B 267 85.54 23.66 -15.75
N ASN B 268 85.78 24.49 -14.73
CA ASN B 268 85.61 24.12 -13.32
C ASN B 268 84.13 23.85 -13.07
N SER B 269 83.80 23.28 -11.92
CA SER B 269 82.43 22.95 -11.48
C SER B 269 82.32 23.16 -9.97
N SER B 270 81.41 24.00 -9.49
CA SER B 270 81.13 24.10 -8.04
C SER B 270 80.62 22.73 -7.60
N HIS B 271 79.69 22.19 -8.39
CA HIS B 271 79.05 20.88 -8.18
C HIS B 271 78.17 20.59 -9.41
N LEU B 272 77.79 19.33 -9.58
CA LEU B 272 76.83 18.89 -10.61
C LEU B 272 75.50 18.58 -9.91
N GLU B 273 74.41 19.14 -10.42
CA GLU B 273 73.05 19.04 -9.82
C GLU B 273 72.21 18.09 -10.69
N ILE B 274 71.96 16.88 -10.20
CA ILE B 274 71.09 15.89 -10.90
C ILE B 274 69.63 16.22 -10.54
N ASP B 275 68.84 16.61 -11.53
CA ASP B 275 67.46 17.11 -11.35
C ASP B 275 66.44 15.99 -11.58
N ASP B 276 65.15 16.33 -11.45
CA ASP B 276 63.97 15.56 -11.91
C ASP B 276 64.32 14.88 -13.24
N MET B 277 64.07 13.57 -13.41
CA MET B 277 63.60 12.58 -12.44
C MET B 277 64.64 11.47 -12.38
N TYR B 278 65.12 11.12 -11.18
CA TYR B 278 66.12 10.04 -10.98
C TYR B 278 65.55 8.95 -10.04
N THR B 279 64.26 9.01 -9.69
CA THR B 279 63.58 8.03 -8.80
C THR B 279 62.47 7.33 -9.58
N PRO B 280 62.04 6.12 -9.17
CA PRO B 280 60.96 5.41 -9.86
C PRO B 280 59.62 6.13 -9.75
N ALA B 281 59.36 6.77 -8.61
CA ALA B 281 58.14 7.60 -8.33
C ALA B 281 58.50 8.78 -7.42
N TYR B 282 57.70 9.85 -7.49
CA TYR B 282 57.88 11.09 -6.70
C TYR B 282 57.47 10.78 -5.26
N GLY B 283 58.44 10.79 -4.33
CA GLY B 283 58.27 10.38 -2.93
C GLY B 283 59.24 9.28 -2.53
N ASP B 284 59.69 8.45 -3.48
CA ASP B 284 60.80 7.48 -3.27
C ASP B 284 62.12 8.26 -3.28
N PHE B 285 63.04 7.95 -2.36
CA PHE B 285 64.37 8.61 -2.27
C PHE B 285 65.44 7.75 -2.95
N ASP B 286 65.20 6.45 -3.13
CA ASP B 286 66.11 5.50 -3.83
C ASP B 286 66.14 5.82 -5.33
N PHE B 287 67.32 5.71 -5.97
CA PHE B 287 67.50 5.91 -7.43
C PHE B 287 66.75 4.81 -8.21
N ASP B 288 66.18 5.16 -9.36
CA ASP B 288 65.54 4.23 -10.33
C ASP B 288 66.66 3.46 -11.05
N GLU B 289 66.69 2.12 -10.87
CA GLU B 289 67.78 1.22 -11.36
C GLU B 289 67.71 1.07 -12.88
N VAL B 290 66.57 1.35 -13.52
CA VAL B 290 66.43 1.29 -15.01
C VAL B 290 67.26 2.44 -15.60
N LYS B 291 67.02 3.66 -15.15
CA LYS B 291 67.74 4.87 -15.65
C LYS B 291 69.15 4.95 -15.05
N PHE B 292 69.39 4.39 -13.86
CA PHE B 292 70.70 4.46 -13.14
C PHE B 292 71.13 3.08 -12.65
N PRO B 293 71.55 2.16 -13.56
CA PRO B 293 71.86 0.78 -13.18
C PRO B 293 72.97 0.58 -12.14
N ASN B 294 73.94 1.50 -12.06
CA ASN B 294 74.98 1.45 -10.99
C ASN B 294 75.24 2.89 -10.50
N ALA B 295 74.34 3.42 -9.68
CA ALA B 295 74.44 4.76 -9.06
C ALA B 295 75.80 4.91 -8.39
N SER B 296 76.19 3.96 -7.54
CA SER B 296 77.47 3.93 -6.79
C SER B 296 78.66 4.20 -7.72
N ASP B 297 78.70 3.50 -8.86
CA ASP B 297 79.83 3.60 -9.82
C ASP B 297 79.81 4.96 -10.51
N MET B 298 78.62 5.48 -10.84
CA MET B 298 78.41 6.85 -11.39
C MET B 298 79.01 7.87 -10.41
N PHE B 299 78.64 7.78 -9.14
CA PHE B 299 79.09 8.71 -8.06
C PHE B 299 80.61 8.56 -7.85
N ARG B 300 81.15 7.35 -7.99
CA ARG B 300 82.60 7.05 -7.88
C ARG B 300 83.34 7.71 -9.06
N ARG B 301 82.82 7.57 -10.28
CA ARG B 301 83.41 8.16 -11.51
C ARG B 301 83.34 9.70 -11.43
N LEU B 302 82.23 10.24 -10.91
CA LEU B 302 82.03 11.70 -10.74
C LEU B 302 83.00 12.23 -9.68
N ARG B 303 83.11 11.54 -8.54
CA ARG B 303 84.03 11.89 -7.42
C ARG B 303 85.48 11.90 -7.92
N ASP B 304 85.89 10.85 -8.65
CA ASP B 304 87.26 10.69 -9.20
C ASP B 304 87.59 11.79 -10.21
N ALA B 305 86.59 12.28 -10.94
CA ALA B 305 86.74 13.37 -11.95
C ALA B 305 86.58 14.74 -11.27
N GLY B 306 86.53 14.79 -9.93
CA GLY B 306 86.55 16.04 -9.13
C GLY B 306 85.21 16.76 -9.10
N PHE B 307 84.09 16.02 -9.20
CA PHE B 307 82.72 16.58 -9.21
C PHE B 307 82.05 16.33 -7.87
N ARG B 308 81.74 17.41 -7.14
CA ARG B 308 80.74 17.43 -6.05
C ARG B 308 79.36 17.28 -6.69
N VAL B 309 78.42 16.62 -6.02
CA VAL B 309 77.05 16.34 -6.57
C VAL B 309 75.97 16.77 -5.57
N THR B 310 74.95 17.47 -6.06
CA THR B 310 73.69 17.75 -5.33
C THR B 310 72.53 17.05 -6.05
N LEU B 311 71.50 16.70 -5.30
CA LEU B 311 70.30 15.99 -5.80
C LEU B 311 69.07 16.87 -5.62
N TRP B 312 68.24 16.93 -6.66
CA TRP B 312 66.85 17.48 -6.65
C TRP B 312 65.97 16.70 -5.68
N VAL B 313 65.31 17.41 -4.75
CA VAL B 313 64.26 16.87 -3.84
C VAL B 313 63.11 17.87 -3.78
N HIS B 314 62.03 17.50 -3.11
CA HIS B 314 60.75 18.25 -3.07
C HIS B 314 59.94 17.78 -1.86
N PRO B 315 58.85 18.48 -1.48
CA PRO B 315 58.05 18.10 -0.32
C PRO B 315 56.88 17.12 -0.55
N PHE B 316 56.73 16.56 -1.75
CA PHE B 316 55.54 15.78 -2.16
C PHE B 316 55.81 14.26 -2.08
N VAL B 317 54.78 13.50 -1.71
CA VAL B 317 54.75 12.01 -1.90
C VAL B 317 53.49 11.67 -2.70
N ASN B 318 53.67 11.29 -3.97
CA ASN B 318 52.59 10.94 -4.92
C ASN B 318 51.92 9.65 -4.45
N TYR B 319 50.67 9.41 -4.84
CA TYR B 319 49.85 8.28 -4.34
C TYR B 319 50.45 6.94 -4.80
N ASN B 320 51.21 6.92 -5.90
CA ASN B 320 51.80 5.68 -6.47
C ASN B 320 53.28 5.56 -6.09
N SER B 321 53.75 6.35 -5.12
CA SER B 321 55.08 6.21 -4.47
C SER B 321 55.01 5.05 -3.46
N SER B 322 56.09 4.29 -3.33
CA SER B 322 56.25 3.20 -2.32
C SER B 322 56.27 3.77 -0.89
N ARG B 323 56.33 5.09 -0.73
CA ARG B 323 56.43 5.75 0.60
C ARG B 323 55.10 6.41 1.00
N PHE B 324 54.12 6.44 0.10
CA PHE B 324 52.81 7.10 0.33
C PHE B 324 52.10 6.48 1.54
N GLY B 325 51.95 5.15 1.54
CA GLY B 325 51.32 4.39 2.64
C GLY B 325 52.04 4.64 3.95
N GLU B 326 53.37 4.60 3.94
CA GLU B 326 54.23 4.91 5.10
C GLU B 326 53.81 6.27 5.68
N GLY B 327 53.61 7.28 4.81
CA GLY B 327 53.30 8.66 5.19
C GLY B 327 51.90 8.81 5.76
N VAL B 328 50.91 8.13 5.17
CA VAL B 328 49.50 8.11 5.66
C VAL B 328 49.51 7.58 7.10
N GLU B 329 50.18 6.44 7.31
CA GLU B 329 50.14 5.64 8.57
C GLU B 329 50.87 6.36 9.70
N ARG B 330 51.98 7.03 9.40
CA ARG B 330 52.84 7.72 10.40
C ARG B 330 52.36 9.17 10.58
N GLU B 331 51.37 9.59 9.76
CA GLU B 331 50.66 10.90 9.85
C GLU B 331 51.67 12.05 9.64
N LEU B 332 52.45 11.95 8.57
CA LEU B 332 53.58 12.86 8.25
C LEU B 332 53.11 13.99 7.32
N PHE B 333 51.88 13.91 6.80
CA PHE B 333 51.39 14.79 5.72
C PHE B 333 50.53 15.93 6.28
N VAL B 334 50.38 16.98 5.48
CA VAL B 334 49.46 18.11 5.75
C VAL B 334 48.04 17.54 5.66
N ARG B 335 47.20 17.87 6.63
CA ARG B 335 45.85 17.26 6.78
C ARG B 335 44.77 18.19 6.23
N GLU B 336 43.58 17.65 5.99
CA GLU B 336 42.35 18.44 5.70
C GLU B 336 41.99 19.21 6.98
N PRO B 337 41.01 20.14 6.92
CA PRO B 337 40.71 21.01 8.06
C PRO B 337 40.36 20.35 9.41
N THR B 338 39.71 19.17 9.42
CA THR B 338 39.31 18.46 10.68
C THR B 338 40.56 17.88 11.37
N GLY B 339 41.65 17.69 10.62
CA GLY B 339 43.00 17.39 11.16
C GLY B 339 43.19 15.91 11.41
N ARG B 340 42.46 15.05 10.69
CA ARG B 340 42.41 13.59 10.93
C ARG B 340 43.13 12.83 9.81
N LEU B 341 43.06 13.32 8.57
CA LEU B 341 43.49 12.56 7.37
C LEU B 341 44.38 13.44 6.49
N PRO B 342 45.31 12.84 5.72
CA PRO B 342 46.06 13.59 4.72
C PRO B 342 45.13 14.31 3.74
N ALA B 343 45.51 15.51 3.30
CA ALA B 343 44.86 16.25 2.21
C ALA B 343 45.67 16.06 0.93
N LEU B 344 45.02 15.65 -0.16
CA LEU B 344 45.69 15.45 -1.47
C LEU B 344 45.92 16.81 -2.14
N VAL B 345 47.01 16.94 -2.88
CA VAL B 345 47.38 18.17 -3.64
C VAL B 345 47.74 17.77 -5.06
N ARG B 346 47.65 18.73 -5.98
CA ARG B 346 48.19 18.57 -7.37
C ARG B 346 49.38 19.51 -7.52
N TRP B 347 50.52 18.99 -7.99
CA TRP B 347 51.69 19.77 -8.47
C TRP B 347 52.01 19.32 -9.89
N TRP B 348 53.01 19.93 -10.53
CA TRP B 348 53.29 19.73 -11.98
C TRP B 348 53.69 18.27 -12.26
N ASN B 349 54.07 17.49 -11.25
CA ASN B 349 54.46 16.05 -11.40
C ASN B 349 53.37 15.11 -10.88
N GLY B 350 52.17 15.61 -10.54
CA GLY B 350 50.96 14.79 -10.37
C GLY B 350 50.25 15.03 -9.05
N ILE B 351 49.68 13.96 -8.48
CA ILE B 351 48.79 14.05 -7.29
C ILE B 351 49.40 13.20 -6.17
N GLY B 352 49.51 13.80 -4.98
CA GLY B 352 49.94 13.10 -3.76
C GLY B 352 49.62 13.93 -2.53
N ALA B 353 50.33 13.65 -1.44
CA ALA B 353 50.29 14.43 -0.19
C ALA B 353 51.53 15.34 -0.15
N VAL B 354 51.55 16.29 0.78
CA VAL B 354 52.71 17.19 1.00
C VAL B 354 53.13 17.02 2.47
N LEU B 355 54.43 16.93 2.74
CA LEU B 355 54.96 16.65 4.10
C LEU B 355 54.67 17.85 5.00
N ASP B 356 54.33 17.58 6.26
CA ASP B 356 54.05 18.64 7.26
C ASP B 356 55.37 18.99 7.97
N PHE B 357 56.01 20.07 7.57
CA PHE B 357 57.36 20.43 8.09
C PHE B 357 57.23 21.13 9.45
N THR B 358 56.02 21.20 10.01
CA THR B 358 55.75 21.64 11.40
C THR B 358 55.75 20.44 12.34
N HIS B 359 55.74 19.22 11.79
CA HIS B 359 55.69 17.94 12.56
C HIS B 359 57.10 17.43 12.79
N PRO B 360 57.58 17.34 14.05
CA PRO B 360 58.93 16.83 14.32
C PRO B 360 59.25 15.51 13.61
N LYS B 361 58.26 14.61 13.53
CA LYS B 361 58.40 13.23 13.00
C LYS B 361 58.61 13.33 11.49
N ALA B 362 57.82 14.17 10.81
CA ALA B 362 57.88 14.39 9.35
C ALA B 362 59.24 15.02 8.98
N ARG B 363 59.79 15.88 9.83
CA ARG B 363 61.11 16.51 9.61
C ARG B 363 62.19 15.43 9.76
N ASP B 364 62.21 14.73 10.91
CA ASP B 364 63.18 13.64 11.18
C ASP B 364 63.17 12.67 10.00
N TRP B 365 61.97 12.37 9.48
CA TRP B 365 61.75 11.41 8.37
C TRP B 365 62.41 11.92 7.09
N PHE B 366 62.08 13.13 6.68
CA PHE B 366 62.69 13.83 5.51
C PHE B 366 64.22 13.83 5.66
N GLN B 367 64.72 14.32 6.80
CA GLN B 367 66.17 14.44 7.10
C GLN B 367 66.85 13.07 7.00
N GLY B 368 66.26 12.03 7.61
CA GLY B 368 66.76 10.65 7.55
C GLY B 368 67.07 10.21 6.13
N HIS B 369 66.15 10.45 5.18
CA HIS B 369 66.32 10.04 3.77
C HIS B 369 67.42 10.88 3.10
N LEU B 370 67.56 12.15 3.48
CA LEU B 370 68.63 13.04 2.96
C LEU B 370 69.98 12.50 3.46
N ARG B 371 70.10 12.24 4.76
CA ARG B 371 71.34 11.72 5.39
C ARG B 371 71.71 10.36 4.77
N ARG B 372 70.72 9.53 4.43
CA ARG B 372 70.95 8.19 3.80
C ARG B 372 71.54 8.39 2.40
N LEU B 373 71.05 9.40 1.66
CA LEU B 373 71.56 9.71 0.29
C LEU B 373 73.00 10.21 0.36
N ARG B 374 73.35 10.97 1.41
CA ARG B 374 74.75 11.47 1.61
C ARG B 374 75.64 10.29 1.98
N SER B 375 75.22 9.49 2.96
CA SER B 375 75.94 8.29 3.45
C SER B 375 76.23 7.31 2.31
N ARG B 376 75.23 7.01 1.48
CA ARG B 376 75.30 5.94 0.43
C ARG B 376 76.16 6.43 -0.75
N TYR B 377 76.08 7.72 -1.12
CA TYR B 377 76.60 8.24 -2.42
C TYR B 377 77.54 9.44 -2.27
N SER B 378 77.90 9.86 -1.05
CA SER B 378 78.68 11.10 -0.73
C SER B 378 78.14 12.30 -1.52
N VAL B 379 76.82 12.36 -1.73
CA VAL B 379 76.11 13.56 -2.22
C VAL B 379 76.40 14.71 -1.23
N ALA B 380 76.68 15.91 -1.73
CA ALA B 380 77.13 17.06 -0.92
C ALA B 380 75.93 17.74 -0.25
N SER B 381 74.89 18.01 -1.03
CA SER B 381 73.68 18.76 -0.58
C SER B 381 72.51 18.45 -1.51
N PHE B 382 71.49 19.32 -1.50
CA PHE B 382 70.22 19.10 -2.24
C PHE B 382 69.70 20.42 -2.79
N LYS B 383 69.07 20.35 -3.96
CA LYS B 383 68.20 21.43 -4.49
C LYS B 383 66.78 21.14 -4.02
N PHE B 384 66.27 22.02 -3.16
CA PHE B 384 64.95 21.95 -2.50
C PHE B 384 63.92 22.66 -3.39
N ASP B 385 63.24 21.89 -4.25
CA ASP B 385 62.22 22.41 -5.20
C ASP B 385 60.89 22.69 -4.47
N ALA B 386 59.99 23.40 -5.13
CA ALA B 386 58.68 23.85 -4.61
C ALA B 386 58.90 24.60 -3.28
N GLY B 387 58.00 24.46 -2.31
CA GLY B 387 58.06 25.18 -1.02
C GLY B 387 57.01 26.27 -0.91
N GLU B 388 56.37 26.61 -2.03
CA GLU B 388 55.23 27.58 -2.08
C GLU B 388 54.00 26.91 -1.47
N VAL B 389 53.18 27.69 -0.77
CA VAL B 389 51.93 27.21 -0.10
C VAL B 389 50.79 27.23 -1.12
N SER B 390 51.01 27.74 -2.33
CA SER B 390 50.04 27.62 -3.44
C SER B 390 49.86 26.13 -3.81
N TYR B 391 50.74 25.23 -3.34
CA TYR B 391 50.69 23.76 -3.56
C TYR B 391 50.12 23.04 -2.32
N LEU B 392 49.69 23.81 -1.31
CA LEU B 392 48.92 23.28 -0.15
C LEU B 392 47.45 23.53 -0.45
N PRO B 393 46.49 22.82 0.19
CA PRO B 393 45.07 23.08 -0.03
C PRO B 393 44.65 24.40 0.63
N ARG B 394 43.58 25.06 0.15
CA ARG B 394 43.22 26.44 0.63
C ARG B 394 43.12 26.43 2.16
N ASP B 395 42.21 25.61 2.69
CA ASP B 395 42.10 25.30 4.14
C ASP B 395 42.79 23.96 4.40
N PHE B 396 43.58 23.92 5.47
CA PHE B 396 44.45 22.78 5.82
C PHE B 396 44.80 22.86 7.31
N SER B 397 45.20 21.73 7.87
CA SER B 397 45.61 21.54 9.27
C SER B 397 47.07 21.06 9.30
N THR B 398 47.82 21.45 10.32
CA THR B 398 49.23 21.05 10.52
C THR B 398 49.41 20.70 12.01
N TYR B 399 50.44 19.92 12.32
CA TYR B 399 50.76 19.46 13.70
C TYR B 399 50.78 20.67 14.64
N ARG B 400 51.59 21.69 14.33
CA ARG B 400 51.51 23.04 14.93
C ARG B 400 50.60 23.89 14.05
N PRO B 401 49.64 24.65 14.62
CA PRO B 401 48.75 25.49 13.81
C PRO B 401 49.53 26.63 13.16
N LEU B 402 49.25 26.92 11.89
CA LEU B 402 49.90 28.03 11.14
C LEU B 402 48.83 29.07 10.81
N PRO B 403 48.62 30.07 11.69
CA PRO B 403 47.71 31.19 11.38
C PRO B 403 48.17 31.89 10.09
N ASP B 404 49.50 32.00 9.91
CA ASP B 404 50.15 32.51 8.67
C ASP B 404 50.61 31.32 7.82
N PRO B 405 49.89 30.95 6.73
CA PRO B 405 50.18 29.72 6.00
C PRO B 405 51.64 29.64 5.49
N SER B 406 52.18 30.79 5.08
CA SER B 406 53.51 30.89 4.40
C SER B 406 54.63 30.47 5.35
N VAL B 407 54.40 30.39 6.66
CA VAL B 407 55.40 29.90 7.65
C VAL B 407 55.70 28.42 7.34
N TRP B 408 54.81 27.71 6.64
CA TRP B 408 55.09 26.35 6.11
C TRP B 408 56.32 26.40 5.19
N SER B 409 56.38 27.40 4.31
CA SER B 409 57.52 27.65 3.39
C SER B 409 58.81 27.76 4.20
N ARG B 410 58.78 28.56 5.28
CA ARG B 410 59.91 28.75 6.22
C ARG B 410 60.36 27.38 6.72
N ARG B 411 59.43 26.61 7.29
CA ARG B 411 59.69 25.31 7.94
C ARG B 411 60.35 24.37 6.93
N TYR B 412 59.93 24.44 5.65
CA TYR B 412 60.52 23.62 4.56
C TYR B 412 61.97 24.07 4.32
N THR B 413 62.20 25.38 4.15
CA THR B 413 63.55 25.94 3.91
C THR B 413 64.49 25.50 5.04
N GLU B 414 63.97 25.21 6.24
CA GLU B 414 64.82 24.81 7.41
C GLU B 414 65.45 23.45 7.16
N MET B 415 64.92 22.67 6.21
CA MET B 415 65.45 21.34 5.86
C MET B 415 66.82 21.52 5.17
N ALA B 416 67.07 22.67 4.56
CA ALA B 416 68.36 23.02 3.95
C ALA B 416 69.44 23.17 5.02
N LEU B 417 69.09 23.49 6.27
CA LEU B 417 70.06 23.96 7.31
C LEU B 417 71.24 23.00 7.50
N PRO B 418 71.06 21.67 7.70
CA PRO B 418 72.20 20.78 7.89
C PRO B 418 73.16 20.67 6.68
N PHE B 419 72.70 21.06 5.49
CA PHE B 419 73.45 20.95 4.21
C PHE B 419 73.52 22.31 3.52
N PHE B 420 73.48 23.40 4.31
CA PHE B 420 73.33 24.80 3.82
C PHE B 420 74.42 25.13 2.80
N SER B 421 75.59 24.54 2.98
CA SER B 421 76.85 24.99 2.33
C SER B 421 76.74 24.92 0.79
N LEU B 422 75.96 23.97 0.24
CA LEU B 422 75.70 23.86 -1.21
C LEU B 422 74.21 23.63 -1.50
N ALA B 423 73.32 23.94 -0.54
CA ALA B 423 71.85 23.83 -0.72
C ALA B 423 71.37 25.03 -1.53
N GLU B 424 70.28 24.85 -2.28
CA GLU B 424 69.45 25.97 -2.81
C GLU B 424 67.97 25.70 -2.48
N VAL B 425 67.23 26.77 -2.22
CA VAL B 425 65.74 26.80 -2.10
C VAL B 425 65.24 27.83 -3.10
N ARG B 426 63.95 27.80 -3.45
CA ARG B 426 63.35 28.80 -4.39
C ARG B 426 62.24 29.58 -3.69
N VAL B 427 62.09 29.40 -2.37
CA VAL B 427 61.11 30.19 -1.55
C VAL B 427 61.86 30.77 -0.36
N GLY B 428 61.32 31.85 0.16
CA GLY B 428 61.84 32.52 1.34
C GLY B 428 60.74 33.29 2.03
N TYR B 429 60.41 32.91 3.26
CA TYR B 429 59.43 33.62 4.12
C TYR B 429 60.06 33.73 5.49
N GLN B 430 60.73 34.86 5.75
CA GLN B 430 61.63 34.99 6.92
C GLN B 430 62.62 33.82 6.89
N SER B 431 63.14 33.47 5.71
CA SER B 431 64.13 32.36 5.53
C SER B 431 65.55 32.94 5.43
N GLN B 432 65.72 34.24 5.69
CA GLN B 432 66.98 35.00 5.46
C GLN B 432 68.15 34.37 6.22
N ASN B 433 67.95 33.89 7.46
CA ASN B 433 69.04 33.41 8.34
C ASN B 433 69.38 31.95 8.01
N ILE B 434 68.69 31.38 7.03
CA ILE B 434 69.08 30.08 6.41
C ILE B 434 70.15 30.45 5.39
N SER B 435 71.39 30.00 5.62
CA SER B 435 72.58 30.61 5.00
C SER B 435 72.92 29.86 3.70
N CYS B 436 71.90 29.43 2.94
CA CYS B 436 72.02 28.76 1.64
C CYS B 436 71.73 29.76 0.53
N PHE B 437 71.77 29.29 -0.72
CA PHE B 437 71.43 30.07 -1.93
C PHE B 437 69.93 30.09 -2.13
N PHE B 438 69.43 31.19 -2.70
CA PHE B 438 68.02 31.39 -3.06
C PHE B 438 67.97 31.53 -4.58
N ARG B 439 67.21 30.65 -5.23
CA ARG B 439 67.09 30.60 -6.70
C ARG B 439 65.84 31.38 -7.13
N LEU B 440 65.97 32.26 -8.12
CA LEU B 440 64.82 32.86 -8.84
C LEU B 440 64.00 31.71 -9.48
N VAL B 441 62.68 31.81 -9.43
CA VAL B 441 61.77 30.83 -10.07
C VAL B 441 62.11 30.82 -11.56
N ASP B 442 62.08 29.62 -12.15
CA ASP B 442 62.44 29.27 -13.55
C ASP B 442 62.35 30.48 -14.48
N ARG B 443 63.47 30.83 -15.11
CA ARG B 443 63.56 31.89 -16.15
C ARG B 443 63.25 31.26 -17.51
N ASP B 444 62.53 31.99 -18.37
CA ASP B 444 62.22 31.57 -19.76
C ASP B 444 63.31 32.11 -20.70
N SER B 445 63.59 31.36 -21.77
CA SER B 445 64.58 31.71 -22.81
C SER B 445 64.02 32.79 -23.73
N VAL B 446 63.64 33.94 -23.15
CA VAL B 446 63.14 35.15 -23.88
C VAL B 446 63.95 36.36 -23.40
N TRP B 447 63.80 37.50 -24.09
CA TRP B 447 64.56 38.75 -23.81
C TRP B 447 63.88 39.55 -22.69
N GLY B 448 62.56 39.45 -22.58
CA GLY B 448 61.72 40.45 -21.90
C GLY B 448 61.70 40.31 -20.39
N TYR B 449 60.87 41.12 -19.75
CA TYR B 449 60.73 41.24 -18.27
C TYR B 449 59.88 40.07 -17.72
N ASP B 450 59.21 39.34 -18.61
CA ASP B 450 58.37 38.16 -18.28
C ASP B 450 59.28 36.93 -18.13
N LEU B 451 60.05 36.90 -17.04
CA LEU B 451 60.96 35.79 -16.64
C LEU B 451 62.14 35.67 -17.63
N GLY B 452 62.37 36.69 -18.45
CA GLY B 452 63.45 36.67 -19.46
C GLY B 452 64.69 37.43 -19.01
N LEU B 453 65.58 37.76 -19.94
CA LEU B 453 66.89 38.38 -19.65
C LEU B 453 66.67 39.69 -18.87
N ARG B 454 65.76 40.54 -19.31
CA ARG B 454 65.53 41.87 -18.69
C ARG B 454 64.90 41.72 -17.30
N SER B 455 64.46 40.54 -16.90
CA SER B 455 63.89 40.28 -15.56
C SER B 455 65.00 40.03 -14.55
N LEU B 456 66.18 39.63 -15.00
CA LEU B 456 67.26 39.14 -14.08
C LEU B 456 67.60 40.22 -13.06
N ILE B 457 67.91 41.43 -13.52
CA ILE B 457 68.43 42.50 -12.62
C ILE B 457 67.31 42.91 -11.68
N PRO B 458 66.08 43.23 -12.17
CA PRO B 458 64.95 43.49 -11.28
C PRO B 458 64.74 42.39 -10.22
N ALA B 459 64.68 41.13 -10.63
CA ALA B 459 64.39 39.99 -9.72
C ALA B 459 65.50 39.90 -8.67
N VAL B 460 66.76 39.91 -9.10
CA VAL B 460 67.92 39.81 -8.19
C VAL B 460 67.94 41.01 -7.23
N LEU B 461 67.69 42.22 -7.72
CA LEU B 461 67.67 43.45 -6.87
C LEU B 461 66.56 43.34 -5.84
N THR B 462 65.35 42.96 -6.30
CA THR B 462 64.15 42.77 -5.43
C THR B 462 64.49 41.82 -4.29
N VAL B 463 65.02 40.65 -4.62
CA VAL B 463 65.29 39.58 -3.61
C VAL B 463 66.43 40.04 -2.69
N SER B 464 67.45 40.69 -3.24
CA SER B 464 68.62 41.22 -2.50
C SER B 464 68.14 42.19 -1.42
N MET B 465 67.21 43.06 -1.76
CA MET B 465 66.82 44.12 -0.81
C MET B 465 65.95 43.55 0.32
N LEU B 466 65.40 42.34 0.15
CA LEU B 466 64.56 41.64 1.17
C LEU B 466 65.43 40.84 2.14
N GLY B 467 66.76 41.01 2.10
CA GLY B 467 67.69 40.42 3.09
C GLY B 467 68.26 39.07 2.66
N TYR B 468 68.10 38.67 1.40
CA TYR B 468 68.62 37.40 0.82
C TYR B 468 69.80 37.72 -0.09
N PRO B 469 71.05 37.73 0.42
CA PRO B 469 72.21 38.12 -0.38
C PRO B 469 72.72 37.03 -1.35
N PHE B 470 72.59 35.76 -0.98
CA PHE B 470 73.16 34.62 -1.75
C PHE B 470 72.16 34.19 -2.81
N ILE B 471 72.12 34.91 -3.94
CA ILE B 471 71.10 34.73 -5.01
C ILE B 471 71.71 33.96 -6.19
N LEU B 472 70.95 33.01 -6.71
CA LEU B 472 71.24 32.21 -7.92
C LEU B 472 70.14 32.53 -8.93
N PRO B 473 70.44 33.30 -10.00
CA PRO B 473 69.43 33.69 -10.98
C PRO B 473 69.11 32.57 -11.98
N ASP B 474 68.67 31.43 -11.47
CA ASP B 474 68.22 30.23 -12.24
C ASP B 474 69.31 29.84 -13.26
N MET B 475 68.94 29.62 -14.53
CA MET B 475 69.80 28.92 -15.53
C MET B 475 70.26 29.94 -16.57
N VAL B 476 71.55 29.92 -16.91
CA VAL B 476 72.08 30.71 -18.06
C VAL B 476 71.29 30.29 -19.31
N GLY B 477 70.65 31.26 -19.96
CA GLY B 477 69.88 31.09 -21.21
C GLY B 477 68.43 30.74 -20.95
N GLY B 478 68.06 30.47 -19.69
CA GLY B 478 66.71 30.04 -19.29
C GLY B 478 66.51 28.55 -19.48
N ASN B 479 65.28 28.07 -19.30
CA ASN B 479 64.95 26.63 -19.24
C ASN B 479 64.52 26.10 -20.62
N ALA B 480 64.43 26.95 -21.63
CA ALA B 480 64.18 26.55 -23.03
C ALA B 480 62.89 25.71 -23.11
N VAL B 481 61.81 26.20 -22.53
CA VAL B 481 60.46 25.58 -22.58
C VAL B 481 59.88 25.87 -23.96
N PRO B 482 59.35 24.85 -24.68
CA PRO B 482 58.68 25.09 -25.96
C PRO B 482 57.60 26.17 -25.86
N GLN B 483 57.48 27.00 -26.91
CA GLN B 483 56.48 28.10 -27.02
C GLN B 483 56.87 29.29 -26.13
N ARG B 484 57.91 29.14 -25.31
CA ARG B 484 58.46 30.21 -24.41
C ARG B 484 59.97 30.31 -24.64
N THR B 485 60.42 30.17 -25.89
CA THR B 485 61.84 30.21 -26.29
C THR B 485 61.97 31.10 -27.53
N ALA B 486 62.70 32.21 -27.42
CA ALA B 486 63.26 32.96 -28.59
C ALA B 486 64.38 32.11 -29.21
N GLY B 487 64.08 31.35 -30.27
CA GLY B 487 65.03 30.52 -31.04
C GLY B 487 64.70 29.02 -31.10
N GLY B 488 63.50 28.58 -30.70
CA GLY B 488 63.02 27.20 -30.95
C GLY B 488 63.50 26.19 -29.91
N ASP B 489 64.43 25.30 -30.27
CA ASP B 489 64.91 24.17 -29.41
C ASP B 489 65.68 24.72 -28.19
N VAL B 490 66.60 25.65 -28.44
CA VAL B 490 67.42 26.36 -27.41
C VAL B 490 67.30 27.85 -27.66
N PRO B 491 67.62 28.70 -26.65
CA PRO B 491 67.67 30.14 -26.87
C PRO B 491 68.53 30.52 -28.08
N GLU B 492 68.09 31.52 -28.85
CA GLU B 492 68.93 32.10 -29.93
C GLU B 492 70.27 32.49 -29.32
N ARG B 493 71.31 32.42 -30.15
CA ARG B 493 72.75 32.50 -29.80
C ARG B 493 73.06 33.78 -29.02
N GLU B 494 72.60 34.93 -29.54
CA GLU B 494 72.88 36.27 -28.97
C GLU B 494 72.26 36.35 -27.57
N LEU B 495 71.08 35.76 -27.38
CA LEU B 495 70.40 35.73 -26.07
C LEU B 495 71.24 34.92 -25.07
N TYR B 496 71.71 33.73 -25.45
CA TYR B 496 72.55 32.85 -24.60
C TYR B 496 73.79 33.62 -24.13
N ILE B 497 74.47 34.28 -25.06
CA ILE B 497 75.75 35.04 -24.84
C ILE B 497 75.49 36.19 -23.85
N ARG B 498 74.49 37.04 -24.14
CA ARG B 498 74.21 38.25 -23.32
C ARG B 498 73.82 37.81 -21.89
N TRP B 499 73.17 36.65 -21.76
CA TRP B 499 72.70 36.09 -20.47
C TRP B 499 73.89 35.57 -19.66
N LEU B 500 74.70 34.73 -20.28
CA LEU B 500 76.00 34.22 -19.78
C LEU B 500 76.78 35.37 -19.17
N GLU B 501 76.88 36.49 -19.89
CA GLU B 501 77.73 37.65 -19.53
C GLU B 501 77.20 38.26 -18.22
N VAL B 502 75.89 38.51 -18.11
CA VAL B 502 75.31 39.12 -16.89
C VAL B 502 75.36 38.10 -15.74
N ALA B 503 75.13 36.82 -16.01
CA ALA B 503 75.15 35.72 -15.01
C ALA B 503 76.55 35.57 -14.39
N ALA B 504 77.61 35.82 -15.17
CA ALA B 504 79.01 35.73 -14.70
C ALA B 504 79.28 36.75 -13.57
N PHE B 505 78.47 37.81 -13.46
CA PHE B 505 78.65 38.89 -12.46
C PHE B 505 77.67 38.74 -11.29
N MET B 506 76.87 37.67 -11.23
CA MET B 506 75.89 37.41 -10.13
C MET B 506 76.53 36.51 -9.07
N PRO B 507 75.99 36.44 -7.83
CA PRO B 507 76.64 35.70 -6.77
C PRO B 507 76.91 34.21 -7.06
N ALA B 508 76.01 33.56 -7.78
CA ALA B 508 76.21 32.16 -8.26
C ALA B 508 75.79 32.08 -9.71
N MET B 509 76.51 31.28 -10.47
CA MET B 509 76.32 31.13 -11.93
C MET B 509 76.05 29.65 -12.24
N GLN B 510 74.93 29.35 -12.90
CA GLN B 510 74.49 27.98 -13.18
C GLN B 510 74.22 27.83 -14.67
N PHE B 511 74.99 26.96 -15.32
CA PHE B 511 74.72 26.45 -16.70
C PHE B 511 73.84 25.20 -16.59
N SER B 512 72.94 25.02 -17.55
CA SER B 512 72.31 23.71 -17.85
C SER B 512 72.57 23.42 -19.33
N ILE B 513 71.89 24.13 -20.23
CA ILE B 513 72.20 24.10 -21.68
C ILE B 513 73.61 24.68 -21.79
N PRO B 514 74.62 23.86 -22.18
CA PRO B 514 76.01 24.27 -22.12
C PRO B 514 76.48 25.09 -23.33
N PRO B 515 77.60 25.83 -23.19
CA PRO B 515 78.15 26.62 -24.28
C PRO B 515 78.39 25.84 -25.59
N TRP B 516 78.79 24.56 -25.51
CA TRP B 516 79.22 23.74 -26.67
C TRP B 516 78.01 23.18 -27.42
N ARG B 517 76.80 23.47 -26.94
CA ARG B 517 75.54 23.23 -27.69
C ARG B 517 75.49 24.20 -28.89
N TYR B 518 76.25 25.29 -28.86
CA TYR B 518 76.21 26.37 -29.89
C TYR B 518 77.38 26.24 -30.87
N ASP B 519 78.57 26.70 -30.49
CA ASP B 519 79.78 26.78 -31.38
C ASP B 519 80.99 27.18 -30.53
N ALA B 520 82.18 27.16 -31.14
CA ALA B 520 83.50 27.36 -30.49
C ALA B 520 83.60 28.79 -29.94
N GLU B 521 82.99 29.77 -30.61
CA GLU B 521 83.07 31.19 -30.21
C GLU B 521 82.29 31.37 -28.89
N VAL B 522 81.12 30.72 -28.76
CA VAL B 522 80.30 30.76 -27.52
C VAL B 522 81.08 30.09 -26.39
N VAL B 523 81.71 28.93 -26.63
CA VAL B 523 82.55 28.22 -25.62
C VAL B 523 83.63 29.20 -25.14
N ALA B 524 84.35 29.83 -26.08
CA ALA B 524 85.45 30.77 -25.81
C ALA B 524 84.92 31.96 -24.97
N ILE B 525 83.78 32.53 -25.35
CA ILE B 525 83.14 33.64 -24.57
C ILE B 525 82.88 33.17 -23.14
N ALA B 526 82.38 31.94 -22.96
CA ALA B 526 82.05 31.35 -21.64
C ALA B 526 83.33 31.15 -20.84
N GLN B 527 84.40 30.68 -21.51
CA GLN B 527 85.74 30.49 -20.91
C GLN B 527 86.29 31.84 -20.45
N LYS B 528 86.14 32.88 -21.28
CA LYS B 528 86.57 34.25 -20.94
C LYS B 528 85.81 34.72 -19.68
N PHE B 529 84.50 34.49 -19.61
CA PHE B 529 83.66 35.03 -18.52
C PHE B 529 83.86 34.19 -17.24
N ALA B 530 84.15 32.90 -17.38
CA ALA B 530 84.55 32.03 -16.25
C ALA B 530 85.86 32.56 -15.65
N ALA B 531 86.85 32.84 -16.50
CA ALA B 531 88.17 33.37 -16.09
C ALA B 531 87.98 34.73 -15.40
N LEU B 532 87.16 35.60 -15.98
CA LEU B 532 86.91 36.96 -15.45
C LEU B 532 86.16 36.88 -14.11
N ARG B 533 85.17 36.01 -14.02
CA ARG B 533 84.45 35.75 -12.74
C ARG B 533 85.45 35.27 -11.68
N ALA B 534 86.33 34.32 -12.04
CA ALA B 534 87.33 33.72 -11.12
C ALA B 534 88.28 34.80 -10.55
N SER B 535 88.76 35.73 -11.37
CA SER B 535 89.87 36.66 -11.02
C SER B 535 89.36 38.02 -10.52
N LEU B 536 88.22 38.51 -11.02
CA LEU B 536 87.66 39.84 -10.66
C LEU B 536 86.44 39.71 -9.74
N VAL B 537 85.46 38.88 -10.09
CA VAL B 537 84.11 38.88 -9.45
C VAL B 537 84.13 38.03 -8.17
N ALA B 538 84.60 36.79 -8.24
CA ALA B 538 84.60 35.80 -7.12
C ALA B 538 85.28 36.37 -5.88
N PRO B 539 86.51 36.92 -5.96
CA PRO B 539 87.18 37.49 -4.78
C PRO B 539 86.34 38.56 -4.05
N LEU B 540 85.61 39.36 -4.83
CA LEU B 540 84.77 40.45 -4.31
C LEU B 540 83.47 39.87 -3.72
N LEU B 541 82.86 38.88 -4.38
CA LEU B 541 81.68 38.14 -3.86
C LEU B 541 82.00 37.50 -2.50
N LEU B 542 83.13 36.80 -2.38
CA LEU B 542 83.52 36.11 -1.11
C LEU B 542 83.70 37.13 0.03
N GLU B 543 84.27 38.30 -0.25
CA GLU B 543 84.47 39.34 0.79
C GLU B 543 83.11 39.87 1.24
N LEU B 544 82.23 40.18 0.29
CA LEU B 544 80.88 40.74 0.55
C LEU B 544 80.01 39.67 1.22
N ALA B 545 80.20 38.40 0.91
CA ALA B 545 79.44 37.29 1.54
C ALA B 545 79.78 37.25 3.03
N GLY B 546 81.08 37.28 3.37
CA GLY B 546 81.56 37.39 4.77
C GLY B 546 81.01 38.64 5.46
N GLU B 547 80.89 39.74 4.72
CA GLU B 547 80.47 41.07 5.23
C GLU B 547 78.96 41.05 5.54
N VAL B 548 78.14 40.40 4.70
CA VAL B 548 76.66 40.49 4.83
C VAL B 548 76.27 39.89 6.18
N THR B 549 76.88 38.78 6.55
CA THR B 549 76.81 38.14 7.89
C THR B 549 76.78 39.19 9.01
N ASP B 550 77.47 40.31 8.85
CA ASP B 550 77.57 41.40 9.85
C ASP B 550 76.60 42.54 9.51
N THR B 551 76.64 43.07 8.29
CA THR B 551 75.89 44.30 7.87
C THR B 551 74.42 43.99 7.57
N GLY B 552 74.11 42.79 7.09
CA GLY B 552 72.77 42.43 6.55
C GLY B 552 72.48 43.09 5.21
N ASP B 553 73.42 43.88 4.68
CA ASP B 553 73.32 44.52 3.34
C ASP B 553 73.31 43.45 2.26
N PRO B 554 72.72 43.72 1.08
CA PRO B 554 72.82 42.78 -0.03
C PRO B 554 74.22 42.68 -0.63
N ILE B 555 74.44 41.70 -1.50
CA ILE B 555 75.67 41.58 -2.33
C ILE B 555 75.44 42.37 -3.62
N VAL B 556 74.40 42.00 -4.37
CA VAL B 556 73.97 42.71 -5.60
C VAL B 556 73.17 43.95 -5.18
N ARG B 557 73.63 45.14 -5.58
CA ARG B 557 73.05 46.41 -5.10
C ARG B 557 72.61 47.25 -6.28
N PRO B 558 71.49 47.99 -6.15
CA PRO B 558 71.06 48.95 -7.17
C PRO B 558 72.01 50.17 -7.21
N LEU B 559 72.05 50.89 -8.33
CA LEU B 559 72.92 52.08 -8.53
C LEU B 559 72.64 53.13 -7.43
N TRP B 560 71.38 53.27 -7.02
CA TRP B 560 70.96 54.30 -6.02
C TRP B 560 71.57 54.01 -4.65
N TRP B 561 72.11 52.82 -4.43
CA TRP B 561 72.73 52.43 -3.14
C TRP B 561 73.79 53.45 -2.76
N ILE B 562 74.67 53.82 -3.71
CA ILE B 562 75.80 54.78 -3.49
C ILE B 562 75.38 56.18 -3.92
N ALA B 563 74.25 56.33 -4.62
CA ALA B 563 73.71 57.63 -5.12
C ALA B 563 72.23 57.75 -4.77
N PRO B 564 71.89 57.72 -3.46
CA PRO B 564 70.49 57.69 -3.04
C PRO B 564 69.66 58.93 -3.41
N GLY B 565 70.31 60.10 -3.60
CA GLY B 565 69.63 61.35 -3.98
C GLY B 565 69.40 61.48 -5.49
N ASP B 566 69.82 60.49 -6.30
CA ASP B 566 69.96 60.63 -7.77
C ASP B 566 68.79 59.92 -8.44
N GLU B 567 67.95 60.68 -9.14
CA GLU B 567 66.65 60.24 -9.70
C GLU B 567 66.89 59.33 -10.92
N THR B 568 68.02 59.47 -11.62
CA THR B 568 68.39 58.58 -12.75
C THR B 568 68.74 57.21 -12.17
N ALA B 569 69.58 57.19 -11.13
CA ALA B 569 70.02 55.96 -10.42
C ALA B 569 68.78 55.20 -9.90
N HIS B 570 67.72 55.93 -9.50
CA HIS B 570 66.46 55.39 -8.95
C HIS B 570 65.73 54.58 -10.02
N ARG B 571 65.82 54.97 -11.30
CA ARG B 571 65.01 54.42 -12.43
C ARG B 571 65.76 53.31 -13.17
N ILE B 572 67.08 53.18 -13.03
CA ILE B 572 67.89 52.27 -13.89
C ILE B 572 67.60 50.81 -13.51
N ASP B 573 67.28 49.97 -14.50
CA ASP B 573 67.03 48.51 -14.36
C ASP B 573 68.03 47.68 -15.17
N SER B 574 68.93 48.32 -15.92
CA SER B 574 69.89 47.65 -16.84
C SER B 574 71.32 47.68 -16.26
N GLN B 575 71.49 48.12 -15.01
CA GLN B 575 72.82 48.18 -14.35
C GLN B 575 72.65 47.75 -12.89
N PHE B 576 73.74 47.33 -12.27
CA PHE B 576 73.79 46.97 -10.84
C PHE B 576 75.24 47.09 -10.34
N LEU B 577 75.38 47.07 -9.02
CA LEU B 577 76.68 47.01 -8.31
C LEU B 577 76.82 45.62 -7.68
N ILE B 578 78.06 45.13 -7.61
CA ILE B 578 78.54 44.12 -6.63
C ILE B 578 79.27 44.89 -5.53
N GLY B 579 78.72 44.90 -4.31
CA GLY B 579 79.14 45.79 -3.21
C GLY B 579 79.06 47.24 -3.66
N ASP B 580 80.01 48.07 -3.28
CA ASP B 580 80.00 49.52 -3.61
C ASP B 580 81.01 49.82 -4.72
N THR B 581 81.84 48.84 -5.11
CA THR B 581 83.11 49.09 -5.86
C THR B 581 83.13 48.49 -7.27
N LEU B 582 82.17 47.67 -7.68
CA LEU B 582 82.13 47.05 -9.04
C LEU B 582 80.78 47.37 -9.69
N LEU B 583 80.79 48.21 -10.72
CA LEU B 583 79.60 48.66 -11.46
C LEU B 583 79.51 47.88 -12.78
N VAL B 584 78.34 47.30 -13.09
CA VAL B 584 78.15 46.36 -14.22
C VAL B 584 77.00 46.88 -15.10
N ALA B 585 77.25 47.00 -16.41
CA ALA B 585 76.28 47.49 -17.42
C ALA B 585 76.31 46.54 -18.61
N PRO B 586 75.55 45.43 -18.55
CA PRO B 586 75.47 44.49 -19.65
C PRO B 586 74.57 44.99 -20.78
N VAL B 587 74.81 44.53 -22.00
CA VAL B 587 73.86 44.70 -23.13
C VAL B 587 72.76 43.66 -22.93
N LEU B 588 71.50 44.10 -22.97
CA LEU B 588 70.29 43.29 -22.65
C LEU B 588 69.30 43.35 -23.81
N GLU B 589 69.78 43.69 -25.01
CA GLU B 589 68.98 43.81 -26.26
C GLU B 589 69.73 43.13 -27.40
N PRO B 590 69.02 42.57 -28.40
CA PRO B 590 69.67 42.00 -29.59
C PRO B 590 70.18 43.09 -30.54
N GLY B 591 71.20 42.77 -31.34
CA GLY B 591 71.75 43.63 -32.40
C GLY B 591 72.39 44.89 -31.87
N LYS B 592 72.90 44.88 -30.63
CA LYS B 592 73.51 46.08 -29.98
C LYS B 592 74.99 45.85 -29.69
N GLN B 593 75.86 46.77 -30.13
CA GLN B 593 77.32 46.71 -29.90
C GLN B 593 77.75 47.90 -29.02
N GLU B 594 76.78 48.59 -28.41
CA GLU B 594 77.04 49.71 -27.49
C GLU B 594 75.78 49.95 -26.66
N ARG B 595 75.92 50.70 -25.57
CA ARG B 595 74.80 51.15 -24.72
C ARG B 595 75.24 52.38 -23.94
N ASP B 596 74.26 53.11 -23.41
CA ASP B 596 74.48 54.21 -22.43
C ASP B 596 74.73 53.56 -21.07
N VAL B 597 75.76 54.04 -20.38
CA VAL B 597 76.18 53.57 -19.02
C VAL B 597 76.15 54.80 -18.12
N TYR B 598 75.31 54.79 -17.10
CA TYR B 598 75.23 55.87 -16.08
C TYR B 598 76.24 55.57 -14.99
N LEU B 599 77.12 56.50 -14.66
CA LEU B 599 78.06 56.38 -13.51
C LEU B 599 77.62 57.38 -12.45
N PRO B 600 77.12 56.89 -11.29
CA PRO B 600 76.22 57.68 -10.45
C PRO B 600 76.99 58.61 -9.50
N ALA B 601 78.15 58.17 -9.01
CA ALA B 601 78.96 58.92 -8.02
C ALA B 601 80.32 58.26 -7.83
N GLY B 602 81.30 59.06 -7.37
CA GLY B 602 82.68 58.61 -7.12
C GLY B 602 83.47 58.52 -8.41
N LYS B 603 84.64 57.90 -8.37
CA LYS B 603 85.61 57.81 -9.50
C LYS B 603 85.68 56.36 -9.91
N TRP B 604 85.83 56.09 -11.21
CA TRP B 604 85.63 54.75 -11.82
C TRP B 604 86.75 54.49 -12.81
N ARG B 605 87.24 53.24 -12.83
CA ARG B 605 88.18 52.72 -13.84
C ARG B 605 87.42 51.67 -14.66
N SER B 606 87.35 51.90 -15.97
CA SER B 606 86.79 50.93 -16.95
C SER B 606 87.70 49.71 -17.04
N TYR B 607 87.23 48.63 -17.67
CA TYR B 607 88.00 47.39 -17.92
C TYR B 607 89.25 47.72 -18.75
N LYS B 608 89.17 48.71 -19.65
CA LYS B 608 90.34 49.16 -20.49
C LYS B 608 91.32 50.00 -19.66
N GLY B 609 90.90 50.52 -18.50
CA GLY B 609 91.73 51.37 -17.60
C GLY B 609 91.49 52.87 -17.76
N GLU B 610 90.49 53.28 -18.54
CA GLU B 610 90.00 54.69 -18.62
C GLU B 610 89.58 55.16 -17.21
N LEU B 611 90.11 56.29 -16.73
CA LEU B 611 89.65 56.91 -15.46
C LEU B 611 88.48 57.87 -15.74
N PHE B 612 87.30 57.60 -15.19
CA PHE B 612 86.13 58.51 -15.19
C PHE B 612 86.03 59.16 -13.81
N ASP B 613 86.32 60.48 -13.68
CA ASP B 613 86.37 61.17 -12.36
C ASP B 613 85.44 62.40 -12.32
N LYS B 614 84.53 62.49 -13.28
CA LYS B 614 83.54 63.58 -13.41
C LYS B 614 82.17 62.92 -13.33
N THR B 615 81.60 62.78 -12.13
CA THR B 615 80.34 62.02 -11.90
C THR B 615 79.42 62.85 -11.01
N PRO B 616 78.08 62.69 -11.09
CA PRO B 616 77.47 61.73 -12.01
C PRO B 616 77.59 62.11 -13.49
N VAL B 617 77.58 61.12 -14.39
CA VAL B 617 77.66 61.35 -15.86
C VAL B 617 77.03 60.17 -16.60
N LEU B 618 76.40 60.43 -17.74
CA LEU B 618 75.98 59.36 -18.68
C LEU B 618 77.06 59.20 -19.75
N LEU B 619 77.71 58.02 -19.81
CA LEU B 619 78.58 57.61 -20.94
C LEU B 619 77.65 57.16 -22.07
N THR B 620 77.65 57.86 -23.20
CA THR B 620 76.74 57.58 -24.34
C THR B 620 77.47 56.69 -25.35
N ASP B 621 76.71 55.77 -25.97
CA ASP B 621 77.20 54.82 -27.01
C ASP B 621 78.53 54.21 -26.56
N TYR B 622 78.62 53.78 -25.30
CA TYR B 622 79.83 53.12 -24.77
C TYR B 622 79.95 51.76 -25.47
N PRO B 623 81.07 51.48 -26.18
CA PRO B 623 81.22 50.24 -26.94
C PRO B 623 81.19 48.99 -26.05
N VAL B 624 80.33 48.03 -26.42
CA VAL B 624 80.23 46.70 -25.75
C VAL B 624 79.91 45.69 -26.85
N ASP B 625 80.95 45.05 -27.39
CA ASP B 625 80.81 44.04 -28.48
C ASP B 625 80.12 42.79 -27.90
N LEU B 626 79.69 41.89 -28.78
CA LEU B 626 78.91 40.68 -28.44
C LEU B 626 79.61 39.91 -27.30
N ASP B 627 80.94 39.86 -27.33
CA ASP B 627 81.78 39.07 -26.38
C ASP B 627 82.26 39.96 -25.22
N GLU B 628 81.59 41.07 -24.94
CA GLU B 628 82.02 42.00 -23.86
C GLU B 628 80.83 42.34 -22.96
N ILE B 629 81.18 42.80 -21.76
CA ILE B 629 80.29 43.49 -20.79
C ILE B 629 80.98 44.80 -20.39
N ALA B 630 80.23 45.85 -20.13
CA ALA B 630 80.78 47.10 -19.54
C ALA B 630 80.85 46.92 -18.02
N TYR B 631 82.03 46.99 -17.44
CA TYR B 631 82.21 47.03 -15.97
C TYR B 631 83.23 48.14 -15.65
N PHE B 632 83.10 48.68 -14.44
CA PHE B 632 83.98 49.72 -13.89
C PHE B 632 84.24 49.39 -12.43
N THR B 633 85.47 49.64 -11.98
CA THR B 633 85.93 49.41 -10.58
C THR B 633 86.16 50.78 -9.95
N TRP B 634 85.80 50.95 -8.68
CA TRP B 634 86.07 52.18 -7.87
C TRP B 634 87.58 52.48 -7.92
N ALA B 635 87.95 53.76 -8.04
CA ALA B 635 89.35 54.25 -8.22
C ALA B 635 89.82 55.08 -7.03
N LEU C 14 -8.60 27.07 12.74
CA LEU C 14 -8.59 26.29 14.02
C LEU C 14 -7.21 26.38 14.70
N LEU C 15 -6.41 27.37 14.31
CA LEU C 15 -5.01 27.58 14.76
C LEU C 15 -4.98 28.90 15.55
N ASP C 16 -4.46 28.85 16.78
CA ASP C 16 -4.21 30.03 17.65
C ASP C 16 -2.75 30.48 17.51
N LEU C 17 -2.54 31.64 16.88
CA LEU C 17 -1.19 32.22 16.60
C LEU C 17 -0.96 33.38 17.58
N LYS C 18 0.00 33.22 18.50
CA LYS C 18 0.52 34.26 19.41
C LYS C 18 1.92 34.68 18.93
N ALA C 19 2.54 35.66 19.60
CA ALA C 19 3.85 36.23 19.24
C ALA C 19 4.97 35.19 19.41
N GLY C 20 4.83 34.26 20.35
CA GLY C 20 5.88 33.33 20.80
C GLY C 20 5.72 31.93 20.24
N GLY C 21 4.61 31.65 19.55
CA GLY C 21 4.39 30.34 18.91
C GLY C 21 2.93 30.17 18.49
N PHE C 22 2.49 28.94 18.24
CA PHE C 22 1.09 28.63 17.88
C PHE C 22 0.70 27.26 18.42
N SER C 23 -0.61 27.05 18.54
CA SER C 23 -1.25 25.75 18.84
C SER C 23 -2.36 25.50 17.81
N ILE C 24 -2.59 24.23 17.48
CA ILE C 24 -3.70 23.80 16.57
C ILE C 24 -4.62 22.89 17.36
N ARG C 25 -5.93 23.01 17.14
CA ARG C 25 -6.96 22.12 17.71
C ARG C 25 -7.57 21.30 16.57
N ASN C 26 -8.16 20.14 16.91
CA ASN C 26 -9.00 19.33 16.00
C ASN C 26 -10.45 19.78 16.21
N GLN C 27 -11.37 19.24 15.41
CA GLN C 27 -12.81 19.63 15.39
C GLN C 27 -13.46 19.27 16.73
N LYS C 28 -12.87 18.37 17.53
CA LYS C 28 -13.37 17.99 18.88
C LYS C 28 -12.82 18.95 19.95
N GLY C 29 -11.94 19.89 19.58
CA GLY C 29 -11.43 20.95 20.47
C GLY C 29 -10.23 20.54 21.30
N GLU C 30 -9.62 19.39 21.00
CA GLU C 30 -8.34 18.95 21.64
C GLU C 30 -7.19 19.72 21.00
N GLN C 31 -6.19 20.10 21.79
CA GLN C 31 -4.88 20.63 21.32
C GLN C 31 -4.03 19.45 20.80
N VAL C 32 -3.79 19.38 19.48
CA VAL C 32 -3.09 18.25 18.82
C VAL C 32 -1.69 18.68 18.37
N PHE C 33 -1.40 19.97 18.38
CA PHE C 33 -0.08 20.52 17.96
C PHE C 33 0.21 21.79 18.76
N ARG C 34 1.44 21.94 19.25
CA ARG C 34 1.91 23.13 20.00
C ARG C 34 3.36 23.41 19.64
N LEU C 35 3.68 24.63 19.23
CA LEU C 35 5.04 24.97 18.75
C LEU C 35 5.42 26.37 19.24
N ALA C 36 6.63 26.47 19.81
CA ALA C 36 7.25 27.71 20.30
C ALA C 36 8.24 28.21 19.24
N PHE C 37 8.22 29.51 18.93
CA PHE C 37 9.30 30.19 18.18
C PHE C 37 10.48 30.36 19.15
N ARG C 38 11.69 29.97 18.75
CA ARG C 38 12.87 29.94 19.67
C ARG C 38 14.04 30.76 19.13
N SER C 39 13.93 31.36 17.94
CA SER C 39 14.97 32.28 17.39
C SER C 39 14.39 33.68 17.18
N GLY C 40 13.29 34.03 17.86
CA GLY C 40 12.59 35.31 17.71
C GLY C 40 11.10 35.20 17.99
N ALA C 41 10.39 36.34 17.94
CA ALA C 41 8.93 36.43 18.12
C ALA C 41 8.35 37.26 16.97
N LEU C 42 7.11 36.97 16.55
CA LEU C 42 6.36 37.80 15.58
C LEU C 42 5.97 39.12 16.25
N ASP C 43 5.95 40.22 15.50
CA ASP C 43 5.33 41.49 15.98
C ASP C 43 3.80 41.39 16.02
N LEU C 44 3.18 40.73 15.04
CA LEU C 44 1.71 40.52 14.92
C LEU C 44 1.03 41.70 14.24
N ASP C 45 1.22 42.94 14.71
CA ASP C 45 0.68 44.14 14.00
C ASP C 45 1.08 44.09 12.52
N SER C 46 2.16 43.37 12.20
CA SER C 46 2.73 43.21 10.83
C SER C 46 2.02 42.09 10.06
N CYS C 47 1.14 41.35 10.71
CA CYS C 47 0.39 40.22 10.12
C CYS C 47 -0.84 40.76 9.37
N SER C 48 -1.24 40.08 8.29
CA SER C 48 -2.48 40.37 7.55
C SER C 48 -2.98 39.10 6.84
N ARG C 49 -4.28 39.08 6.52
CA ARG C 49 -5.00 37.89 6.00
C ARG C 49 -5.40 38.17 4.55
N ASP C 50 -4.94 37.33 3.62
CA ASP C 50 -5.41 37.27 2.20
C ASP C 50 -6.08 35.91 1.97
N GLY C 51 -7.30 35.77 2.48
CA GLY C 51 -8.10 34.53 2.43
C GLY C 51 -7.57 33.51 3.43
N ALA C 52 -7.15 32.33 2.95
CA ALA C 52 -6.62 31.22 3.78
C ALA C 52 -5.15 31.46 4.16
N LEU C 53 -4.55 32.56 3.66
CA LEU C 53 -3.13 32.95 3.92
C LEU C 53 -3.08 34.04 5.00
N LEU C 54 -2.34 33.75 6.08
CA LEU C 54 -1.92 34.72 7.12
C LEU C 54 -0.42 34.98 6.97
N GLY C 55 -0.03 36.19 6.55
CA GLY C 55 1.39 36.57 6.36
C GLY C 55 1.80 37.66 7.33
N CYS C 56 3.04 37.62 7.83
CA CYS C 56 3.63 38.59 8.79
C CYS C 56 5.00 39.02 8.29
N SER C 57 5.29 40.34 8.29
CA SER C 57 6.42 40.95 7.56
C SER C 57 7.59 41.36 8.48
N LEU C 58 7.44 41.34 9.80
CA LEU C 58 8.60 41.58 10.71
C LEU C 58 8.40 40.99 12.12
N THR C 59 9.52 40.76 12.82
CA THR C 59 9.65 40.17 14.17
C THR C 59 9.41 41.26 15.22
N ALA C 60 9.37 40.88 16.51
CA ALA C 60 9.09 41.78 17.66
C ALA C 60 10.34 42.59 18.04
N ASP C 61 11.49 42.30 17.43
CA ASP C 61 12.72 43.15 17.50
C ASP C 61 12.73 44.14 16.32
N GLY C 62 11.75 44.03 15.40
CA GLY C 62 11.60 44.93 14.24
C GLY C 62 12.40 44.48 13.03
N LEU C 63 12.94 43.26 13.01
CA LEU C 63 13.72 42.72 11.86
C LEU C 63 12.77 42.22 10.77
N PRO C 64 13.08 42.45 9.46
CA PRO C 64 12.20 42.01 8.38
C PRO C 64 12.15 40.48 8.25
N LEU C 65 10.95 39.95 7.95
CA LEU C 65 10.61 38.51 8.04
C LEU C 65 9.70 38.13 6.89
N HIS C 66 9.89 36.96 6.28
CA HIS C 66 8.88 36.31 5.40
C HIS C 66 8.24 35.16 6.19
N PHE C 67 7.19 35.46 6.97
CA PHE C 67 6.41 34.46 7.74
C PHE C 67 5.00 34.31 7.16
N PHE C 68 4.55 33.09 6.90
CA PHE C 68 3.11 32.85 6.61
C PHE C 68 2.65 31.50 7.18
N ILE C 69 1.35 31.46 7.48
CA ILE C 69 0.56 30.21 7.67
C ILE C 69 -0.52 30.22 6.59
N GLN C 70 -0.56 29.19 5.74
CA GLN C 70 -1.69 28.96 4.79
C GLN C 70 -2.47 27.73 5.25
N THR C 71 -3.79 27.89 5.45
CA THR C 71 -4.74 26.80 5.78
C THR C 71 -5.18 26.14 4.47
N VAL C 72 -5.22 24.80 4.46
CA VAL C 72 -5.61 23.99 3.26
C VAL C 72 -6.53 22.87 3.75
N ARG C 73 -7.68 22.69 3.09
CA ARG C 73 -8.65 21.61 3.39
C ARG C 73 -8.62 20.59 2.25
N PRO C 74 -7.62 19.67 2.19
CA PRO C 74 -7.50 18.73 1.08
C PRO C 74 -8.63 17.70 0.99
N LYS C 75 -9.20 17.28 2.14
CA LYS C 75 -10.33 16.33 2.24
C LYS C 75 -11.29 16.78 3.36
N ASP C 76 -12.50 16.22 3.38
CA ASP C 76 -13.53 16.52 4.41
C ASP C 76 -12.96 16.23 5.81
N THR C 77 -12.03 15.28 5.93
CA THR C 77 -11.54 14.74 7.24
C THR C 77 -10.14 15.25 7.58
N VAL C 78 -9.51 16.07 6.72
CA VAL C 78 -8.08 16.49 6.88
C VAL C 78 -7.98 18.02 6.76
N MET C 79 -7.46 18.68 7.79
CA MET C 79 -7.09 20.11 7.78
C MET C 79 -5.56 20.21 7.86
N CYS C 80 -4.91 20.87 6.89
CA CYS C 80 -3.44 21.12 6.91
C CYS C 80 -3.12 22.61 7.06
N TYR C 81 -1.93 22.89 7.60
CA TYR C 81 -1.38 24.23 7.90
C TYR C 81 0.06 24.29 7.35
N ARG C 82 0.25 25.07 6.28
CA ARG C 82 1.58 25.33 5.68
C ARG C 82 2.23 26.50 6.44
N VAL C 83 3.42 26.29 6.98
CA VAL C 83 4.14 27.30 7.82
C VAL C 83 5.52 27.56 7.20
N ARG C 84 5.81 28.82 6.88
CA ARG C 84 7.17 29.30 6.47
C ARG C 84 7.63 30.37 7.47
N TRP C 85 8.87 30.26 7.97
CA TRP C 85 9.64 31.31 8.67
C TRP C 85 10.99 31.46 7.95
N GLU C 86 11.13 32.50 7.11
CA GLU C 86 12.33 32.77 6.27
C GLU C 86 12.89 34.15 6.66
N GLU C 87 14.13 34.21 7.14
CA GLU C 87 14.65 35.36 7.95
C GLU C 87 15.04 36.53 7.02
N GLY C 91 22.47 36.20 7.49
CA GLY C 91 21.47 35.15 7.78
C GLY C 91 21.65 34.55 9.18
N ARG C 92 20.56 34.45 9.95
CA ARG C 92 20.52 33.93 11.35
C ARG C 92 19.77 32.59 11.37
N ALA C 93 20.24 31.61 12.16
CA ALA C 93 19.64 30.26 12.27
C ALA C 93 18.20 30.37 12.76
N VAL C 94 17.26 29.65 12.13
CA VAL C 94 15.83 29.59 12.55
C VAL C 94 15.63 28.33 13.40
N GLU C 95 15.06 28.47 14.60
CA GLU C 95 14.67 27.30 15.44
C GLU C 95 13.21 27.44 15.90
N HIS C 96 12.42 26.41 15.66
CA HIS C 96 11.10 26.19 16.32
C HIS C 96 11.18 24.92 17.16
N ALA C 97 10.66 24.98 18.40
CA ALA C 97 10.54 23.84 19.33
C ALA C 97 9.11 23.28 19.24
N MET C 98 8.97 22.05 18.72
CA MET C 98 7.68 21.33 18.64
C MET C 98 7.50 20.50 19.91
N PHE C 99 6.48 20.83 20.72
CA PHE C 99 6.14 20.12 21.97
C PHE C 99 5.40 18.83 21.60
N LEU C 100 5.79 17.71 22.21
CA LEU C 100 5.15 16.39 22.01
C LEU C 100 3.88 16.34 22.88
N GLY C 101 3.86 17.05 24.01
CA GLY C 101 2.67 17.28 24.85
C GLY C 101 2.63 16.35 26.05
N ASP C 102 1.43 16.14 26.60
CA ASP C 102 1.20 15.33 27.82
C ASP C 102 1.43 13.84 27.51
N ALA C 103 1.37 13.00 28.55
CA ALA C 103 1.72 11.57 28.55
C ALA C 103 0.74 10.73 27.72
N ALA C 104 -0.41 11.27 27.31
CA ALA C 104 -1.41 10.58 26.44
C ALA C 104 -1.06 10.78 24.95
N ALA C 105 -0.16 11.72 24.63
CA ALA C 105 0.28 12.01 23.25
C ALA C 105 1.55 11.19 22.96
N HIS C 106 1.51 10.32 21.95
CA HIS C 106 2.63 9.43 21.59
C HIS C 106 3.04 9.72 20.15
N TRP C 107 4.34 9.68 19.84
CA TRP C 107 4.87 10.08 18.51
C TRP C 107 5.73 8.98 17.89
N TYR C 108 5.74 8.96 16.55
CA TYR C 108 6.35 7.90 15.71
C TYR C 108 7.01 8.59 14.50
N GLY C 109 8.05 7.95 13.95
CA GLY C 109 8.72 8.36 12.71
C GLY C 109 10.14 8.85 12.96
N GLY C 110 10.56 9.88 12.23
CA GLY C 110 11.91 10.48 12.31
C GLY C 110 12.95 9.54 11.74
N ALA C 111 13.84 9.04 12.59
CA ALA C 111 15.05 8.32 12.17
C ALA C 111 15.18 6.98 12.92
N GLU C 112 15.69 5.95 12.23
CA GLU C 112 16.36 4.80 12.88
C GLU C 112 17.43 5.40 13.81
N MET C 113 17.48 4.97 15.07
CA MET C 113 18.45 5.41 16.11
C MET C 113 19.09 4.14 16.71
N ARG C 114 20.21 4.31 17.40
CA ARG C 114 20.96 3.23 18.08
C ARG C 114 20.07 2.60 19.17
N THR C 115 19.54 3.44 20.07
CA THR C 115 18.57 3.07 21.13
C THR C 115 17.18 3.47 20.63
N GLN C 116 16.42 2.51 20.10
CA GLN C 116 15.14 2.76 19.40
C GLN C 116 13.98 2.39 20.32
N HIS C 117 13.19 3.40 20.70
CA HIS C 117 11.95 3.24 21.50
C HIS C 117 10.74 3.43 20.60
N TRP C 118 9.61 2.86 21.00
CA TRP C 118 8.29 3.02 20.33
C TRP C 118 7.22 3.11 21.42
N PRO C 119 6.52 4.24 21.62
CA PRO C 119 6.71 5.46 20.83
C PRO C 119 8.07 6.12 21.06
N ILE C 120 8.36 7.17 20.29
CA ILE C 120 9.65 7.92 20.34
C ILE C 120 9.86 8.40 21.78
N ARG C 121 10.98 8.05 22.40
CA ARG C 121 11.41 8.63 23.69
C ARG C 121 12.83 9.20 23.52
N LEU C 122 12.97 10.49 23.82
CA LEU C 122 14.21 11.30 23.64
C LEU C 122 14.78 11.61 25.02
N ASP C 123 15.97 11.09 25.36
CA ASP C 123 16.56 11.22 26.71
C ASP C 123 17.52 12.41 26.70
N GLY C 124 17.62 13.15 27.82
CA GLY C 124 18.61 14.22 28.01
C GLY C 124 18.40 15.38 27.05
N GLN C 125 19.50 15.98 26.60
CA GLN C 125 19.52 17.27 25.85
C GLN C 125 20.40 17.08 24.62
N GLN C 126 19.98 17.62 23.46
CA GLN C 126 20.77 17.54 22.21
C GLN C 126 20.58 18.83 21.42
N GLU C 127 21.66 19.60 21.23
CA GLU C 127 21.69 20.79 20.34
C GLU C 127 21.38 20.29 18.93
N PRO C 128 20.62 21.03 18.10
CA PRO C 128 20.26 20.56 16.77
C PRO C 128 21.51 20.21 15.97
N GLN C 129 21.58 18.99 15.45
CA GLN C 129 22.70 18.52 14.60
C GLN C 129 22.10 18.15 13.24
N PRO C 130 22.92 18.09 12.17
CA PRO C 130 22.41 17.79 10.83
C PRO C 130 21.56 16.51 10.74
N PHE C 131 20.36 16.63 10.19
CA PHE C 131 19.47 15.47 9.91
C PHE C 131 19.99 14.82 8.63
N VAL C 132 21.06 14.04 8.77
CA VAL C 132 21.76 13.37 7.64
C VAL C 132 21.99 11.89 8.00
N THR C 133 22.06 11.05 6.99
CA THR C 133 22.30 9.59 7.11
C THR C 133 23.63 9.38 7.82
N SER C 134 23.61 8.83 9.05
CA SER C 134 24.81 8.48 9.85
C SER C 134 24.79 6.99 10.25
N ASP C 135 25.97 6.47 10.58
CA ASP C 135 26.23 5.14 11.20
C ASP C 135 26.07 5.31 12.71
N VAL C 136 24.97 4.83 13.27
CA VAL C 136 24.61 5.07 14.69
C VAL C 136 25.02 3.86 15.55
N TYR C 137 25.80 2.92 15.01
CA TYR C 137 26.25 1.72 15.77
C TYR C 137 26.93 2.15 17.08
N SER C 138 27.68 3.25 17.08
CA SER C 138 28.52 3.72 18.21
C SER C 138 27.96 5.01 18.83
N SER C 139 26.86 5.57 18.34
CA SER C 139 26.38 6.92 18.76
C SER C 139 24.87 6.93 18.99
N ASP C 140 24.44 7.36 20.19
CA ASP C 140 23.03 7.61 20.59
C ASP C 140 22.64 9.05 20.27
N ALA C 141 23.54 9.85 19.70
CA ALA C 141 23.28 11.26 19.32
C ALA C 141 22.83 11.29 17.86
N ALA C 142 23.54 10.59 16.98
CA ALA C 142 23.38 10.72 15.50
C ALA C 142 22.06 10.09 15.06
N PHE C 143 21.67 10.39 13.83
CA PHE C 143 20.48 9.86 13.13
C PHE C 143 20.94 8.74 12.18
N GLY C 144 20.22 7.60 12.20
CA GLY C 144 20.60 6.37 11.49
C GLY C 144 20.47 6.49 9.98
N GLY C 145 20.72 5.39 9.28
CA GLY C 145 20.88 5.35 7.82
C GLY C 145 19.56 5.56 7.10
N ILE C 146 18.46 5.30 7.79
CA ILE C 146 17.08 5.43 7.24
C ILE C 146 16.36 6.49 8.07
N LEU C 147 15.94 7.59 7.44
CA LEU C 147 15.19 8.66 8.14
C LEU C 147 14.37 9.47 7.12
N GLU C 148 13.31 10.08 7.61
CA GLU C 148 12.46 11.06 6.88
C GLU C 148 12.11 12.17 7.85
N ARG C 149 11.97 13.40 7.36
CA ARG C 149 11.62 14.57 8.20
C ARG C 149 10.11 14.49 8.46
N TYR C 150 9.66 13.45 9.14
CA TYR C 150 8.21 13.12 9.30
C TYR C 150 7.96 12.59 10.71
N TRP C 151 7.06 13.24 11.44
CA TRP C 151 6.63 12.83 12.80
C TRP C 151 5.10 12.73 12.84
N LEU C 152 4.59 11.67 13.45
CA LEU C 152 3.16 11.29 13.52
C LEU C 152 2.75 11.23 14.99
N SER C 153 1.60 11.81 15.34
CA SER C 153 1.02 11.80 16.71
C SER C 153 -0.17 10.84 16.82
N SER C 154 -0.27 10.14 17.96
CA SER C 154 -1.41 9.27 18.36
C SER C 154 -2.71 10.08 18.44
N ARG C 155 -2.62 11.41 18.55
CA ARG C 155 -3.78 12.35 18.53
C ARG C 155 -4.17 12.73 17.09
N ALA C 156 -3.64 12.05 16.08
CA ALA C 156 -4.00 12.21 14.64
C ALA C 156 -3.52 13.58 14.10
N ALA C 157 -2.35 14.04 14.53
CA ALA C 157 -1.61 15.16 13.91
C ALA C 157 -0.29 14.62 13.35
N ALA C 158 0.19 15.21 12.27
CA ALA C 158 1.44 14.80 11.59
C ALA C 158 2.14 16.04 11.01
N ILE C 159 3.47 16.06 11.05
CA ILE C 159 4.30 17.18 10.51
C ILE C 159 5.28 16.60 9.49
N LYS C 160 5.31 17.19 8.29
CA LYS C 160 6.34 16.95 7.26
C LYS C 160 7.16 18.25 7.12
N VAL C 161 8.41 18.24 7.57
CA VAL C 161 9.35 19.38 7.36
C VAL C 161 9.71 19.44 5.87
N ASN C 162 9.68 20.63 5.28
CA ASN C 162 9.85 20.85 3.82
C ASN C 162 11.24 20.35 3.38
N ASP C 163 11.34 19.81 2.16
CA ASP C 163 12.60 19.25 1.60
C ASP C 163 13.64 20.34 1.39
N SER C 164 13.19 21.60 1.20
CA SER C 164 14.06 22.78 0.94
C SER C 164 14.98 23.07 2.14
N VAL C 165 14.58 22.68 3.36
CA VAL C 165 15.17 23.21 4.62
C VAL C 165 16.56 22.63 4.84
N PRO C 166 17.56 23.48 5.17
CA PRO C 166 18.84 22.99 5.69
C PRO C 166 18.56 22.46 7.11
N PHE C 167 17.95 21.28 7.18
CA PHE C 167 17.23 20.80 8.39
C PHE C 167 18.21 20.20 9.41
N HIS C 168 18.08 20.69 10.64
CA HIS C 168 18.85 20.23 11.83
C HIS C 168 17.83 19.88 12.93
N LEU C 169 18.00 18.72 13.56
CA LEU C 169 17.09 18.21 14.61
C LEU C 169 17.86 18.09 15.93
N GLY C 170 17.32 18.71 16.97
CA GLY C 170 17.73 18.48 18.38
C GLY C 170 16.53 18.02 19.19
N TRP C 171 16.68 17.95 20.51
CA TRP C 171 15.56 17.63 21.42
C TRP C 171 15.90 18.11 22.83
N ASN C 172 14.87 18.33 23.63
CA ASN C 172 14.94 18.84 25.03
C ASN C 172 13.95 18.03 25.86
N SER C 173 14.46 17.05 26.62
CA SER C 173 13.61 16.07 27.35
C SER C 173 12.84 16.77 28.48
N THR C 174 13.34 17.89 29.01
CA THR C 174 12.72 18.65 30.13
C THR C 174 11.34 19.16 29.70
N GLU C 175 11.20 19.65 28.47
CA GLU C 175 9.91 20.19 27.92
C GLU C 175 9.34 19.21 26.89
N ARG C 176 9.98 18.06 26.71
CA ARG C 176 9.60 16.99 25.75
C ARG C 176 9.36 17.62 24.36
N SER C 177 10.40 18.26 23.81
CA SER C 177 10.33 18.97 22.50
C SER C 177 11.35 18.38 21.53
N LEU C 178 11.03 18.48 20.24
CA LEU C 178 12.00 18.40 19.13
C LEU C 178 12.44 19.82 18.78
N ARG C 179 13.73 20.01 18.58
CA ARG C 179 14.30 21.32 18.15
C ARG C 179 14.49 21.25 16.63
N LEU C 180 13.58 21.90 15.90
CA LEU C 180 13.62 22.02 14.41
C LEU C 180 14.43 23.27 14.06
N GLN C 181 15.53 23.10 13.33
CA GLN C 181 16.45 24.22 13.02
C GLN C 181 16.81 24.24 11.53
N ALA C 182 16.74 25.43 10.94
CA ALA C 182 17.38 25.79 9.65
C ALA C 182 18.64 26.58 9.96
N ARG C 183 19.77 26.19 9.37
CA ARG C 183 21.06 26.91 9.53
C ARG C 183 22.02 26.52 8.39
N TYR C 184 22.97 27.39 8.08
CA TYR C 184 23.96 27.22 6.99
C TYR C 184 25.41 27.26 7.50
N HIS C 185 25.62 27.50 8.79
CA HIS C 185 26.96 27.48 9.46
C HIS C 185 27.15 26.14 10.19
N ASP C 186 28.39 25.61 10.20
CA ASP C 186 28.77 24.29 10.78
C ASP C 186 27.76 23.24 10.31
N THR C 187 27.75 22.91 9.03
CA THR C 187 26.76 21.98 8.44
C THR C 187 27.23 21.52 7.06
N PRO C 188 26.92 20.26 6.68
CA PRO C 188 27.19 19.80 5.31
C PRO C 188 26.18 20.30 4.27
N TYR C 189 25.14 21.04 4.69
CA TYR C 189 24.15 21.68 3.78
C TYR C 189 24.77 22.89 3.10
N LYS C 190 24.70 22.95 1.76
CA LYS C 190 25.08 24.13 0.94
C LYS C 190 23.80 24.74 0.40
N PRO C 191 23.68 26.08 0.32
CA PRO C 191 22.54 26.70 -0.37
C PRO C 191 22.62 26.36 -1.86
N PRO C 192 21.49 26.22 -2.59
CA PRO C 192 21.53 26.19 -4.05
C PRO C 192 22.11 27.53 -4.57
N ALA C 198 20.58 32.15 3.13
CA ALA C 198 19.48 32.72 3.96
C ALA C 198 18.59 31.61 4.50
N PRO C 199 18.66 31.29 5.81
CA PRO C 199 17.97 30.13 6.36
C PRO C 199 16.44 30.30 6.41
N GLU C 200 15.76 29.18 6.20
CA GLU C 200 14.28 29.06 6.06
C GLU C 200 13.86 27.75 6.73
N LEU C 201 13.01 27.83 7.76
CA LEU C 201 12.31 26.67 8.35
C LEU C 201 10.87 26.68 7.84
N SER C 202 10.48 25.64 7.11
CA SER C 202 9.12 25.50 6.53
C SER C 202 8.65 24.05 6.65
N TYR C 203 7.35 23.88 6.87
CA TYR C 203 6.76 22.55 7.17
C TYR C 203 5.24 22.60 6.93
N ARG C 204 4.63 21.43 6.85
CA ARG C 204 3.16 21.26 6.79
C ARG C 204 2.73 20.43 8.00
N VAL C 205 1.74 20.93 8.75
CA VAL C 205 1.09 20.20 9.86
C VAL C 205 -0.31 19.82 9.37
N CYS C 206 -0.64 18.53 9.37
CA CYS C 206 -1.98 18.02 8.96
C CYS C 206 -2.64 17.32 10.16
N VAL C 207 -3.95 17.53 10.31
CA VAL C 207 -4.81 17.02 11.40
C VAL C 207 -5.92 16.18 10.76
N GLY C 208 -6.20 14.99 11.32
CA GLY C 208 -7.23 14.06 10.82
C GLY C 208 -8.12 13.56 11.95
N SER C 209 -9.03 12.64 11.61
CA SER C 209 -10.02 12.02 12.53
C SER C 209 -9.35 10.93 13.39
N ASP C 210 -8.34 10.23 12.87
CA ASP C 210 -7.60 9.18 13.63
C ASP C 210 -6.18 9.04 13.06
N VAL C 211 -5.27 8.44 13.85
CA VAL C 211 -3.81 8.38 13.57
C VAL C 211 -3.54 7.62 12.26
N THR C 212 -4.31 6.57 11.97
CA THR C 212 -4.09 5.73 10.75
C THR C 212 -4.47 6.53 9.50
N SER C 213 -5.63 7.19 9.52
CA SER C 213 -6.12 8.02 8.37
C SER C 213 -5.12 9.10 8.02
N ILE C 214 -4.66 9.89 9.00
CA ILE C 214 -3.78 11.06 8.74
C ILE C 214 -2.41 10.53 8.27
N HIS C 215 -1.91 9.45 8.86
CA HIS C 215 -0.66 8.79 8.42
C HIS C 215 -0.78 8.40 6.94
N LYS C 216 -1.87 7.76 6.54
CA LYS C 216 -2.09 7.30 5.14
C LYS C 216 -2.17 8.51 4.20
N TYR C 217 -2.83 9.60 4.60
CA TYR C 217 -2.79 10.88 3.85
C TYR C 217 -1.33 11.33 3.65
N MET C 218 -0.52 11.36 4.72
CA MET C 218 0.86 11.90 4.67
C MET C 218 1.73 10.98 3.81
N VAL C 219 1.61 9.65 3.99
CA VAL C 219 2.38 8.62 3.23
C VAL C 219 2.08 8.77 1.74
N ARG C 220 0.80 8.90 1.38
CA ARG C 220 0.33 9.01 -0.03
C ARG C 220 0.88 10.30 -0.64
N ARG C 221 0.99 11.37 0.15
CA ARG C 221 1.42 12.70 -0.35
C ARG C 221 2.94 12.72 -0.56
N TYR C 222 3.74 12.20 0.38
CA TYR C 222 5.19 12.48 0.50
C TYR C 222 6.06 11.28 0.11
N PHE C 223 5.68 10.03 0.37
CA PHE C 223 6.55 8.86 0.15
C PHE C 223 6.17 8.13 -1.15
N ASN C 224 7.13 7.96 -2.04
CA ASN C 224 6.98 7.08 -3.23
C ASN C 224 6.92 5.64 -2.73
N LYS C 225 6.36 4.73 -3.52
CA LYS C 225 6.20 3.30 -3.15
C LYS C 225 7.12 2.48 -4.03
N PRO C 226 7.63 1.33 -3.54
CA PRO C 226 8.29 0.37 -4.43
C PRO C 226 7.25 -0.08 -5.46
N SER C 227 7.64 -0.14 -6.73
CA SER C 227 6.76 -0.59 -7.83
C SER C 227 6.94 -2.09 -8.05
N ARG C 228 7.94 -2.72 -7.42
CA ARG C 228 8.28 -4.15 -7.65
C ARG C 228 8.49 -4.85 -6.31
N VAL C 229 8.36 -6.17 -6.31
CA VAL C 229 8.57 -7.05 -5.12
C VAL C 229 9.87 -7.82 -5.32
N PRO C 230 10.75 -7.86 -4.29
CA PRO C 230 11.91 -8.76 -4.31
C PRO C 230 11.52 -10.23 -4.52
N ALA C 231 12.52 -11.09 -4.70
CA ALA C 231 12.37 -12.55 -4.93
C ALA C 231 11.48 -13.14 -3.85
N PRO C 232 10.47 -13.97 -4.23
CA PRO C 232 9.54 -14.56 -3.28
C PRO C 232 10.25 -15.31 -2.14
N GLU C 233 11.38 -15.96 -2.44
CA GLU C 233 12.09 -16.85 -1.48
C GLU C 233 12.67 -16.02 -0.33
N ALA C 234 12.99 -14.74 -0.58
CA ALA C 234 13.52 -13.83 0.44
C ALA C 234 12.47 -13.58 1.52
N PHE C 235 11.18 -13.82 1.21
CA PHE C 235 10.05 -13.65 2.18
C PHE C 235 9.71 -15.00 2.85
N ARG C 236 10.45 -16.06 2.55
CA ARG C 236 10.14 -17.44 3.02
C ARG C 236 11.36 -18.08 3.66
N ASP C 237 12.41 -18.30 2.88
CA ASP C 237 13.57 -19.11 3.34
C ASP C 237 14.52 -18.22 4.10
N PRO C 238 15.27 -18.78 5.08
CA PRO C 238 16.29 -18.03 5.79
C PRO C 238 17.41 -17.60 4.82
N ILE C 239 17.90 -16.39 5.00
CA ILE C 239 19.15 -15.87 4.38
C ILE C 239 20.29 -16.33 5.30
N TRP C 240 21.43 -16.73 4.73
CA TRP C 240 22.61 -17.18 5.52
C TRP C 240 23.78 -16.23 5.23
N SER C 241 24.33 -15.59 6.26
CA SER C 241 25.44 -14.60 6.14
C SER C 241 26.69 -15.14 6.83
N THR C 242 27.85 -14.94 6.21
CA THR C 242 29.17 -15.36 6.75
C THR C 242 29.62 -14.42 7.88
N TRP C 243 29.03 -13.23 8.01
CA TRP C 243 29.67 -12.09 8.75
C TRP C 243 29.82 -12.37 10.24
N ALA C 244 28.72 -12.55 10.98
CA ALA C 244 28.76 -12.75 12.45
C ALA C 244 29.47 -14.07 12.79
N LEU C 245 29.34 -15.07 11.93
CA LEU C 245 29.88 -16.45 12.14
C LEU C 245 31.40 -16.46 11.98
N TYR C 246 31.93 -15.90 10.89
CA TYR C 246 33.36 -16.02 10.50
C TYR C 246 34.11 -14.68 10.62
N GLY C 247 33.43 -13.55 10.49
CA GLY C 247 34.08 -12.22 10.44
C GLY C 247 34.92 -12.06 9.18
N ARG C 248 35.90 -11.16 9.23
CA ARG C 248 36.77 -10.81 8.07
C ARG C 248 37.46 -12.08 7.53
N ALA C 249 37.83 -13.02 8.40
CA ALA C 249 38.63 -14.23 8.10
C ALA C 249 37.81 -15.28 7.31
N VAL C 250 36.65 -14.93 6.76
CA VAL C 250 35.88 -15.79 5.81
C VAL C 250 36.83 -16.34 4.73
N ASP C 251 36.57 -17.55 4.22
CA ASP C 251 37.47 -18.37 3.37
C ASP C 251 36.64 -19.19 2.38
N GLN C 252 37.29 -19.76 1.35
CA GLN C 252 36.64 -20.73 0.41
C GLN C 252 36.19 -21.97 1.20
N ASP C 253 37.07 -22.50 2.05
CA ASP C 253 36.80 -23.70 2.89
C ASP C 253 35.56 -23.42 3.75
N LYS C 254 35.52 -22.27 4.43
CA LYS C 254 34.50 -21.90 5.44
C LYS C 254 33.13 -21.68 4.79
N VAL C 255 33.08 -21.07 3.61
CA VAL C 255 31.83 -20.83 2.84
C VAL C 255 31.21 -22.20 2.52
N LEU C 256 32.00 -23.13 1.98
CA LEU C 256 31.52 -24.47 1.53
C LEU C 256 31.08 -25.30 2.74
N ARG C 257 31.85 -25.26 3.84
CA ARG C 257 31.52 -25.95 5.11
C ARG C 257 30.20 -25.41 5.68
N PHE C 258 30.00 -24.09 5.65
CA PHE C 258 28.77 -23.39 6.08
C PHE C 258 27.58 -23.93 5.30
N ALA C 259 27.68 -23.91 3.97
CA ALA C 259 26.64 -24.36 3.01
C ALA C 259 26.32 -25.83 3.25
N GLN C 260 27.33 -26.68 3.45
CA GLN C 260 27.10 -28.13 3.68
C GLN C 260 26.30 -28.29 4.98
N GLN C 261 26.66 -27.58 6.05
CA GLN C 261 25.99 -27.65 7.38
C GLN C 261 24.53 -27.16 7.26
N ILE C 262 24.30 -26.11 6.47
CA ILE C 262 22.93 -25.60 6.16
C ILE C 262 22.10 -26.76 5.56
N ARG C 263 22.67 -27.53 4.64
CA ARG C 263 21.98 -28.65 3.94
C ARG C 263 21.79 -29.83 4.91
N LEU C 264 22.82 -30.19 5.68
CA LEU C 264 22.80 -31.37 6.60
C LEU C 264 21.74 -31.17 7.70
N HIS C 265 21.54 -29.94 8.19
CA HIS C 265 20.52 -29.61 9.22
C HIS C 265 19.18 -29.25 8.56
N HIS C 266 19.02 -29.49 7.25
CA HIS C 266 17.74 -29.53 6.52
C HIS C 266 17.06 -28.16 6.53
N PHE C 267 17.80 -27.10 6.21
CA PHE C 267 17.24 -25.73 6.05
C PHE C 267 17.28 -25.34 4.57
N ASN C 268 16.18 -24.77 4.08
CA ASN C 268 16.16 -24.01 2.80
C ASN C 268 17.06 -22.77 2.96
N SER C 269 17.35 -22.12 1.85
CA SER C 269 18.20 -20.90 1.80
C SER C 269 17.65 -19.98 0.71
N SER C 270 17.27 -18.74 1.04
CA SER C 270 16.94 -17.73 0.02
C SER C 270 18.19 -17.55 -0.85
N HIS C 271 19.33 -17.38 -0.18
CA HIS C 271 20.66 -17.19 -0.79
C HIS C 271 21.71 -17.22 0.32
N LEU C 272 22.98 -17.37 -0.06
CA LEU C 272 24.14 -17.28 0.86
C LEU C 272 24.85 -15.96 0.58
N GLU C 273 25.13 -15.18 1.62
CA GLU C 273 25.71 -13.82 1.52
C GLU C 273 27.17 -13.89 2.00
N ILE C 274 28.13 -13.82 1.08
CA ILE C 274 29.58 -13.80 1.42
C ILE C 274 29.97 -12.36 1.76
N ASP C 275 30.35 -12.11 3.02
CA ASP C 275 30.60 -10.75 3.55
C ASP C 275 32.11 -10.43 3.51
N ASP C 276 32.45 -9.22 3.99
CA ASP C 276 33.82 -8.76 4.35
C ASP C 276 34.59 -9.94 4.95
N MET C 277 35.82 -10.26 4.50
CA MET C 277 36.55 -9.70 3.36
C MET C 277 36.88 -10.85 2.42
N TYR C 278 36.56 -10.73 1.13
CA TYR C 278 36.85 -11.78 0.11
C TYR C 278 37.73 -11.23 -1.02
N THR C 279 38.25 -10.01 -0.86
CA THR C 279 39.11 -9.32 -1.86
C THR C 279 40.48 -9.04 -1.23
N PRO C 280 41.55 -8.90 -2.03
CA PRO C 280 42.89 -8.61 -1.50
C PRO C 280 42.96 -7.25 -0.80
N ALA C 281 42.23 -6.25 -1.33
CA ALA C 281 42.13 -4.88 -0.78
C ALA C 281 40.71 -4.34 -1.01
N TYR C 282 40.31 -3.39 -0.14
CA TYR C 282 38.99 -2.71 -0.21
C TYR C 282 39.01 -1.76 -1.40
N GLY C 283 38.21 -2.05 -2.43
CA GLY C 283 38.19 -1.32 -3.71
C GLY C 283 38.44 -2.24 -4.91
N ASP C 284 39.15 -3.35 -4.70
CA ASP C 284 39.29 -4.44 -5.70
C ASP C 284 37.98 -5.25 -5.71
N PHE C 285 37.48 -5.61 -6.89
CA PHE C 285 36.24 -6.41 -7.04
C PHE C 285 36.58 -7.90 -7.21
N ASP C 286 37.79 -8.22 -7.68
CA ASP C 286 38.29 -9.61 -7.89
C ASP C 286 38.52 -10.30 -6.53
N PHE C 287 38.22 -11.60 -6.46
CA PHE C 287 38.42 -12.44 -5.24
C PHE C 287 39.91 -12.58 -4.93
N ASP C 288 40.26 -12.59 -3.64
CA ASP C 288 41.64 -12.87 -3.11
C ASP C 288 41.93 -14.36 -3.30
N GLU C 289 42.93 -14.71 -4.11
CA GLU C 289 43.27 -16.11 -4.51
C GLU C 289 43.87 -16.89 -3.33
N VAL C 290 44.42 -16.21 -2.33
CA VAL C 290 44.97 -16.87 -1.10
C VAL C 290 43.79 -17.47 -0.32
N LYS C 291 42.77 -16.67 0.00
CA LYS C 291 41.60 -17.14 0.78
C LYS C 291 40.62 -17.93 -0.11
N PHE C 292 40.61 -17.69 -1.43
CA PHE C 292 39.67 -18.32 -2.39
C PHE C 292 40.42 -18.84 -3.61
N PRO C 293 41.21 -19.94 -3.47
CA PRO C 293 42.06 -20.43 -4.57
C PRO C 293 41.33 -20.83 -5.86
N ASN C 294 40.07 -21.26 -5.79
CA ASN C 294 39.25 -21.53 -7.00
C ASN C 294 37.81 -21.04 -6.75
N ALA C 295 37.60 -19.73 -6.86
CA ALA C 295 36.28 -19.07 -6.72
C ALA C 295 35.26 -19.77 -7.62
N SER C 296 35.58 -19.95 -8.91
CA SER C 296 34.72 -20.59 -9.94
C SER C 296 34.18 -21.92 -9.44
N ASP C 297 35.05 -22.77 -8.89
CA ASP C 297 34.70 -24.14 -8.41
C ASP C 297 33.81 -24.04 -7.18
N MET C 298 34.10 -23.09 -6.27
CA MET C 298 33.26 -22.78 -5.09
C MET C 298 31.84 -22.43 -5.55
N PHE C 299 31.71 -21.51 -6.49
CA PHE C 299 30.42 -21.02 -7.03
C PHE C 299 29.70 -22.17 -7.76
N ARG C 300 30.44 -23.05 -8.43
CA ARG C 300 29.90 -24.24 -9.14
C ARG C 300 29.34 -25.23 -8.10
N ARG C 301 30.10 -25.49 -7.02
CA ARG C 301 29.68 -26.41 -5.92
C ARG C 301 28.47 -25.83 -5.18
N LEU C 302 28.43 -24.51 -4.96
CA LEU C 302 27.31 -23.79 -4.30
C LEU C 302 26.06 -23.85 -5.20
N ARG C 303 26.22 -23.58 -6.50
CA ARG C 303 25.13 -23.61 -7.51
C ARG C 303 24.53 -25.03 -7.58
N ASP C 304 25.39 -26.06 -7.66
CA ASP C 304 24.99 -27.50 -7.74
C ASP C 304 24.25 -27.94 -6.47
N ALA C 305 24.57 -27.35 -5.31
CA ALA C 305 23.92 -27.64 -4.01
C ALA C 305 22.68 -26.75 -3.81
N GLY C 306 22.27 -26.01 -4.85
CA GLY C 306 21.02 -25.23 -4.89
C GLY C 306 21.11 -23.92 -4.13
N PHE C 307 22.30 -23.30 -4.06
CA PHE C 307 22.53 -22.02 -3.34
C PHE C 307 22.66 -20.87 -4.33
N ARG C 308 21.74 -19.91 -4.25
CA ARG C 308 21.91 -18.54 -4.78
C ARG C 308 22.93 -17.82 -3.90
N VAL C 309 23.76 -16.94 -4.47
CA VAL C 309 24.84 -16.23 -3.72
C VAL C 309 24.76 -14.72 -3.98
N THR C 310 24.86 -13.93 -2.91
CA THR C 310 25.07 -12.47 -2.96
C THR C 310 26.44 -12.14 -2.37
N LEU C 311 27.03 -11.03 -2.82
CA LEU C 311 28.37 -10.57 -2.37
C LEU C 311 28.23 -9.22 -1.69
N TRP C 312 28.93 -9.07 -0.56
CA TRP C 312 29.19 -7.78 0.15
C TRP C 312 29.98 -6.84 -0.74
N VAL C 313 29.46 -5.62 -0.93
CA VAL C 313 30.18 -4.48 -1.59
C VAL C 313 29.96 -3.22 -0.76
N HIS C 314 30.63 -2.12 -1.15
CA HIS C 314 30.67 -0.85 -0.40
C HIS C 314 31.10 0.26 -1.35
N PRO C 315 31.00 1.54 -0.95
CA PRO C 315 31.36 2.66 -1.83
C PRO C 315 32.81 3.17 -1.78
N PHE C 316 33.70 2.49 -1.03
CA PHE C 316 35.07 2.98 -0.74
C PHE C 316 36.11 2.31 -1.65
N VAL C 317 37.16 3.06 -2.00
CA VAL C 317 38.41 2.51 -2.59
C VAL C 317 39.57 3.00 -1.72
N ASN C 318 40.16 2.08 -0.94
CA ASN C 318 41.30 2.35 -0.01
C ASN C 318 42.54 2.72 -0.84
N TYR C 319 43.49 3.44 -0.24
CA TYR C 319 44.67 3.97 -0.96
C TYR C 319 45.56 2.82 -1.45
N ASN C 320 45.52 1.65 -0.80
CA ASN C 320 46.37 0.48 -1.16
C ASN C 320 45.59 -0.53 -2.02
N SER C 321 44.42 -0.15 -2.56
CA SER C 321 43.67 -0.91 -3.56
C SER C 321 44.32 -0.71 -4.93
N SER C 322 44.34 -1.75 -5.77
CA SER C 322 44.84 -1.71 -7.16
C SER C 322 43.95 -0.81 -8.03
N ARG C 323 42.80 -0.36 -7.53
CA ARG C 323 41.81 0.45 -8.28
C ARG C 323 41.85 1.92 -7.86
N PHE C 324 42.59 2.25 -6.80
CA PHE C 324 42.66 3.63 -6.24
C PHE C 324 43.16 4.61 -7.31
N GLY C 325 44.31 4.31 -7.92
CA GLY C 325 44.91 5.12 -8.99
C GLY C 325 43.95 5.30 -10.15
N GLU C 326 43.30 4.20 -10.57
CA GLU C 326 42.25 4.23 -11.62
C GLU C 326 41.20 5.29 -11.27
N GLY C 327 40.77 5.33 -10.00
CA GLY C 327 39.71 6.23 -9.51
C GLY C 327 40.16 7.69 -9.45
N VAL C 328 41.39 7.95 -9.01
CA VAL C 328 41.98 9.32 -8.98
C VAL C 328 41.98 9.86 -10.42
N GLU C 329 42.48 9.07 -11.37
CA GLU C 329 42.76 9.48 -12.78
C GLU C 329 41.46 9.70 -13.56
N ARG C 330 40.43 8.89 -13.31
CA ARG C 330 39.14 8.97 -14.04
C ARG C 330 38.18 9.91 -13.29
N GLU C 331 38.60 10.40 -12.12
CA GLU C 331 37.92 11.43 -11.30
C GLU C 331 36.54 10.90 -10.87
N LEU C 332 36.53 9.70 -10.30
CA LEU C 332 35.31 8.93 -9.95
C LEU C 332 34.92 9.18 -8.48
N PHE C 333 35.77 9.87 -7.72
CA PHE C 333 35.64 9.99 -6.25
C PHE C 333 35.02 11.34 -5.86
N VAL C 334 34.49 11.38 -4.65
CA VAL C 334 33.98 12.63 -4.01
C VAL C 334 35.21 13.51 -3.78
N ARG C 335 35.09 14.80 -4.12
CA ARG C 335 36.23 15.74 -4.14
C ARG C 335 36.21 16.60 -2.87
N GLU C 336 37.34 17.26 -2.59
CA GLU C 336 37.43 18.34 -1.57
C GLU C 336 36.61 19.52 -2.09
N PRO C 337 36.38 20.57 -1.25
CA PRO C 337 35.49 21.68 -1.62
C PRO C 337 35.76 22.41 -2.95
N THR C 338 37.01 22.56 -3.38
CA THR C 338 37.39 23.32 -4.62
C THR C 338 37.02 22.48 -5.85
N GLY C 339 36.86 21.17 -5.69
CA GLY C 339 36.26 20.28 -6.70
C GLY C 339 37.28 19.79 -7.71
N ARG C 340 38.57 19.75 -7.33
CA ARG C 340 39.69 19.44 -8.25
C ARG C 340 40.25 18.04 -7.96
N LEU C 341 40.25 17.61 -6.69
CA LEU C 341 41.01 16.43 -6.22
C LEU C 341 40.14 15.56 -5.34
N PRO C 342 40.35 14.22 -5.33
CA PRO C 342 39.67 13.34 -4.40
C PRO C 342 39.88 13.79 -2.93
N ALA C 343 38.85 13.66 -2.11
CA ALA C 343 38.91 13.84 -0.63
C ALA C 343 39.01 12.47 0.02
N LEU C 344 40.01 12.28 0.90
CA LEU C 344 40.21 11.02 1.64
C LEU C 344 39.24 10.95 2.80
N VAL C 345 38.76 9.75 3.12
CA VAL C 345 37.81 9.49 4.25
C VAL C 345 38.38 8.34 5.07
N ARG C 346 37.96 8.25 6.34
CA ARG C 346 38.19 7.06 7.20
C ARG C 346 36.86 6.34 7.39
N TRP C 347 36.83 5.03 7.13
CA TRP C 347 35.75 4.10 7.54
C TRP C 347 36.38 2.97 8.37
N TRP C 348 35.55 2.04 8.86
CA TRP C 348 36.00 1.00 9.84
C TRP C 348 37.05 0.07 9.21
N ASN C 349 37.19 0.04 7.88
CA ASN C 349 38.20 -0.80 7.17
C ASN C 349 39.39 0.04 6.65
N GLY C 350 39.48 1.33 7.01
CA GLY C 350 40.71 2.12 6.83
C GLY C 350 40.50 3.45 6.12
N ILE C 351 41.46 3.83 5.29
CA ILE C 351 41.51 5.18 4.64
C ILE C 351 41.54 4.99 3.13
N GLY C 352 40.62 5.68 2.45
CA GLY C 352 40.57 5.75 0.98
C GLY C 352 39.68 6.87 0.51
N ALA C 353 39.23 6.79 -0.74
CA ALA C 353 38.25 7.72 -1.35
C ALA C 353 36.89 7.04 -1.34
N VAL C 354 35.84 7.81 -1.59
CA VAL C 354 34.44 7.31 -1.68
C VAL C 354 33.91 7.69 -3.07
N LEU C 355 33.24 6.75 -3.75
CA LEU C 355 32.79 6.94 -5.15
C LEU C 355 31.70 8.02 -5.17
N ASP C 356 31.71 8.85 -6.21
CA ASP C 356 30.71 9.93 -6.41
C ASP C 356 29.56 9.36 -7.24
N PHE C 357 28.47 8.97 -6.59
CA PHE C 357 27.33 8.28 -7.26
C PHE C 357 26.43 9.31 -7.96
N THR C 358 26.82 10.60 -7.97
CA THR C 358 26.20 11.68 -8.79
C THR C 358 26.88 11.76 -10.16
N HIS C 359 28.04 11.11 -10.32
CA HIS C 359 28.85 11.11 -11.56
C HIS C 359 28.46 9.93 -12.44
N PRO C 360 27.90 10.16 -13.66
CA PRO C 360 27.52 9.05 -14.54
C PRO C 360 28.64 8.02 -14.75
N LYS C 361 29.89 8.47 -14.83
CA LYS C 361 31.08 7.64 -15.14
C LYS C 361 31.36 6.73 -13.93
N ALA C 362 31.29 7.29 -12.71
CA ALA C 362 31.51 6.57 -11.44
C ALA C 362 30.43 5.50 -11.25
N ARG C 363 29.19 5.78 -11.69
CA ARG C 363 28.07 4.83 -11.63
C ARG C 363 28.33 3.69 -12.63
N ASP C 364 28.56 4.03 -13.90
CA ASP C 364 28.85 3.05 -14.98
C ASP C 364 29.99 2.13 -14.49
N TRP C 365 31.00 2.72 -13.85
CA TRP C 365 32.22 2.02 -13.38
C TRP C 365 31.85 1.00 -12.30
N PHE C 366 31.15 1.46 -11.25
CA PHE C 366 30.63 0.60 -10.15
C PHE C 366 29.80 -0.55 -10.75
N GLN C 367 28.81 -0.21 -11.58
CA GLN C 367 27.87 -1.17 -12.23
C GLN C 367 28.65 -2.21 -13.05
N GLY C 368 29.60 -1.75 -13.88
CA GLY C 368 30.46 -2.62 -14.70
C GLY C 368 31.09 -3.73 -13.87
N HIS C 369 31.65 -3.41 -12.70
CA HIS C 369 32.33 -4.40 -11.82
C HIS C 369 31.29 -5.35 -11.21
N LEU C 370 30.08 -4.86 -10.91
CA LEU C 370 28.98 -5.69 -10.38
C LEU C 370 28.56 -6.69 -11.47
N ARG C 371 28.32 -6.19 -12.69
CA ARG C 371 27.91 -7.02 -13.84
C ARG C 371 28.99 -8.08 -14.16
N ARG C 372 30.27 -7.73 -13.99
CA ARG C 372 31.41 -8.66 -14.24
C ARG C 372 31.36 -9.79 -13.19
N LEU C 373 31.05 -9.46 -11.94
CA LEU C 373 30.93 -10.46 -10.84
C LEU C 373 29.76 -11.41 -11.10
N ARG C 374 28.66 -10.91 -11.67
CA ARG C 374 27.48 -11.75 -12.02
C ARG C 374 27.84 -12.65 -13.19
N SER C 375 28.41 -12.08 -14.25
CA SER C 375 28.83 -12.78 -15.49
C SER C 375 29.83 -13.90 -15.16
N ARG C 376 30.83 -13.62 -14.32
CA ARG C 376 31.97 -14.55 -14.06
C ARG C 376 31.52 -15.67 -13.12
N TYR C 377 30.64 -15.40 -12.15
CA TYR C 377 30.34 -16.32 -11.01
C TYR C 377 28.84 -16.63 -10.83
N SER C 378 27.96 -16.16 -11.72
CA SER C 378 26.47 -16.19 -11.60
C SER C 378 26.01 -15.80 -10.20
N VAL C 379 26.71 -14.84 -9.56
CA VAL C 379 26.25 -14.15 -8.32
C VAL C 379 24.89 -13.50 -8.63
N ALA C 380 23.93 -13.59 -7.72
CA ALA C 380 22.53 -13.15 -7.93
C ALA C 380 22.42 -11.63 -7.74
N SER C 381 22.97 -11.11 -6.65
CA SER C 381 22.85 -9.69 -6.26
C SER C 381 23.98 -9.32 -5.28
N PHE C 382 23.80 -8.22 -4.55
CA PHE C 382 24.85 -7.66 -3.67
C PHE C 382 24.22 -7.12 -2.39
N LYS C 383 24.94 -7.25 -1.29
CA LYS C 383 24.69 -6.49 -0.03
C LYS C 383 25.50 -5.19 -0.13
N PHE C 384 24.80 -4.06 -0.21
CA PHE C 384 25.36 -2.69 -0.35
C PHE C 384 25.58 -2.11 1.05
N ASP C 385 26.79 -2.28 1.58
CA ASP C 385 27.19 -1.78 2.93
C ASP C 385 27.46 -0.26 2.89
N ALA C 386 27.53 0.36 4.08
CA ALA C 386 27.70 1.82 4.28
C ALA C 386 26.58 2.56 3.52
N GLY C 387 26.86 3.73 2.97
CA GLY C 387 25.87 4.57 2.28
C GLY C 387 25.52 5.82 3.06
N GLU C 388 25.92 5.88 4.34
CA GLU C 388 25.73 7.05 5.21
C GLU C 388 26.72 8.14 4.78
N VAL C 389 26.30 9.41 4.86
CA VAL C 389 27.12 10.59 4.49
C VAL C 389 27.99 10.98 5.69
N SER C 390 27.84 10.32 6.84
CA SER C 390 28.76 10.50 7.98
C SER C 390 30.17 10.01 7.60
N TYR C 391 30.30 9.24 6.49
CA TYR C 391 31.57 8.70 5.94
C TYR C 391 32.08 9.57 4.78
N LEU C 392 31.37 10.67 4.47
CA LEU C 392 31.84 11.70 3.51
C LEU C 392 32.48 12.81 4.33
N PRO C 393 33.36 13.66 3.75
CA PRO C 393 33.96 14.78 4.51
C PRO C 393 32.93 15.88 4.79
N ARG C 394 33.10 16.68 5.85
CA ARG C 394 32.10 17.69 6.31
C ARG C 394 31.67 18.55 5.11
N ASP C 395 32.63 19.28 4.54
CA ASP C 395 32.48 20.03 3.26
C ASP C 395 33.10 19.17 2.16
N PHE C 396 32.42 19.06 1.01
CA PHE C 396 32.80 18.18 -0.11
C PHE C 396 32.13 18.68 -1.40
N SER C 397 32.67 18.26 -2.54
CA SER C 397 32.18 18.60 -3.89
C SER C 397 31.81 17.31 -4.61
N THR C 398 30.79 17.36 -5.47
CA THR C 398 30.34 16.21 -6.30
C THR C 398 30.10 16.72 -7.73
N TYR C 399 30.11 15.80 -8.70
CA TYR C 399 29.89 16.11 -10.14
C TYR C 399 28.64 16.97 -10.30
N ARG C 400 27.50 16.50 -9.80
CA ARG C 400 26.27 17.32 -9.58
C ARG C 400 26.32 17.86 -8.16
N PRO C 401 26.03 19.16 -7.94
CA PRO C 401 26.06 19.72 -6.58
C PRO C 401 24.92 19.13 -5.74
N LEU C 402 25.19 18.79 -4.48
CA LEU C 402 24.18 18.26 -3.54
C LEU C 402 23.99 19.27 -2.41
N PRO C 403 23.04 20.23 -2.56
CA PRO C 403 22.70 21.15 -1.46
C PRO C 403 22.25 20.35 -0.23
N ASP C 404 21.57 19.23 -0.44
CA ASP C 404 21.20 18.23 0.60
C ASP C 404 22.17 17.05 0.55
N PRO C 405 23.17 16.97 1.47
CA PRO C 405 24.23 15.95 1.37
C PRO C 405 23.71 14.51 1.30
N SER C 406 22.62 14.23 2.02
CA SER C 406 22.05 12.87 2.21
C SER C 406 21.53 12.30 0.87
N VAL C 407 21.34 13.13 -0.15
CA VAL C 407 20.91 12.68 -1.51
C VAL C 407 22.02 11.79 -2.09
N TRP C 408 23.25 11.91 -1.58
CA TRP C 408 24.36 10.98 -1.93
C TRP C 408 23.93 9.53 -1.57
N SER C 409 23.35 9.35 -0.39
CA SER C 409 22.85 8.07 0.12
C SER C 409 21.83 7.50 -0.88
N ARG C 410 20.90 8.33 -1.34
CA ARG C 410 19.88 7.98 -2.36
C ARG C 410 20.59 7.43 -3.60
N ARG C 411 21.52 8.23 -4.15
CA ARG C 411 22.25 7.93 -5.40
C ARG C 411 22.96 6.58 -5.26
N TYR C 412 23.49 6.27 -4.07
CA TYR C 412 24.17 4.98 -3.77
C TYR C 412 23.13 3.86 -3.82
N THR C 413 22.00 4.01 -3.10
CA THR C 413 20.92 2.99 -3.06
C THR C 413 20.45 2.68 -4.49
N GLU C 414 20.61 3.61 -5.44
CA GLU C 414 20.16 3.41 -6.84
C GLU C 414 21.00 2.34 -7.52
N MET C 415 22.17 2.01 -6.96
CA MET C 415 23.08 0.98 -7.52
C MET C 415 22.45 -0.39 -7.32
N ALA C 416 21.56 -0.53 -6.33
CA ALA C 416 20.80 -1.77 -6.08
C ALA C 416 19.80 -2.04 -7.21
N LEU C 417 19.36 -1.01 -7.95
CA LEU C 417 18.18 -1.09 -8.87
C LEU C 417 18.30 -2.23 -9.88
N PRO C 418 19.41 -2.41 -10.64
CA PRO C 418 19.49 -3.50 -11.61
C PRO C 418 19.45 -4.92 -11.01
N PHE C 419 19.71 -5.06 -9.70
CA PHE C 419 19.79 -6.36 -8.98
C PHE C 419 18.86 -6.32 -7.76
N PHE C 420 17.77 -5.53 -7.84
CA PHE C 420 16.86 -5.21 -6.71
C PHE C 420 16.34 -6.51 -6.07
N SER C 421 16.16 -7.54 -6.89
CA SER C 421 15.39 -8.75 -6.54
C SER C 421 15.94 -9.45 -5.29
N LEU C 422 17.26 -9.41 -5.05
CA LEU C 422 17.92 -9.99 -3.84
C LEU C 422 18.94 -9.01 -3.24
N ALA C 423 18.85 -7.71 -3.59
CA ALA C 423 19.74 -6.66 -3.04
C ALA C 423 19.27 -6.30 -1.63
N GLU C 424 20.21 -5.85 -0.79
CA GLU C 424 19.91 -5.12 0.48
C GLU C 424 20.79 -3.86 0.54
N VAL C 425 20.24 -2.78 1.10
CA VAL C 425 20.95 -1.54 1.49
C VAL C 425 20.67 -1.32 2.98
N ARG C 426 21.45 -0.49 3.66
CA ARG C 426 21.23 -0.17 5.09
C ARG C 426 21.00 1.33 5.28
N VAL C 427 20.82 2.07 4.18
CA VAL C 427 20.43 3.50 4.22
C VAL C 427 19.22 3.71 3.33
N GLY C 428 18.46 4.77 3.61
CA GLY C 428 17.30 5.19 2.81
C GLY C 428 17.06 6.66 2.99
N TYR C 429 17.15 7.42 1.90
CA TYR C 429 16.85 8.87 1.87
C TYR C 429 16.01 9.11 0.61
N GLN C 430 14.69 9.09 0.76
CA GLN C 430 13.74 8.98 -0.38
C GLN C 430 14.17 7.81 -1.25
N SER C 431 14.55 6.67 -0.64
CA SER C 431 14.98 5.45 -1.35
C SER C 431 13.80 4.44 -1.43
N GLN C 432 12.59 4.86 -1.03
CA GLN C 432 11.40 4.00 -0.87
C GLN C 432 11.07 3.26 -2.17
N ASN C 433 11.20 3.91 -3.33
CA ASN C 433 10.76 3.36 -4.65
C ASN C 433 11.85 2.46 -5.21
N ILE C 434 12.95 2.30 -4.49
CA ILE C 434 13.97 1.25 -4.76
C ILE C 434 13.42 -0.02 -4.11
N SER C 435 13.10 -1.01 -4.93
CA SER C 435 12.23 -2.14 -4.53
C SER C 435 13.07 -3.29 -3.98
N CYS C 436 14.14 -2.98 -3.24
CA CYS C 436 15.01 -3.98 -2.57
C CYS C 436 14.71 -4.00 -1.07
N PHE C 437 15.43 -4.82 -0.31
CA PHE C 437 15.32 -4.93 1.16
C PHE C 437 16.15 -3.82 1.82
N PHE C 438 15.69 -3.38 2.98
CA PHE C 438 16.36 -2.36 3.83
C PHE C 438 16.72 -3.04 5.14
N ARG C 439 18.02 -3.05 5.46
CA ARG C 439 18.56 -3.74 6.66
C ARG C 439 18.70 -2.73 7.80
N LEU C 440 18.23 -3.07 9.00
CA LEU C 440 18.56 -2.31 10.24
C LEU C 440 20.07 -2.38 10.43
N VAL C 441 20.69 -1.26 10.85
CA VAL C 441 22.13 -1.21 11.17
C VAL C 441 22.40 -2.26 12.26
N ASP C 442 23.54 -2.94 12.15
CA ASP C 442 24.05 -4.07 12.98
C ASP C 442 23.38 -4.09 14.37
N ARG C 443 22.69 -5.18 14.68
CA ARG C 443 22.11 -5.45 16.02
C ARG C 443 23.16 -6.11 16.90
N ASP C 444 23.21 -5.74 18.18
CA ASP C 444 24.13 -6.35 19.18
C ASP C 444 23.42 -7.52 19.87
N SER C 445 24.18 -8.53 20.29
CA SER C 445 23.69 -9.75 20.99
C SER C 445 23.39 -9.41 22.45
N VAL C 446 22.51 -8.43 22.68
CA VAL C 446 22.00 -8.02 24.02
C VAL C 446 20.47 -8.02 23.97
N TRP C 447 19.83 -7.89 25.14
CA TRP C 447 18.35 -7.95 25.31
C TRP C 447 17.72 -6.58 25.02
N GLY C 448 18.46 -5.50 25.29
CA GLY C 448 17.90 -4.15 25.52
C GLY C 448 17.55 -3.42 24.24
N TYR C 449 17.14 -2.16 24.39
CA TYR C 449 16.70 -1.26 23.29
C TYR C 449 17.90 -0.68 22.54
N ASP C 450 19.09 -0.85 23.10
CA ASP C 450 20.39 -0.39 22.52
C ASP C 450 20.86 -1.42 21.49
N LEU C 451 20.16 -1.49 20.35
CA LEU C 451 20.46 -2.37 19.19
C LEU C 451 20.24 -3.84 19.54
N GLY C 452 19.55 -4.13 20.66
CA GLY C 452 19.30 -5.51 21.12
C GLY C 452 17.92 -6.01 20.73
N LEU C 453 17.47 -7.09 21.37
CA LEU C 453 16.20 -7.80 21.02
C LEU C 453 15.03 -6.80 21.12
N ARG C 454 14.96 -6.02 22.19
CA ARG C 454 13.82 -5.09 22.43
C ARG C 454 13.85 -3.92 21.44
N SER C 455 14.92 -3.75 20.65
CA SER C 455 15.03 -2.69 19.63
C SER C 455 14.34 -3.12 18.34
N LEU C 456 14.18 -4.42 18.13
CA LEU C 456 13.75 -4.97 16.81
C LEU C 456 12.40 -4.37 16.42
N ILE C 457 11.40 -4.47 17.30
CA ILE C 457 10.01 -4.07 16.96
C ILE C 457 9.97 -2.56 16.77
N PRO C 458 10.49 -1.74 17.70
CA PRO C 458 10.59 -0.30 17.47
C PRO C 458 11.26 0.06 16.13
N ALA C 459 12.44 -0.49 15.85
CA ALA C 459 13.23 -0.16 14.65
C ALA C 459 12.42 -0.55 13.40
N VAL C 460 11.88 -1.76 13.36
CA VAL C 460 11.11 -2.26 12.18
C VAL C 460 9.85 -1.40 12.01
N LEU C 461 9.15 -1.08 13.09
CA LEU C 461 7.91 -0.25 13.03
C LEU C 461 8.28 1.14 12.50
N THR C 462 9.33 1.75 13.07
CA THR C 462 9.83 3.10 12.66
C THR C 462 10.09 3.10 11.15
N VAL C 463 10.86 2.14 10.66
CA VAL C 463 11.28 2.10 9.23
C VAL C 463 10.06 1.82 8.37
N SER C 464 9.17 0.92 8.80
CA SER C 464 7.91 0.56 8.09
C SER C 464 7.06 1.81 7.86
N MET C 465 6.94 2.65 8.88
CA MET C 465 6.10 3.88 8.88
C MET C 465 6.62 4.89 7.85
N LEU C 466 7.92 4.87 7.57
CA LEU C 466 8.60 5.83 6.66
C LEU C 466 8.52 5.36 5.19
N GLY C 467 7.75 4.32 4.90
CA GLY C 467 7.44 3.91 3.51
C GLY C 467 8.37 2.81 3.01
N TYR C 468 9.15 2.17 3.88
CA TYR C 468 10.08 1.06 3.54
C TYR C 468 9.50 -0.25 4.06
N PRO C 469 8.71 -0.98 3.24
CA PRO C 469 8.03 -2.18 3.71
C PRO C 469 8.90 -3.45 3.79
N PHE C 470 9.88 -3.57 2.89
CA PHE C 470 10.73 -4.77 2.75
C PHE C 470 11.90 -4.65 3.72
N ILE C 471 11.68 -4.98 5.00
CA ILE C 471 12.66 -4.78 6.10
C ILE C 471 13.31 -6.12 6.47
N LEU C 472 14.63 -6.07 6.63
CA LEU C 472 15.48 -7.18 7.11
C LEU C 472 16.09 -6.74 8.44
N PRO C 473 15.64 -7.28 9.58
CA PRO C 473 16.13 -6.83 10.89
C PRO C 473 17.48 -7.47 11.25
N ASP C 474 18.48 -7.24 10.38
CA ASP C 474 19.89 -7.68 10.56
C ASP C 474 19.92 -9.19 10.85
N MET C 475 20.68 -9.62 11.87
CA MET C 475 21.10 -11.03 12.06
C MET C 475 20.37 -11.63 13.27
N VAL C 476 19.82 -12.83 13.12
CA VAL C 476 19.23 -13.58 14.27
C VAL C 476 20.34 -13.74 15.31
N GLY C 477 20.09 -13.26 16.53
CA GLY C 477 21.00 -13.36 17.69
C GLY C 477 21.94 -12.17 17.77
N GLY C 478 21.98 -11.32 16.74
CA GLY C 478 22.89 -10.17 16.63
C GLY C 478 24.24 -10.59 16.10
N ASN C 479 25.21 -9.67 16.11
CA ASN C 479 26.53 -9.85 15.45
C ASN C 479 27.58 -10.38 16.43
N ALA C 480 27.23 -10.58 17.69
CA ALA C 480 28.10 -11.22 18.71
C ALA C 480 29.45 -10.51 18.76
N VAL C 481 29.43 -9.19 18.87
CA VAL C 481 30.65 -8.34 19.01
C VAL C 481 31.13 -8.48 20.45
N PRO C 482 32.44 -8.76 20.69
CA PRO C 482 32.97 -8.82 22.04
C PRO C 482 32.67 -7.54 22.85
N GLN C 483 32.40 -7.68 24.15
CA GLN C 483 32.09 -6.56 25.08
C GLN C 483 30.66 -6.03 24.83
N ARG C 484 29.97 -6.52 23.79
CA ARG C 484 28.57 -6.15 23.44
C ARG C 484 27.76 -7.45 23.23
N THR C 485 28.02 -8.49 24.03
CA THR C 485 27.36 -9.81 23.92
C THR C 485 26.94 -10.27 25.31
N ALA C 486 25.65 -10.43 25.56
CA ALA C 486 25.09 -11.21 26.69
C ALA C 486 25.36 -12.70 26.41
N GLY C 487 26.44 -13.25 26.99
CA GLY C 487 26.84 -14.67 26.88
C GLY C 487 28.23 -14.94 26.29
N GLY C 488 29.08 -13.92 26.14
CA GLY C 488 30.52 -14.08 25.84
C GLY C 488 30.80 -14.24 24.34
N ASP C 489 31.14 -15.46 23.93
CA ASP C 489 31.52 -15.87 22.54
C ASP C 489 30.35 -15.63 21.58
N VAL C 490 29.18 -16.17 21.93
CA VAL C 490 27.91 -16.07 21.15
C VAL C 490 26.81 -15.65 22.12
N PRO C 491 25.68 -15.11 21.61
CA PRO C 491 24.54 -14.79 22.47
C PRO C 491 24.15 -15.96 23.38
N GLU C 492 23.80 -15.68 24.64
CA GLU C 492 23.25 -16.72 25.55
C GLU C 492 22.05 -17.36 24.83
N ARG C 493 21.82 -18.63 25.15
CA ARG C 493 20.93 -19.58 24.43
C ARG C 493 19.50 -19.03 24.35
N GLU C 494 18.96 -18.59 25.48
CA GLU C 494 17.58 -18.05 25.61
C GLU C 494 17.41 -16.83 24.70
N LEU C 495 18.45 -15.98 24.63
CA LEU C 495 18.43 -14.77 23.76
C LEU C 495 18.36 -15.20 22.29
N TYR C 496 19.19 -16.16 21.87
CA TYR C 496 19.23 -16.66 20.47
C TYR C 496 17.82 -17.15 20.08
N ILE C 497 17.20 -17.97 20.95
CA ILE C 497 15.88 -18.61 20.72
C ILE C 497 14.80 -17.53 20.58
N ARG C 498 14.71 -16.61 21.55
CA ARG C 498 13.65 -15.56 21.59
C ARG C 498 13.79 -14.69 20.35
N TRP C 499 15.02 -14.47 19.87
CA TRP C 499 15.33 -13.61 18.70
C TRP C 499 14.88 -14.31 17.41
N LEU C 500 15.33 -15.54 17.23
CA LEU C 500 14.92 -16.49 16.17
C LEU C 500 13.40 -16.43 15.99
N GLU C 501 12.68 -16.51 17.10
CA GLU C 501 11.20 -16.62 17.13
C GLU C 501 10.58 -15.33 16.56
N VAL C 502 11.03 -14.16 17.01
CA VAL C 502 10.47 -12.87 16.53
C VAL C 502 10.91 -12.66 15.07
N ALA C 503 12.15 -13.02 14.71
CA ALA C 503 12.71 -12.87 13.35
C ALA C 503 11.93 -13.72 12.34
N ALA C 504 11.40 -14.88 12.76
CA ALA C 504 10.62 -15.77 11.88
C ALA C 504 9.34 -15.06 11.39
N PHE C 505 8.87 -14.03 12.09
CA PHE C 505 7.61 -13.30 11.77
C PHE C 505 7.88 -11.97 11.06
N MET C 506 9.15 -11.64 10.73
CA MET C 506 9.55 -10.38 10.04
C MET C 506 9.63 -10.62 8.53
N PRO C 507 9.60 -9.57 7.68
CA PRO C 507 9.55 -9.78 6.23
C PRO C 507 10.70 -10.62 5.64
N ALA C 508 11.91 -10.48 6.19
CA ALA C 508 13.05 -11.32 5.79
C ALA C 508 13.79 -11.77 7.05
N MET C 509 14.26 -13.02 7.03
CA MET C 509 14.91 -13.67 8.19
C MET C 509 16.33 -14.10 7.79
N GLN C 510 17.34 -13.61 8.51
CA GLN C 510 18.77 -13.85 8.21
C GLN C 510 19.46 -14.48 9.43
N PHE C 511 19.97 -15.70 9.27
CA PHE C 511 20.92 -16.35 10.21
C PHE C 511 22.35 -15.97 9.79
N SER C 512 23.23 -15.83 10.76
CA SER C 512 24.70 -15.90 10.56
C SER C 512 25.25 -16.96 11.51
N ILE C 513 25.27 -16.66 12.81
CA ILE C 513 25.58 -17.66 13.85
C ILE C 513 24.43 -18.66 13.79
N PRO C 514 24.69 -19.93 13.38
CA PRO C 514 23.61 -20.87 13.07
C PRO C 514 23.06 -21.60 14.28
N PRO C 515 21.85 -22.20 14.17
CA PRO C 515 21.25 -22.95 15.27
C PRO C 515 22.14 -24.07 15.86
N TRP C 516 22.94 -24.74 15.02
CA TRP C 516 23.72 -25.93 15.42
C TRP C 516 25.02 -25.53 16.12
N ARG C 517 25.27 -24.22 16.27
CA ARG C 517 26.33 -23.69 17.15
C ARG C 517 25.95 -23.96 18.60
N TYR C 518 24.67 -24.19 18.90
CA TYR C 518 24.13 -24.38 20.28
C TYR C 518 23.93 -25.87 20.59
N ASP C 519 22.82 -26.47 20.15
CA ASP C 519 22.42 -27.86 20.50
C ASP C 519 21.22 -28.27 19.65
N ALA C 520 20.80 -29.54 19.73
CA ALA C 520 19.76 -30.17 18.90
C ALA C 520 18.39 -29.53 19.15
N GLU C 521 18.13 -29.09 20.38
CA GLU C 521 16.83 -28.46 20.77
C GLU C 521 16.70 -27.11 20.04
N VAL C 522 17.78 -26.34 19.96
CA VAL C 522 17.80 -25.03 19.26
C VAL C 522 17.59 -25.27 17.76
N VAL C 523 18.26 -26.27 17.19
CA VAL C 523 18.10 -26.65 15.75
C VAL C 523 16.62 -26.96 15.50
N ALA C 524 16.01 -27.79 16.36
CA ALA C 524 14.61 -28.22 16.26
C ALA C 524 13.69 -26.99 16.35
N ILE C 525 13.93 -26.09 17.30
CA ILE C 525 13.12 -24.83 17.44
C ILE C 525 13.22 -24.02 16.13
N ALA C 526 14.42 -23.94 15.53
CA ALA C 526 14.67 -23.20 14.27
C ALA C 526 13.92 -23.88 13.13
N GLN C 527 13.95 -25.21 13.10
CA GLN C 527 13.22 -26.04 12.09
C GLN C 527 11.72 -25.79 12.22
N LYS C 528 11.21 -25.76 13.46
CA LYS C 528 9.77 -25.47 13.73
C LYS C 528 9.43 -24.07 13.18
N PHE C 529 10.26 -23.07 13.45
CA PHE C 529 9.93 -21.66 13.10
C PHE C 529 10.14 -21.44 11.60
N ALA C 530 11.08 -22.15 10.97
CA ALA C 530 11.26 -22.16 9.50
C ALA C 530 9.98 -22.72 8.85
N ALA C 531 9.50 -23.86 9.34
CA ALA C 531 8.27 -24.53 8.84
C ALA C 531 7.07 -23.58 9.02
N LEU C 532 6.95 -22.97 10.20
CA LEU C 532 5.81 -22.08 10.53
C LEU C 532 5.87 -20.81 9.66
N ARG C 533 7.06 -20.24 9.47
CA ARG C 533 7.26 -19.07 8.57
C ARG C 533 6.83 -19.47 7.15
N ALA C 534 7.25 -20.64 6.68
CA ALA C 534 6.98 -21.15 5.31
C ALA C 534 5.46 -21.25 5.06
N SER C 535 4.69 -21.78 6.03
CA SER C 535 3.27 -22.19 5.84
C SER C 535 2.28 -21.10 6.28
N LEU C 536 2.61 -20.30 7.30
CA LEU C 536 1.71 -19.26 7.86
C LEU C 536 2.16 -17.85 7.45
N VAL C 537 3.44 -17.51 7.64
CA VAL C 537 3.94 -16.09 7.58
C VAL C 537 4.23 -15.72 6.11
N ALA C 538 5.02 -16.52 5.41
CA ALA C 538 5.49 -16.26 4.02
C ALA C 538 4.32 -15.98 3.08
N PRO C 539 3.27 -16.83 3.00
CA PRO C 539 2.14 -16.58 2.09
C PRO C 539 1.47 -15.23 2.33
N LEU C 540 1.42 -14.80 3.59
CA LEU C 540 0.81 -13.52 4.00
C LEU C 540 1.74 -12.36 3.64
N LEU C 541 3.05 -12.50 3.89
CA LEU C 541 4.09 -11.50 3.50
C LEU C 541 4.05 -11.26 1.98
N LEU C 542 4.01 -12.32 1.16
CA LEU C 542 3.99 -12.18 -0.32
C LEU C 542 2.75 -11.41 -0.78
N GLU C 543 1.59 -11.65 -0.18
CA GLU C 543 0.32 -10.95 -0.56
C GLU C 543 0.45 -9.46 -0.22
N LEU C 544 0.94 -9.15 0.98
CA LEU C 544 1.09 -7.77 1.50
C LEU C 544 2.18 -7.04 0.72
N ALA C 545 3.22 -7.76 0.28
CA ALA C 545 4.32 -7.16 -0.51
C ALA C 545 3.75 -6.70 -1.86
N GLY C 546 2.98 -7.57 -2.53
CA GLY C 546 2.26 -7.23 -3.78
C GLY C 546 1.31 -6.05 -3.57
N GLU C 547 0.69 -5.96 -2.39
CA GLU C 547 -0.31 -4.94 -2.03
C GLU C 547 0.37 -3.57 -1.85
N VAL C 548 1.55 -3.52 -1.24
CA VAL C 548 2.30 -2.25 -0.95
C VAL C 548 2.33 -1.35 -2.19
N THR C 549 2.79 -1.94 -3.29
CA THR C 549 2.92 -1.29 -4.63
C THR C 549 1.69 -0.41 -4.89
N ASP C 550 0.51 -0.80 -4.42
CA ASP C 550 -0.77 -0.05 -4.63
C ASP C 550 -1.09 0.84 -3.42
N THR C 551 -1.14 0.28 -2.21
CA THR C 551 -1.65 0.95 -0.99
C THR C 551 -0.61 1.89 -0.39
N GLY C 552 0.69 1.58 -0.53
CA GLY C 552 1.78 2.32 0.11
C GLY C 552 1.92 1.97 1.58
N ASP C 553 0.99 1.17 2.11
CA ASP C 553 0.94 0.74 3.53
C ASP C 553 2.16 -0.14 3.83
N PRO C 554 2.67 -0.13 5.08
CA PRO C 554 3.73 -1.06 5.47
C PRO C 554 3.27 -2.52 5.53
N ILE C 555 4.24 -3.44 5.65
CA ILE C 555 3.98 -4.89 5.86
C ILE C 555 3.85 -5.14 7.37
N VAL C 556 4.89 -4.79 8.14
CA VAL C 556 4.89 -4.83 9.62
C VAL C 556 4.15 -3.58 10.12
N ARG C 557 3.08 -3.76 10.90
CA ARG C 557 2.20 -2.65 11.33
C ARG C 557 2.10 -2.64 12.85
N PRO C 558 2.00 -1.44 13.45
CA PRO C 558 1.76 -1.32 14.89
C PRO C 558 0.31 -1.72 15.24
N LEU C 559 0.05 -2.08 16.50
CA LEU C 559 -1.30 -2.47 16.98
C LEU C 559 -2.31 -1.37 16.69
N TRP C 560 -1.90 -0.08 16.80
CA TRP C 560 -2.82 1.08 16.64
C TRP C 560 -3.31 1.18 15.20
N TRP C 561 -2.68 0.48 14.26
CA TRP C 561 -3.05 0.52 12.83
C TRP C 561 -4.54 0.19 12.70
N ILE C 562 -4.99 -0.89 13.35
CA ILE C 562 -6.40 -1.39 13.30
C ILE C 562 -7.22 -0.79 14.47
N ALA C 563 -6.55 -0.20 15.47
CA ALA C 563 -7.19 0.37 16.69
C ALA C 563 -6.64 1.77 16.94
N PRO C 564 -6.83 2.70 15.97
CA PRO C 564 -6.23 4.03 16.06
C PRO C 564 -6.69 4.90 17.24
N GLY C 565 -7.88 4.64 17.80
CA GLY C 565 -8.41 5.40 18.94
C GLY C 565 -7.98 4.81 20.28
N ASP C 566 -7.17 3.76 20.30
CA ASP C 566 -6.89 2.94 21.51
C ASP C 566 -5.52 3.31 22.07
N GLU C 567 -5.51 3.88 23.28
CA GLU C 567 -4.31 4.50 23.92
C GLU C 567 -3.32 3.41 24.34
N THR C 568 -3.78 2.18 24.63
CA THR C 568 -2.90 1.05 24.98
C THR C 568 -2.15 0.63 23.72
N ALA C 569 -2.88 0.47 22.61
CA ALA C 569 -2.31 0.10 21.28
C ALA C 569 -1.24 1.12 20.86
N HIS C 570 -1.44 2.40 21.23
CA HIS C 570 -0.51 3.53 20.94
C HIS C 570 0.84 3.31 21.62
N ARG C 571 0.87 2.71 22.81
CA ARG C 571 2.06 2.61 23.71
C ARG C 571 2.81 1.27 23.52
N ILE C 572 2.21 0.25 22.93
CA ILE C 572 2.77 -1.13 22.95
C ILE C 572 4.01 -1.19 22.02
N ASP C 573 5.14 -1.70 22.54
CA ASP C 573 6.41 -1.91 21.77
C ASP C 573 6.81 -3.39 21.71
N SER C 574 6.06 -4.28 22.35
CA SER C 574 6.37 -5.73 22.46
C SER C 574 5.45 -6.56 21.54
N GLN C 575 4.64 -5.92 20.71
CA GLN C 575 3.72 -6.61 19.76
C GLN C 575 3.72 -5.87 18.43
N PHE C 576 3.29 -6.57 17.38
CA PHE C 576 3.11 -5.99 16.02
C PHE C 576 2.12 -6.84 15.23
N LEU C 577 1.65 -6.31 14.11
CA LEU C 577 0.84 -7.00 13.08
C LEU C 577 1.69 -7.23 11.84
N ILE C 578 1.45 -8.34 11.15
CA ILE C 578 1.73 -8.56 9.70
C ILE C 578 0.41 -8.34 8.97
N GLY C 579 0.32 -7.29 8.15
CA GLY C 579 -0.94 -6.82 7.58
C GLY C 579 -1.92 -6.47 8.67
N ASP C 580 -3.20 -6.77 8.49
CA ASP C 580 -4.25 -6.45 9.50
C ASP C 580 -4.67 -7.73 10.22
N THR C 581 -4.20 -8.92 9.79
CA THR C 581 -4.83 -10.24 10.12
C THR C 581 -3.94 -11.18 10.95
N LEU C 582 -2.65 -10.87 11.16
CA LEU C 582 -1.73 -11.71 11.96
C LEU C 582 -1.12 -10.88 13.08
N LEU C 583 -1.49 -11.15 14.32
CA LEU C 583 -1.02 -10.42 15.52
C LEU C 583 0.06 -11.25 16.22
N VAL C 584 1.20 -10.65 16.56
CA VAL C 584 2.41 -11.37 17.07
C VAL C 584 2.83 -10.74 18.41
N ALA C 585 3.01 -11.58 19.44
CA ALA C 585 3.40 -11.18 20.81
C ALA C 585 4.52 -12.11 21.29
N PRO C 586 5.78 -11.81 20.93
CA PRO C 586 6.92 -12.62 21.37
C PRO C 586 7.30 -12.34 22.82
N VAL C 587 7.92 -13.32 23.47
CA VAL C 587 8.59 -13.08 24.78
C VAL C 587 9.93 -12.40 24.48
N LEU C 588 10.21 -11.29 25.16
CA LEU C 588 11.38 -10.40 24.88
C LEU C 588 12.21 -10.22 26.15
N GLU C 589 12.05 -11.12 27.13
CA GLU C 589 12.76 -11.08 28.44
C GLU C 589 13.26 -12.49 28.78
N PRO C 590 14.38 -12.61 29.52
CA PRO C 590 14.85 -13.92 29.99
C PRO C 590 14.01 -14.45 31.16
N GLY C 591 13.98 -15.78 31.33
CA GLY C 591 13.33 -16.47 32.45
C GLY C 591 11.81 -16.30 32.46
N LYS C 592 11.20 -16.07 31.29
CA LYS C 592 9.74 -15.83 31.16
C LYS C 592 9.09 -16.93 30.32
N GLN C 593 8.03 -17.56 30.85
CA GLN C 593 7.28 -18.63 30.16
C GLN C 593 5.84 -18.15 29.93
N GLU C 594 5.59 -16.85 30.09
CA GLU C 594 4.27 -16.23 29.81
C GLU C 594 4.47 -14.72 29.67
N ARG C 595 3.47 -14.03 29.14
CA ARG C 595 3.44 -12.55 29.00
C ARG C 595 1.99 -12.10 28.87
N ASP C 596 1.74 -10.81 29.11
CA ASP C 596 0.45 -10.15 28.79
C ASP C 596 0.42 -9.87 27.29
N VAL C 597 -0.70 -10.20 26.65
CA VAL C 597 -0.95 -9.97 25.21
C VAL C 597 -2.19 -9.09 25.10
N TYR C 598 -2.06 -7.90 24.52
CA TYR C 598 -3.20 -6.99 24.27
C TYR C 598 -3.79 -7.33 22.90
N LEU C 599 -5.10 -7.56 22.83
CA LEU C 599 -5.82 -7.77 21.55
C LEU C 599 -6.71 -6.54 21.35
N PRO C 600 -6.45 -5.71 20.31
CA PRO C 600 -6.92 -4.33 20.30
C PRO C 600 -8.36 -4.19 19.77
N ALA C 601 -8.75 -5.01 18.79
CA ALA C 601 -10.08 -4.95 18.14
C ALA C 601 -10.28 -6.14 17.20
N GLY C 602 -11.53 -6.47 16.92
CA GLY C 602 -11.93 -7.61 16.06
C GLY C 602 -11.91 -8.91 16.83
N LYS C 603 -12.11 -10.03 16.14
CA LYS C 603 -12.08 -11.40 16.72
C LYS C 603 -10.78 -12.07 16.31
N TRP C 604 -10.19 -12.88 17.19
CA TRP C 604 -8.83 -13.46 17.06
C TRP C 604 -8.86 -14.95 17.40
N ARG C 605 -8.15 -15.75 16.61
CA ARG C 605 -7.90 -17.19 16.87
C ARG C 605 -6.42 -17.36 17.21
N SER C 606 -6.14 -17.84 18.41
CA SER C 606 -4.78 -18.19 18.91
C SER C 606 -4.23 -19.35 18.10
N TYR C 607 -2.92 -19.60 18.20
CA TYR C 607 -2.22 -20.74 17.55
C TYR C 607 -2.79 -22.05 18.07
N LYS C 608 -3.19 -22.07 19.35
CA LYS C 608 -3.83 -23.20 20.06
C LYS C 608 -5.28 -23.41 19.58
N GLY C 609 -5.90 -22.40 18.95
CA GLY C 609 -7.25 -22.48 18.36
C GLY C 609 -8.33 -21.79 19.20
N GLU C 610 -7.95 -21.16 20.32
CA GLU C 610 -8.87 -20.40 21.21
C GLU C 610 -9.47 -19.24 20.41
N LEU C 611 -10.80 -19.08 20.40
CA LEU C 611 -11.47 -17.88 19.83
C LEU C 611 -11.60 -16.79 20.89
N PHE C 612 -10.95 -15.64 20.70
CA PHE C 612 -11.10 -14.42 21.54
C PHE C 612 -11.97 -13.42 20.78
N ASP C 613 -13.21 -13.18 21.22
CA ASP C 613 -14.25 -12.44 20.45
C ASP C 613 -14.85 -11.29 21.27
N LYS C 614 -14.26 -11.00 22.43
CA LYS C 614 -14.61 -9.83 23.28
C LYS C 614 -13.36 -8.96 23.35
N THR C 615 -13.27 -7.95 22.47
CA THR C 615 -12.09 -7.06 22.35
C THR C 615 -12.55 -5.61 22.34
N PRO C 616 -11.70 -4.63 22.77
CA PRO C 616 -10.34 -4.91 23.21
C PRO C 616 -10.26 -5.68 24.54
N VAL C 617 -9.18 -6.42 24.76
CA VAL C 617 -8.97 -7.20 26.01
C VAL C 617 -7.46 -7.38 26.24
N LEU C 618 -7.03 -7.40 27.49
CA LEU C 618 -5.66 -7.82 27.87
C LEU C 618 -5.72 -9.28 28.31
N LEU C 619 -5.08 -10.19 27.57
CA LEU C 619 -4.84 -11.59 28.01
C LEU C 619 -3.66 -11.58 28.98
N THR C 620 -3.88 -11.92 30.25
CA THR C 620 -2.83 -11.83 31.31
C THR C 620 -2.18 -13.20 31.48
N ASP C 621 -0.88 -13.21 31.75
CA ASP C 621 -0.03 -14.42 31.96
C ASP C 621 -0.37 -15.46 30.88
N TYR C 622 -0.47 -15.04 29.62
CA TYR C 622 -0.71 -15.96 28.49
C TYR C 622 0.52 -16.85 28.33
N PRO C 623 0.37 -18.20 28.42
CA PRO C 623 1.52 -19.11 28.38
C PRO C 623 2.26 -19.05 27.04
N VAL C 624 3.59 -18.86 27.11
CA VAL C 624 4.51 -18.89 25.93
C VAL C 624 5.81 -19.53 26.41
N ASP C 625 5.95 -20.84 26.20
CA ASP C 625 7.16 -21.59 26.62
C ASP C 625 8.35 -21.15 25.75
N LEU C 626 9.56 -21.54 26.13
CA LEU C 626 10.84 -21.13 25.49
C LEU C 626 10.76 -21.34 23.97
N ASP C 627 10.12 -22.43 23.54
CA ASP C 627 10.05 -22.88 22.12
C ASP C 627 8.75 -22.39 21.47
N GLU C 628 8.10 -21.36 22.02
CA GLU C 628 6.82 -20.85 21.47
C GLU C 628 6.88 -19.34 21.28
N ILE C 629 6.00 -18.83 20.42
CA ILE C 629 5.63 -17.39 20.28
C ILE C 629 4.09 -17.34 20.36
N ALA C 630 3.54 -16.26 20.93
CA ALA C 630 2.09 -16.00 20.89
C ALA C 630 1.77 -15.33 19.55
N TYR C 631 0.92 -15.93 18.73
CA TYR C 631 0.35 -15.30 17.53
C TYR C 631 -1.15 -15.60 17.49
N PHE C 632 -1.90 -14.71 16.84
CA PHE C 632 -3.37 -14.81 16.66
C PHE C 632 -3.69 -14.39 15.23
N THR C 633 -4.64 -15.07 14.61
CA THR C 633 -5.14 -14.79 13.24
C THR C 633 -6.55 -14.21 13.35
N TRP C 634 -6.86 -13.20 12.54
CA TRP C 634 -8.22 -12.61 12.39
C TRP C 634 -9.23 -13.73 12.11
N ALA C 635 -10.42 -13.72 12.72
CA ALA C 635 -11.37 -14.87 12.74
C ALA C 635 -12.70 -14.50 12.07
N TRP D 107 -27.03 16.74 -18.66
CA TRP D 107 -26.85 16.00 -17.38
C TRP D 107 -26.21 14.62 -17.63
N TYR D 108 -25.54 14.12 -16.59
CA TYR D 108 -24.70 12.90 -16.63
C TYR D 108 -24.90 12.12 -15.33
N GLY D 109 -24.71 10.79 -15.38
CA GLY D 109 -24.76 9.89 -14.21
C GLY D 109 -25.98 8.97 -14.23
N GLY D 110 -26.56 8.71 -13.05
CA GLY D 110 -27.72 7.81 -12.89
C GLY D 110 -27.33 6.37 -13.13
N ALA D 111 -27.86 5.75 -14.18
CA ALA D 111 -27.76 4.29 -14.40
C ALA D 111 -27.25 3.98 -15.80
N GLU D 112 -26.44 2.92 -15.93
CA GLU D 112 -26.30 2.15 -17.19
C GLU D 112 -27.71 1.80 -17.66
N MET D 113 -28.02 2.05 -18.93
CA MET D 113 -29.33 1.75 -19.59
C MET D 113 -29.05 0.96 -20.86
N ARG D 114 -30.08 0.33 -21.42
CA ARG D 114 -30.01 -0.47 -22.68
C ARG D 114 -29.64 0.47 -23.83
N THR D 115 -30.40 1.56 -23.99
CA THR D 115 -30.15 2.64 -24.98
C THR D 115 -29.48 3.80 -24.23
N GLN D 116 -28.15 3.90 -24.32
CA GLN D 116 -27.34 4.84 -23.50
C GLN D 116 -26.94 6.04 -24.35
N HIS D 117 -27.44 7.23 -23.99
CA HIS D 117 -27.10 8.53 -24.62
C HIS D 117 -26.18 9.31 -23.67
N TRP D 118 -25.39 10.22 -24.21
CA TRP D 118 -24.52 11.16 -23.46
C TRP D 118 -24.55 12.51 -24.17
N PRO D 119 -25.11 13.59 -23.57
CA PRO D 119 -25.68 13.56 -22.21
C PRO D 119 -26.95 12.72 -22.13
N ILE D 120 -27.49 12.58 -20.90
CA ILE D 120 -28.57 11.61 -20.54
C ILE D 120 -29.73 11.58 -21.56
N ARG D 121 -30.36 12.70 -21.90
CA ARG D 121 -31.57 12.72 -22.77
C ARG D 121 -32.67 11.90 -22.07
N GLN D 126 -42.28 7.63 -18.34
CA GLN D 126 -42.08 6.45 -17.45
C GLN D 126 -42.52 6.81 -16.02
N GLU D 127 -43.54 6.12 -15.50
CA GLU D 127 -43.94 6.20 -14.07
C GLU D 127 -42.75 5.75 -13.23
N PRO D 128 -42.47 6.36 -12.05
CA PRO D 128 -41.30 6.00 -11.26
C PRO D 128 -41.30 4.50 -10.94
N GLN D 129 -40.23 3.80 -11.29
CA GLN D 129 -40.06 2.36 -10.98
C GLN D 129 -38.84 2.23 -10.08
N PRO D 130 -38.71 1.11 -9.33
CA PRO D 130 -37.60 0.93 -8.39
C PRO D 130 -36.21 1.14 -9.00
N PHE D 131 -35.41 2.01 -8.37
CA PHE D 131 -34.00 2.24 -8.77
C PHE D 131 -33.18 1.10 -8.18
N VAL D 132 -33.25 -0.05 -8.86
CA VAL D 132 -32.61 -1.32 -8.41
C VAL D 132 -31.86 -1.93 -9.59
N THR D 133 -30.81 -2.67 -9.29
CA THR D 133 -29.93 -3.37 -10.28
C THR D 133 -30.81 -4.32 -11.10
N SER D 134 -30.98 -4.05 -12.40
CA SER D 134 -31.72 -4.92 -13.35
C SER D 134 -30.84 -5.29 -14.55
N ASP D 135 -31.22 -6.39 -15.22
CA ASP D 135 -30.70 -6.85 -16.53
C ASP D 135 -31.50 -6.12 -17.62
N VAL D 136 -30.90 -5.13 -18.26
CA VAL D 136 -31.58 -4.23 -19.22
C VAL D 136 -31.35 -4.72 -20.66
N TYR D 137 -30.85 -5.93 -20.86
CA TYR D 137 -30.56 -6.46 -22.22
C TYR D 137 -31.80 -6.38 -23.11
N SER D 138 -33.00 -6.63 -22.56
CA SER D 138 -34.27 -6.69 -23.32
C SER D 138 -35.21 -5.53 -22.97
N SER D 139 -34.82 -4.60 -22.10
CA SER D 139 -35.72 -3.55 -21.57
C SER D 139 -35.06 -2.16 -21.60
N ASP D 140 -35.72 -1.20 -22.26
CA ASP D 140 -35.38 0.24 -22.29
C ASP D 140 -36.07 0.99 -21.14
N ALA D 141 -36.83 0.28 -20.30
CA ALA D 141 -37.50 0.86 -19.11
C ALA D 141 -36.57 0.72 -17.89
N ALA D 142 -36.00 -0.46 -17.68
CA ALA D 142 -35.31 -0.81 -16.42
C ALA D 142 -33.98 -0.05 -16.31
N PHE D 143 -33.42 -0.06 -15.10
CA PHE D 143 -32.09 0.48 -14.76
C PHE D 143 -31.08 -0.66 -14.72
N GLY D 144 -29.91 -0.45 -15.36
CA GLY D 144 -28.86 -1.47 -15.56
C GLY D 144 -28.18 -1.87 -14.26
N GLY D 145 -27.19 -2.76 -14.36
CA GLY D 145 -26.55 -3.42 -13.22
C GLY D 145 -25.67 -2.49 -12.42
N ILE D 146 -25.26 -1.37 -13.02
CA ILE D 146 -24.39 -0.35 -12.39
C ILE D 146 -25.19 0.96 -12.37
N LEU D 147 -25.45 1.49 -11.17
CA LEU D 147 -26.16 2.78 -11.00
C LEU D 147 -25.82 3.37 -9.63
N GLU D 148 -25.94 4.69 -9.53
CA GLU D 148 -25.82 5.46 -8.27
C GLU D 148 -26.90 6.53 -8.36
N ARG D 149 -27.45 6.92 -7.21
CA ARG D 149 -28.45 8.00 -7.10
C ARG D 149 -27.70 9.33 -7.19
N TYR D 150 -27.06 9.59 -8.34
CA TYR D 150 -26.17 10.76 -8.55
C TYR D 150 -26.35 11.32 -9.95
N TRP D 151 -26.70 12.59 -10.04
CA TRP D 151 -26.84 13.33 -11.32
C TRP D 151 -26.01 14.62 -11.28
N LEU D 152 -25.30 14.88 -12.38
CA LEU D 152 -24.32 15.98 -12.54
C LEU D 152 -24.78 16.88 -13.70
N SER D 153 -24.75 18.19 -13.51
CA SER D 153 -25.15 19.21 -14.53
C SER D 153 -23.93 19.93 -15.11
N SER D 154 -23.96 20.17 -16.44
CA SER D 154 -22.97 20.99 -17.20
C SER D 154 -22.93 22.42 -16.66
N ARG D 155 -23.98 22.87 -15.96
CA ARG D 155 -24.10 24.22 -15.35
C ARG D 155 -23.48 24.21 -13.95
N ALA D 156 -22.61 23.25 -13.63
CA ALA D 156 -21.97 23.12 -12.29
C ALA D 156 -23.06 23.11 -11.20
N ILE D 159 -26.62 16.54 -7.70
CA ILE D 159 -27.57 16.03 -6.65
C ILE D 159 -27.17 14.60 -6.27
N LYS D 160 -27.03 14.35 -4.96
CA LYS D 160 -26.89 13.00 -4.37
C LYS D 160 -28.16 12.71 -3.58
N VAL D 161 -29.02 11.81 -4.07
CA VAL D 161 -30.23 11.35 -3.33
C VAL D 161 -29.76 10.50 -2.15
N ASN D 162 -30.32 10.74 -0.96
CA ASN D 162 -29.87 10.11 0.31
C ASN D 162 -30.06 8.59 0.23
N ASP D 163 -29.16 7.81 0.87
CA ASP D 163 -29.17 6.33 0.84
C ASP D 163 -30.41 5.79 1.56
N SER D 164 -30.99 6.54 2.50
CA SER D 164 -32.18 6.17 3.31
C SER D 164 -33.42 5.95 2.42
N VAL D 165 -33.50 6.61 1.25
CA VAL D 165 -34.77 6.77 0.48
C VAL D 165 -35.18 5.45 -0.15
N PRO D 166 -36.47 5.03 -0.03
CA PRO D 166 -37.00 3.95 -0.86
C PRO D 166 -37.15 4.53 -2.28
N PHE D 167 -36.02 4.65 -2.99
CA PHE D 167 -35.87 5.53 -4.17
C PHE D 167 -36.43 4.87 -5.42
N HIS D 168 -37.30 5.61 -6.12
CA HIS D 168 -37.93 5.24 -7.41
C HIS D 168 -37.68 6.37 -8.41
N LEU D 169 -37.26 6.04 -9.64
CA LEU D 169 -36.95 7.03 -10.70
C LEU D 169 -37.90 6.81 -11.88
N GLY D 170 -38.58 7.87 -12.31
CA GLY D 170 -39.29 7.95 -13.59
C GLY D 170 -38.76 9.12 -14.41
N TRP D 171 -39.41 9.45 -15.52
CA TRP D 171 -39.01 10.61 -16.34
C TRP D 171 -40.19 11.05 -17.22
N ASN D 172 -40.13 12.31 -17.65
CA ASN D 172 -41.16 12.98 -18.48
C ASN D 172 -40.43 13.85 -19.50
N SER D 173 -40.31 13.37 -20.74
CA SER D 173 -39.47 13.99 -21.78
C SER D 173 -40.09 15.34 -22.21
N THR D 174 -41.41 15.51 -22.05
CA THR D 174 -42.14 16.75 -22.45
C THR D 174 -41.63 17.95 -21.66
N GLU D 175 -41.36 17.79 -20.36
CA GLU D 175 -40.85 18.86 -19.48
C GLU D 175 -39.38 18.58 -19.08
N ARG D 176 -38.81 17.44 -19.48
CA ARG D 176 -37.40 17.03 -19.18
C ARG D 176 -37.18 17.01 -17.67
N TYR D 184 -43.30 2.85 -0.52
CA TYR D 184 -43.21 1.56 0.20
C TYR D 184 -44.26 0.57 -0.31
N HIS D 185 -45.18 0.98 -1.19
CA HIS D 185 -46.20 0.11 -1.82
C HIS D 185 -45.73 -0.32 -3.23
N ASP D 186 -45.99 -1.58 -3.60
CA ASP D 186 -45.58 -2.20 -4.89
C ASP D 186 -44.10 -1.89 -5.16
N THR D 187 -43.19 -2.46 -4.37
CA THR D 187 -41.75 -2.16 -4.41
C THR D 187 -40.99 -3.24 -3.65
N PRO D 188 -39.75 -3.58 -4.06
CA PRO D 188 -38.91 -4.49 -3.28
C PRO D 188 -38.24 -3.83 -2.05
N TYR D 189 -38.44 -2.52 -1.84
CA TYR D 189 -37.94 -1.79 -0.64
C TYR D 189 -38.81 -2.14 0.56
N LYS D 190 -38.20 -2.57 1.67
CA LYS D 190 -38.87 -2.79 2.98
C LYS D 190 -38.40 -1.69 3.92
N PRO D 191 -39.28 -1.10 4.75
CA PRO D 191 -38.86 -0.16 5.79
C PRO D 191 -37.99 -0.81 6.86
N PRO D 192 -37.01 -0.10 7.46
CA PRO D 192 -36.26 -0.63 8.61
C PRO D 192 -37.02 -0.42 9.94
N ASP D 210 -17.26 25.23 -11.59
CA ASP D 210 -17.32 24.52 -12.90
C ASP D 210 -17.68 23.06 -12.67
N VAL D 211 -18.13 22.37 -13.73
CA VAL D 211 -18.72 20.99 -13.69
C VAL D 211 -17.69 19.99 -13.15
N THR D 212 -16.41 20.13 -13.50
CA THR D 212 -15.34 19.18 -13.10
C THR D 212 -15.08 19.31 -11.59
N SER D 213 -14.95 20.53 -11.08
CA SER D 213 -14.65 20.82 -9.65
C SER D 213 -15.76 20.22 -8.77
N ILE D 214 -17.02 20.51 -9.08
CA ILE D 214 -18.16 20.09 -8.21
C ILE D 214 -18.29 18.56 -8.31
N HIS D 215 -18.12 17.97 -9.49
CA HIS D 215 -18.12 16.49 -9.66
C HIS D 215 -17.05 15.87 -8.74
N LYS D 216 -15.82 16.40 -8.74
CA LYS D 216 -14.70 15.87 -7.92
C LYS D 216 -15.03 16.00 -6.44
N TYR D 217 -15.62 17.11 -6.01
CA TYR D 217 -16.15 17.26 -4.62
C TYR D 217 -17.15 16.12 -4.33
N MET D 218 -18.13 15.90 -5.20
CA MET D 218 -19.23 14.92 -4.95
C MET D 218 -18.64 13.50 -4.93
N VAL D 219 -17.76 13.18 -5.88
CA VAL D 219 -17.09 11.83 -6.00
C VAL D 219 -16.31 11.56 -4.70
N ARG D 220 -15.52 12.54 -4.25
CA ARG D 220 -14.67 12.42 -3.04
C ARG D 220 -15.54 12.20 -1.80
N ARG D 221 -16.72 12.83 -1.76
CA ARG D 221 -17.62 12.79 -0.57
C ARG D 221 -18.35 11.44 -0.51
N TYR D 222 -18.88 10.93 -1.64
CA TYR D 222 -19.92 9.87 -1.66
C TYR D 222 -19.38 8.52 -2.14
N PHE D 223 -18.44 8.48 -3.08
CA PHE D 223 -17.96 7.21 -3.67
C PHE D 223 -16.62 6.83 -3.04
N ASN D 224 -16.53 5.62 -2.48
CA ASN D 224 -15.24 5.03 -2.07
C ASN D 224 -14.44 4.76 -3.35
N LYS D 225 -13.12 4.65 -3.22
CA LYS D 225 -12.22 4.38 -4.35
C LYS D 225 -11.72 2.95 -4.24
N PRO D 226 -11.41 2.29 -5.38
CA PRO D 226 -10.65 1.05 -5.33
C PRO D 226 -9.29 1.38 -4.67
N SER D 227 -8.86 0.54 -3.74
CA SER D 227 -7.57 0.70 -3.02
C SER D 227 -6.47 -0.06 -3.77
N ARG D 228 -6.84 -0.90 -4.74
CA ARG D 228 -5.88 -1.77 -5.47
C ARG D 228 -6.12 -1.67 -6.97
N VAL D 229 -5.09 -2.00 -7.74
CA VAL D 229 -5.13 -2.02 -9.23
C VAL D 229 -5.13 -3.48 -9.68
N PRO D 230 -6.03 -3.87 -10.59
CA PRO D 230 -5.97 -5.19 -11.22
C PRO D 230 -4.62 -5.47 -11.90
N ALA D 231 -4.42 -6.72 -12.34
CA ALA D 231 -3.19 -7.18 -13.02
C ALA D 231 -2.83 -6.21 -14.14
N PRO D 232 -1.54 -5.80 -14.25
CA PRO D 232 -1.13 -4.83 -15.27
C PRO D 232 -1.49 -5.28 -16.69
N GLU D 233 -1.44 -6.60 -16.95
CA GLU D 233 -1.62 -7.16 -18.32
C GLU D 233 -3.08 -6.95 -18.77
N ALA D 234 -4.02 -6.85 -17.83
CA ALA D 234 -5.45 -6.62 -18.14
C ALA D 234 -5.63 -5.23 -18.77
N PHE D 235 -4.67 -4.32 -18.56
CA PHE D 235 -4.69 -2.95 -19.13
C PHE D 235 -3.89 -2.88 -20.44
N ARG D 236 -3.35 -4.01 -20.90
CA ARG D 236 -2.44 -4.04 -22.09
C ARG D 236 -2.91 -5.12 -23.07
N ASP D 237 -2.91 -6.38 -22.67
CA ASP D 237 -3.12 -7.50 -23.62
C ASP D 237 -4.62 -7.73 -23.77
N PRO D 238 -5.06 -8.21 -24.95
CA PRO D 238 -6.46 -8.57 -25.14
C PRO D 238 -6.85 -9.72 -24.20
N ILE D 239 -8.05 -9.64 -23.64
CA ILE D 239 -8.76 -10.76 -22.96
C ILE D 239 -9.44 -11.58 -24.07
N TRP D 240 -9.45 -12.91 -23.95
CA TRP D 240 -10.09 -13.80 -24.97
C TRP D 240 -11.22 -14.58 -24.29
N SER D 241 -12.46 -14.46 -24.78
CA SER D 241 -13.67 -15.10 -24.19
C SER D 241 -14.26 -16.12 -25.16
N THR D 242 -14.69 -17.27 -24.65
CA THR D 242 -15.30 -18.36 -25.45
C THR D 242 -16.74 -18.00 -25.83
N TRP D 243 -17.37 -17.02 -25.16
CA TRP D 243 -18.85 -16.87 -25.12
C TRP D 243 -19.45 -16.57 -26.50
N ALA D 244 -19.13 -15.43 -27.10
CA ALA D 244 -19.72 -14.99 -28.38
C ALA D 244 -19.30 -15.95 -29.50
N LEU D 245 -18.08 -16.51 -29.42
CA LEU D 245 -17.47 -17.37 -30.46
C LEU D 245 -18.16 -18.74 -30.50
N TYR D 246 -18.31 -19.40 -29.34
CA TYR D 246 -18.76 -20.81 -29.24
C TYR D 246 -20.16 -20.93 -28.60
N GLY D 247 -20.56 -20.00 -27.75
CA GLY D 247 -21.82 -20.09 -26.98
C GLY D 247 -21.74 -21.21 -25.95
N ARG D 248 -22.90 -21.71 -25.53
CA ARG D 248 -23.02 -22.76 -24.46
C ARG D 248 -22.22 -24.00 -24.86
N ALA D 249 -22.16 -24.32 -26.16
CA ALA D 249 -21.57 -25.56 -26.72
C ALA D 249 -20.03 -25.57 -26.64
N VAL D 250 -19.41 -24.64 -25.90
CA VAL D 250 -17.96 -24.63 -25.60
C VAL D 250 -17.54 -26.04 -25.15
N ASP D 251 -16.29 -26.44 -25.46
CA ASP D 251 -15.75 -27.83 -25.36
C ASP D 251 -14.26 -27.76 -25.01
N GLN D 252 -13.69 -28.90 -24.58
CA GLN D 252 -12.23 -29.04 -24.39
C GLN D 252 -11.50 -28.83 -25.71
N ASP D 253 -11.98 -29.45 -26.79
CA ASP D 253 -11.37 -29.33 -28.15
C ASP D 253 -11.34 -27.84 -28.54
N LYS D 254 -12.48 -27.15 -28.39
CA LYS D 254 -12.72 -25.77 -28.87
C LYS D 254 -11.85 -24.76 -28.09
N VAL D 255 -11.71 -24.93 -26.78
CA VAL D 255 -10.87 -24.05 -25.90
C VAL D 255 -9.43 -24.11 -26.41
N LEU D 256 -8.90 -25.33 -26.61
CA LEU D 256 -7.49 -25.55 -27.00
C LEU D 256 -7.25 -25.03 -28.43
N ARG D 257 -8.18 -25.28 -29.36
CA ARG D 257 -8.13 -24.76 -30.76
C ARG D 257 -8.12 -23.22 -30.76
N PHE D 258 -8.96 -22.59 -29.93
CA PHE D 258 -9.06 -21.13 -29.73
C PHE D 258 -7.67 -20.58 -29.31
N ALA D 259 -7.10 -21.16 -28.26
CA ALA D 259 -5.79 -20.78 -27.67
C ALA D 259 -4.68 -20.95 -28.72
N GLN D 260 -4.69 -22.05 -29.48
CA GLN D 260 -3.67 -22.31 -30.53
C GLN D 260 -3.76 -21.19 -31.58
N GLN D 261 -4.98 -20.83 -32.02
CA GLN D 261 -5.21 -19.79 -33.07
C GLN D 261 -4.75 -18.41 -32.53
N ILE D 262 -4.99 -18.13 -31.24
CA ILE D 262 -4.50 -16.90 -30.56
C ILE D 262 -2.97 -16.84 -30.69
N ARG D 263 -2.27 -17.96 -30.48
CA ARG D 263 -0.77 -18.03 -30.55
C ARG D 263 -0.31 -17.91 -32.02
N LEU D 264 -0.96 -18.63 -32.94
CA LEU D 264 -0.55 -18.68 -34.39
C LEU D 264 -0.69 -17.28 -35.03
N HIS D 265 -1.70 -16.49 -34.63
CA HIS D 265 -1.92 -15.10 -35.15
C HIS D 265 -1.19 -14.08 -34.28
N HIS D 266 -0.30 -14.54 -33.38
CA HIS D 266 0.74 -13.71 -32.70
C HIS D 266 0.08 -12.65 -31.82
N PHE D 267 -0.91 -13.03 -31.00
CA PHE D 267 -1.53 -12.14 -30.00
C PHE D 267 -1.11 -12.57 -28.59
N ASN D 268 -0.74 -11.57 -27.78
CA ASN D 268 -0.66 -11.71 -26.31
C ASN D 268 -2.06 -11.98 -25.78
N SER D 269 -2.15 -12.39 -24.51
CA SER D 269 -3.42 -12.71 -23.83
C SER D 269 -3.27 -12.29 -22.36
N SER D 270 -4.13 -11.41 -21.88
CA SER D 270 -4.19 -11.12 -20.42
C SER D 270 -4.55 -12.44 -19.73
N HIS D 271 -5.56 -13.12 -20.27
CA HIS D 271 -6.07 -14.42 -19.79
C HIS D 271 -7.12 -14.91 -20.78
N LEU D 272 -7.45 -16.20 -20.71
CA LEU D 272 -8.54 -16.85 -21.49
C LEU D 272 -9.71 -17.10 -20.53
N GLU D 273 -10.90 -16.66 -20.91
CA GLU D 273 -12.14 -16.72 -20.08
C GLU D 273 -13.04 -17.82 -20.63
N ILE D 274 -13.13 -18.96 -19.94
CA ILE D 274 -14.05 -20.08 -20.30
C ILE D 274 -15.44 -19.75 -19.75
N ASP D 275 -16.40 -19.53 -20.63
CA ASP D 275 -17.77 -19.07 -20.28
C ASP D 275 -18.73 -20.27 -20.18
N ASP D 276 -19.99 -19.97 -19.87
CA ASP D 276 -21.18 -20.84 -20.01
C ASP D 276 -21.02 -21.71 -21.27
N MET D 277 -21.20 -23.04 -21.23
CA MET D 277 -21.42 -23.88 -20.05
C MET D 277 -20.31 -24.93 -20.01
N TYR D 278 -19.62 -25.07 -18.88
CA TYR D 278 -18.52 -26.07 -18.72
C TYR D 278 -18.83 -27.03 -17.57
N THR D 279 -20.04 -26.99 -17.01
CA THR D 279 -20.48 -27.85 -15.87
C THR D 279 -21.67 -28.69 -16.32
N PRO D 280 -21.92 -29.86 -15.69
CA PRO D 280 -23.05 -30.71 -16.06
C PRO D 280 -24.40 -30.03 -15.80
N ALA D 281 -24.49 -29.24 -14.72
CA ALA D 281 -25.67 -28.44 -14.34
C ALA D 281 -25.24 -27.11 -13.71
N TYR D 282 -26.10 -26.11 -13.80
CA TYR D 282 -25.92 -24.76 -13.22
C TYR D 282 -26.07 -24.87 -11.70
N GLY D 283 -24.96 -24.67 -10.98
CA GLY D 283 -24.85 -24.85 -9.52
C GLY D 283 -23.73 -25.81 -9.16
N ASP D 284 -23.39 -26.75 -10.05
CA ASP D 284 -22.19 -27.62 -9.92
C ASP D 284 -20.96 -26.80 -10.28
N PHE D 285 -19.88 -26.94 -9.51
CA PHE D 285 -18.61 -26.20 -9.77
C PHE D 285 -17.63 -27.08 -10.55
N ASP D 286 -17.76 -28.41 -10.49
CA ASP D 286 -16.83 -29.34 -11.20
C ASP D 286 -17.18 -29.37 -12.70
N PHE D 287 -16.15 -29.53 -13.54
CA PHE D 287 -16.25 -29.57 -15.02
C PHE D 287 -17.04 -30.81 -15.48
N ASP D 288 -17.83 -30.65 -16.53
CA ASP D 288 -18.58 -31.73 -17.23
C ASP D 288 -17.59 -32.60 -18.01
N GLU D 289 -17.46 -33.88 -17.66
CA GLU D 289 -16.42 -34.79 -18.25
C GLU D 289 -16.78 -35.20 -19.68
N VAL D 290 -18.04 -35.06 -20.11
CA VAL D 290 -18.46 -35.31 -21.53
C VAL D 290 -17.80 -34.24 -22.42
N LYS D 291 -17.99 -32.96 -22.09
CA LYS D 291 -17.45 -31.83 -22.91
C LYS D 291 -15.97 -31.61 -22.59
N PHE D 292 -15.50 -32.00 -21.40
CA PHE D 292 -14.10 -31.77 -20.94
C PHE D 292 -13.50 -33.06 -20.36
N PRO D 293 -13.19 -34.07 -21.20
CA PRO D 293 -12.74 -35.38 -20.71
C PRO D 293 -11.45 -35.39 -19.87
N ASN D 294 -10.55 -34.44 -20.07
CA ASN D 294 -9.34 -34.26 -19.22
C ASN D 294 -9.10 -32.76 -18.99
N ALA D 295 -9.87 -32.17 -18.07
CA ALA D 295 -9.77 -30.77 -17.62
C ALA D 295 -8.32 -30.46 -17.23
N SER D 296 -7.75 -31.30 -16.36
CA SER D 296 -6.36 -31.18 -15.83
C SER D 296 -5.37 -30.97 -16.99
N ASP D 297 -5.45 -31.81 -18.02
CA ASP D 297 -4.52 -31.80 -19.17
C ASP D 297 -4.73 -30.53 -20.00
N MET D 298 -6.00 -30.11 -20.18
CA MET D 298 -6.38 -28.82 -20.83
C MET D 298 -5.68 -27.67 -20.12
N PHE D 299 -5.83 -27.59 -18.79
CA PHE D 299 -5.28 -26.50 -17.94
C PHE D 299 -3.75 -26.55 -17.99
N ARG D 300 -3.17 -27.75 -18.05
CA ARG D 300 -1.70 -27.97 -18.16
C ARG D 300 -1.20 -27.46 -19.52
N ARG D 301 -1.90 -27.80 -20.61
CA ARG D 301 -1.56 -27.38 -22.00
C ARG D 301 -1.71 -25.85 -22.12
N LEU D 302 -2.74 -25.28 -21.49
CA LEU D 302 -2.99 -23.81 -21.52
C LEU D 302 -1.90 -23.09 -20.72
N ARG D 303 -1.56 -23.60 -19.53
CA ARG D 303 -0.49 -23.05 -18.65
C ARG D 303 0.86 -23.08 -19.40
N ASP D 304 1.20 -24.22 -20.02
CA ASP D 304 2.47 -24.43 -20.78
C ASP D 304 2.56 -23.49 -21.99
N ALA D 305 1.42 -23.12 -22.59
CA ALA D 305 1.33 -22.19 -23.75
C ALA D 305 1.22 -20.73 -23.25
N GLY D 306 1.41 -20.49 -21.95
CA GLY D 306 1.49 -19.14 -21.35
C GLY D 306 0.12 -18.48 -21.19
N PHE D 307 -0.95 -19.24 -20.99
CA PHE D 307 -2.33 -18.73 -20.84
C PHE D 307 -2.77 -18.78 -19.38
N ARG D 308 -3.02 -17.61 -18.79
CA ARG D 308 -3.83 -17.45 -17.55
C ARG D 308 -5.29 -17.76 -17.91
N VAL D 309 -6.07 -18.36 -17.00
CA VAL D 309 -7.47 -18.77 -17.25
C VAL D 309 -8.40 -18.24 -16.15
N THR D 310 -9.52 -17.65 -16.54
CA THR D 310 -10.66 -17.31 -15.65
C THR D 310 -11.87 -18.16 -16.04
N LEU D 311 -12.75 -18.43 -15.07
CA LEU D 311 -13.96 -19.27 -15.25
C LEU D 311 -15.20 -18.42 -14.95
N TRP D 312 -16.20 -18.56 -15.82
CA TRP D 312 -17.60 -18.06 -15.65
C TRP D 312 -18.25 -18.71 -14.43
N VAL D 313 -18.79 -17.90 -13.52
CA VAL D 313 -19.63 -18.35 -12.37
C VAL D 313 -20.83 -17.41 -12.24
N HIS D 314 -21.76 -17.74 -11.34
CA HIS D 314 -23.06 -17.04 -11.18
C HIS D 314 -23.63 -17.35 -9.80
N PRO D 315 -24.69 -16.66 -9.35
CA PRO D 315 -25.26 -16.88 -8.01
C PRO D 315 -26.38 -17.95 -7.89
N PHE D 316 -26.68 -18.68 -8.97
CA PHE D 316 -27.87 -19.59 -9.04
C PHE D 316 -27.46 -21.05 -8.80
N VAL D 317 -28.35 -21.81 -8.16
CA VAL D 317 -28.29 -23.30 -8.14
C VAL D 317 -29.64 -23.83 -8.65
N ASN D 318 -29.65 -24.38 -9.86
CA ASN D 318 -30.83 -24.93 -10.56
C ASN D 318 -31.32 -26.17 -9.80
N TYR D 319 -32.59 -26.53 -9.94
CA TYR D 319 -33.23 -27.63 -9.15
C TYR D 319 -32.60 -28.99 -9.51
N ASN D 320 -32.01 -29.15 -10.70
CA ASN D 320 -31.41 -30.43 -11.16
C ASN D 320 -29.89 -30.39 -11.05
N SER D 321 -29.34 -29.43 -10.28
CA SER D 321 -27.92 -29.38 -9.88
C SER D 321 -27.72 -30.37 -8.74
N SER D 322 -26.57 -31.04 -8.70
CA SER D 322 -26.16 -31.98 -7.61
C SER D 322 -25.94 -31.21 -6.30
N ARG D 323 -25.96 -29.86 -6.33
CA ARG D 323 -25.70 -29.01 -5.16
C ARG D 323 -27.00 -28.40 -4.62
N PHE D 324 -28.13 -28.54 -5.32
CA PHE D 324 -29.43 -27.93 -4.96
C PHE D 324 -29.87 -28.39 -3.57
N GLY D 325 -29.90 -29.72 -3.37
CA GLY D 325 -30.25 -30.35 -2.08
C GLY D 325 -29.36 -29.86 -0.97
N GLU D 326 -28.06 -29.83 -1.22
CA GLU D 326 -27.03 -29.28 -0.29
C GLU D 326 -27.45 -27.87 0.15
N GLY D 327 -27.88 -27.03 -0.80
CA GLY D 327 -28.26 -25.61 -0.57
C GLY D 327 -29.54 -25.46 0.22
N VAL D 328 -30.55 -26.28 -0.07
CA VAL D 328 -31.84 -26.32 0.68
C VAL D 328 -31.53 -26.63 2.16
N GLU D 329 -30.75 -27.69 2.38
CA GLU D 329 -30.49 -28.29 3.73
C GLU D 329 -29.62 -27.37 4.59
N ARG D 330 -28.66 -26.67 3.99
CA ARG D 330 -27.71 -25.80 4.72
C ARG D 330 -28.28 -24.38 4.78
N GLU D 331 -29.42 -24.14 4.12
CA GLU D 331 -30.23 -22.89 4.15
C GLU D 331 -29.40 -21.72 3.61
N LEU D 332 -28.81 -21.92 2.42
CA LEU D 332 -27.84 -21.00 1.79
C LEU D 332 -28.56 -20.05 0.83
N PHE D 333 -29.85 -20.28 0.56
CA PHE D 333 -30.60 -19.60 -0.53
C PHE D 333 -31.45 -18.44 0.01
N VAL D 334 -31.80 -17.53 -0.89
CA VAL D 334 -32.77 -16.44 -0.63
C VAL D 334 -34.14 -17.11 -0.41
N ARG D 335 -34.85 -16.69 0.63
CA ARG D 335 -36.09 -17.34 1.11
C ARG D 335 -37.31 -16.56 0.62
N GLU D 336 -38.48 -17.20 0.67
CA GLU D 336 -39.80 -16.56 0.47
C GLU D 336 -40.02 -15.62 1.67
N PRO D 337 -41.08 -14.78 1.64
CA PRO D 337 -41.27 -13.74 2.67
C PRO D 337 -41.28 -14.20 4.15
N THR D 338 -41.80 -15.39 4.47
CA THR D 338 -41.92 -15.89 5.86
C THR D 338 -40.53 -16.31 6.38
N GLY D 339 -39.59 -16.57 5.49
CA GLY D 339 -38.16 -16.77 5.83
C GLY D 339 -37.85 -18.20 6.25
N ARG D 340 -38.64 -19.17 5.80
CA ARG D 340 -38.57 -20.59 6.24
C ARG D 340 -38.02 -21.49 5.13
N LEU D 341 -38.30 -21.18 3.87
CA LEU D 341 -37.98 -22.06 2.71
C LEU D 341 -37.30 -21.24 1.60
N PRO D 342 -36.47 -21.89 0.76
CA PRO D 342 -35.95 -21.26 -0.45
C PRO D 342 -37.09 -20.74 -1.34
N ALA D 343 -36.86 -19.60 -2.00
CA ALA D 343 -37.73 -19.06 -3.07
C ALA D 343 -37.11 -19.41 -4.42
N LEU D 344 -37.87 -20.01 -5.32
CA LEU D 344 -37.38 -20.36 -6.68
C LEU D 344 -37.40 -19.10 -7.55
N VAL D 345 -36.43 -18.98 -8.46
CA VAL D 345 -36.34 -17.88 -9.45
C VAL D 345 -36.19 -18.48 -10.84
N ARG D 346 -36.53 -17.70 -11.87
CA ARG D 346 -36.17 -17.98 -13.27
C ARG D 346 -35.07 -17.01 -13.71
N TRP D 347 -33.99 -17.53 -14.28
CA TRP D 347 -32.99 -16.78 -15.07
C TRP D 347 -32.88 -17.43 -16.45
N TRP D 348 -32.04 -16.88 -17.33
CA TRP D 348 -31.98 -17.28 -18.76
C TRP D 348 -31.51 -18.73 -18.90
N ASN D 349 -30.92 -19.34 -17.87
CA ASN D 349 -30.47 -20.76 -17.89
C ASN D 349 -31.39 -21.68 -17.08
N GLY D 350 -32.54 -21.17 -16.60
CA GLY D 350 -33.63 -22.03 -16.11
C GLY D 350 -34.14 -21.64 -14.73
N ILE D 351 -34.53 -22.64 -13.94
CA ILE D 351 -35.22 -22.44 -12.63
C ILE D 351 -34.37 -23.07 -11.52
N GLY D 352 -34.09 -22.28 -10.49
CA GLY D 352 -33.43 -22.76 -9.26
C GLY D 352 -33.57 -21.74 -8.15
N ALA D 353 -32.70 -21.83 -7.15
CA ALA D 353 -32.61 -20.87 -6.04
C ALA D 353 -31.43 -19.93 -6.31
N VAL D 354 -31.37 -18.82 -5.57
CA VAL D 354 -30.24 -17.84 -5.66
C VAL D 354 -29.59 -17.76 -4.29
N LEU D 355 -28.25 -17.79 -4.25
CA LEU D 355 -27.47 -17.81 -2.98
C LEU D 355 -27.71 -16.49 -2.24
N ASP D 356 -27.84 -16.59 -0.91
CA ASP D 356 -28.01 -15.41 -0.03
C ASP D 356 -26.61 -14.93 0.38
N PHE D 357 -26.10 -13.88 -0.26
CA PHE D 357 -24.71 -13.39 -0.03
C PHE D 357 -24.67 -12.50 1.22
N THR D 358 -25.78 -12.40 1.95
CA THR D 358 -25.86 -11.77 3.30
C THR D 358 -25.61 -12.84 4.38
N HIS D 359 -25.63 -14.12 4.01
CA HIS D 359 -25.45 -15.28 4.92
C HIS D 359 -23.97 -15.69 4.95
N PRO D 360 -23.28 -15.58 6.11
CA PRO D 360 -21.87 -15.95 6.19
C PRO D 360 -21.59 -17.37 5.64
N LYS D 361 -22.51 -18.30 5.87
CA LYS D 361 -22.37 -19.74 5.50
C LYS D 361 -22.42 -19.85 3.97
N ALA D 362 -23.36 -19.15 3.33
CA ALA D 362 -23.54 -19.12 1.86
C ALA D 362 -22.31 -18.51 1.19
N ARG D 363 -21.70 -17.51 1.81
CA ARG D 363 -20.46 -16.86 1.31
C ARG D 363 -19.31 -17.86 1.42
N ASP D 364 -19.06 -18.41 2.61
CA ASP D 364 -17.99 -19.40 2.85
C ASP D 364 -18.13 -20.52 1.82
N TRP D 365 -19.37 -20.94 1.57
CA TRP D 365 -19.70 -22.07 0.65
C TRP D 365 -19.29 -21.72 -0.78
N PHE D 366 -19.76 -20.59 -1.29
CA PHE D 366 -19.41 -20.05 -2.63
C PHE D 366 -17.88 -19.95 -2.75
N GLN D 367 -17.23 -19.28 -1.79
CA GLN D 367 -15.75 -19.07 -1.75
C GLN D 367 -15.01 -20.41 -1.79
N GLY D 368 -15.41 -21.35 -0.94
CA GLY D 368 -14.83 -22.71 -0.87
C GLY D 368 -14.74 -23.35 -2.25
N HIS D 369 -15.81 -23.29 -3.04
CA HIS D 369 -15.84 -23.91 -4.40
C HIS D 369 -14.94 -23.13 -5.36
N LEU D 370 -14.82 -21.81 -5.19
CA LEU D 370 -13.91 -20.96 -6.01
C LEU D 370 -12.48 -21.36 -5.69
N ARG D 371 -12.13 -21.43 -4.40
CA ARG D 371 -10.77 -21.80 -3.92
C ARG D 371 -10.41 -23.20 -4.40
N ARG D 372 -11.37 -24.13 -4.45
CA ARG D 372 -11.17 -25.53 -4.92
C ARG D 372 -10.84 -25.51 -6.42
N LEU D 373 -11.50 -24.66 -7.20
CA LEU D 373 -11.26 -24.52 -8.66
C LEU D 373 -9.86 -23.95 -8.92
N ARG D 374 -9.39 -23.04 -8.07
CA ARG D 374 -8.02 -22.47 -8.17
C ARG D 374 -7.01 -23.54 -7.82
N SER D 375 -7.20 -24.21 -6.68
CA SER D 375 -6.33 -25.28 -6.15
C SER D 375 -6.19 -26.42 -7.18
N ARG D 376 -7.29 -26.87 -7.78
CA ARG D 376 -7.34 -28.07 -8.66
C ARG D 376 -6.73 -27.74 -10.03
N TYR D 377 -6.94 -26.53 -10.56
CA TYR D 377 -6.68 -26.20 -11.99
C TYR D 377 -5.80 -24.95 -12.18
N SER D 378 -5.27 -24.35 -11.11
CA SER D 378 -4.53 -23.05 -11.08
C SER D 378 -5.26 -21.99 -11.91
N VAL D 379 -6.59 -22.00 -11.93
CA VAL D 379 -7.45 -20.92 -12.49
C VAL D 379 -7.09 -19.64 -11.72
N ALA D 380 -6.97 -18.51 -12.42
CA ALA D 380 -6.49 -17.22 -11.86
C ALA D 380 -7.62 -16.51 -11.11
N SER D 381 -8.78 -16.38 -11.72
CA SER D 381 -9.94 -15.62 -11.19
C SER D 381 -11.25 -16.11 -11.83
N PHE D 382 -12.31 -15.30 -11.75
CA PHE D 382 -13.67 -15.68 -12.18
C PHE D 382 -14.38 -14.47 -12.79
N LYS D 383 -15.21 -14.74 -13.81
CA LYS D 383 -16.22 -13.78 -14.33
C LYS D 383 -17.51 -14.04 -13.56
N PHE D 384 -17.93 -13.07 -12.76
CA PHE D 384 -19.11 -13.10 -11.87
C PHE D 384 -20.34 -12.59 -12.65
N ASP D 385 -21.08 -13.49 -13.26
CA ASP D 385 -22.28 -13.18 -14.10
C ASP D 385 -23.49 -12.89 -13.19
N ALA D 386 -24.55 -12.32 -13.76
CA ALA D 386 -25.78 -11.85 -13.08
C ALA D 386 -25.39 -10.91 -11.93
N GLY D 387 -26.10 -10.93 -10.81
CA GLY D 387 -25.87 -10.01 -9.68
C GLY D 387 -26.97 -8.98 -9.55
N GLU D 388 -27.82 -8.84 -10.57
CA GLU D 388 -28.99 -7.92 -10.55
C GLU D 388 -30.07 -8.54 -9.65
N VAL D 389 -30.80 -7.67 -8.93
CA VAL D 389 -31.88 -8.10 -8.01
C VAL D 389 -33.18 -8.29 -8.80
N SER D 390 -33.18 -7.97 -10.09
CA SER D 390 -34.32 -8.29 -11.00
C SER D 390 -34.47 -9.82 -11.12
N TYR D 391 -33.47 -10.60 -10.68
CA TYR D 391 -33.46 -12.10 -10.70
C TYR D 391 -33.81 -12.66 -9.30
N LEU D 392 -34.09 -11.79 -8.34
CA LEU D 392 -34.60 -12.16 -7.01
C LEU D 392 -36.13 -12.02 -7.05
N PRO D 393 -36.90 -12.72 -6.18
CA PRO D 393 -38.36 -12.62 -6.20
C PRO D 393 -38.83 -11.27 -5.66
N ARG D 394 -40.03 -10.82 -6.04
CA ARG D 394 -40.57 -9.46 -5.72
C ARG D 394 -40.39 -9.19 -4.22
N ASP D 395 -41.06 -9.99 -3.39
CA ASP D 395 -40.89 -10.02 -1.91
C ASP D 395 -40.02 -11.23 -1.59
N PHE D 396 -39.06 -11.05 -0.68
CA PHE D 396 -38.04 -12.08 -0.33
C PHE D 396 -37.46 -11.77 1.04
N SER D 397 -36.87 -12.80 1.66
CA SER D 397 -36.23 -12.76 3.00
C SER D 397 -34.75 -13.14 2.83
N THR D 398 -33.87 -12.54 3.64
CA THR D 398 -32.41 -12.84 3.65
C THR D 398 -31.95 -12.95 5.11
N TYR D 399 -30.83 -13.63 5.35
CA TYR D 399 -30.24 -13.86 6.69
C TYR D 399 -30.17 -12.53 7.44
N ARG D 400 -29.49 -11.53 6.85
CA ARG D 400 -29.58 -10.11 7.27
C ARG D 400 -30.68 -9.45 6.44
N PRO D 401 -31.57 -8.65 7.07
CA PRO D 401 -32.63 -7.96 6.32
C PRO D 401 -32.02 -6.90 5.39
N LEU D 402 -32.53 -6.80 4.17
CA LEU D 402 -32.10 -5.79 3.18
C LEU D 402 -33.25 -4.84 2.91
N PRO D 403 -33.37 -3.73 3.69
CA PRO D 403 -34.37 -2.70 3.38
C PRO D 403 -34.15 -2.15 1.96
N ASP D 404 -32.88 -2.04 1.54
CA ASP D 404 -32.47 -1.69 0.16
C ASP D 404 -32.09 -2.97 -0.59
N PRO D 405 -32.95 -3.51 -1.49
CA PRO D 405 -32.71 -4.83 -2.08
C PRO D 405 -31.38 -4.93 -2.84
N SER D 406 -30.98 -3.84 -3.49
CA SER D 406 -29.79 -3.76 -4.38
C SER D 406 -28.50 -4.00 -3.60
N VAL D 407 -28.51 -3.89 -2.27
CA VAL D 407 -27.32 -4.20 -1.41
C VAL D 407 -26.96 -5.69 -1.57
N TRP D 408 -27.91 -6.52 -2.01
CA TRP D 408 -27.66 -7.93 -2.40
C TRP D 408 -26.60 -7.97 -3.50
N SER D 409 -26.74 -7.10 -4.51
CA SER D 409 -25.80 -6.97 -5.64
C SER D 409 -24.40 -6.66 -5.10
N ARG D 410 -24.30 -5.71 -4.15
CA ARG D 410 -23.05 -5.33 -3.48
C ARG D 410 -22.41 -6.58 -2.86
N ARG D 411 -23.19 -7.29 -2.03
CA ARG D 411 -22.73 -8.48 -1.26
C ARG D 411 -22.18 -9.52 -2.24
N TYR D 412 -22.81 -9.66 -3.41
CA TYR D 412 -22.37 -10.59 -4.47
C TYR D 412 -21.02 -10.13 -5.03
N THR D 413 -20.90 -8.85 -5.41
CA THR D 413 -19.65 -8.28 -5.97
C THR D 413 -18.50 -8.49 -4.98
N GLU D 414 -18.78 -8.62 -3.68
CA GLU D 414 -17.72 -8.78 -2.63
C GLU D 414 -17.06 -10.16 -2.80
N MET D 415 -17.68 -11.08 -3.53
CA MET D 415 -17.13 -12.43 -3.78
C MET D 415 -15.91 -12.31 -4.71
N ALA D 416 -15.85 -11.25 -5.51
CA ALA D 416 -14.70 -10.94 -6.38
C ALA D 416 -13.46 -10.60 -5.56
N LEU D 417 -13.61 -10.12 -4.32
CA LEU D 417 -12.51 -9.47 -3.55
C LEU D 417 -11.26 -10.35 -3.44
N PRO D 418 -11.33 -11.65 -3.03
CA PRO D 418 -10.12 -12.47 -2.93
C PRO D 418 -9.39 -12.72 -4.25
N PHE D 419 -10.05 -12.53 -5.40
CA PHE D 419 -9.52 -12.79 -6.76
C PHE D 419 -9.64 -11.53 -7.62
N PHE D 420 -9.62 -10.35 -7.00
CA PHE D 420 -9.91 -9.04 -7.64
C PHE D 420 -9.02 -8.83 -8.87
N SER D 421 -7.81 -9.36 -8.84
CA SER D 421 -6.70 -9.00 -9.76
C SER D 421 -7.09 -9.26 -11.22
N LEU D 422 -7.90 -10.28 -11.50
CA LEU D 422 -8.40 -10.61 -12.87
C LEU D 422 -9.92 -10.91 -12.83
N ALA D 423 -10.62 -10.50 -11.79
CA ALA D 423 -12.09 -10.70 -11.66
C ALA D 423 -12.80 -9.66 -12.52
N GLU D 424 -14.00 -9.99 -13.02
CA GLU D 424 -14.99 -9.00 -13.55
C GLU D 424 -16.37 -9.28 -12.91
N VAL D 425 -17.14 -8.22 -12.68
CA VAL D 425 -18.59 -8.25 -12.30
C VAL D 425 -19.33 -7.39 -13.33
N ARG D 426 -20.65 -7.53 -13.45
CA ARG D 426 -21.47 -6.72 -14.38
C ARG D 426 -22.53 -5.91 -13.62
N VAL D 427 -22.43 -5.88 -12.29
CA VAL D 427 -23.28 -5.02 -11.43
C VAL D 427 -22.38 -4.23 -10.49
N GLY D 428 -22.88 -3.10 -10.02
CA GLY D 428 -22.17 -2.22 -9.07
C GLY D 428 -23.19 -1.40 -8.30
N TYR D 429 -23.27 -1.62 -6.99
CA TYR D 429 -24.14 -0.86 -6.07
C TYR D 429 -23.29 -0.53 -4.85
N GLN D 430 -22.68 0.65 -4.84
CA GLN D 430 -21.59 0.98 -3.90
C GLN D 430 -20.53 -0.13 -3.95
N SER D 431 -20.19 -0.62 -5.16
CA SER D 431 -19.19 -1.68 -5.38
C SER D 431 -17.84 -1.05 -5.79
N GLN D 432 -17.73 0.28 -5.74
CA GLN D 432 -16.56 1.07 -6.25
C GLN D 432 -15.24 0.60 -5.64
N ASN D 433 -15.23 0.29 -4.34
CA ASN D 433 -14.00 -0.04 -3.55
C ASN D 433 -13.63 -1.51 -3.77
N ILE D 434 -14.43 -2.24 -4.56
CA ILE D 434 -14.04 -3.58 -5.08
C ILE D 434 -13.17 -3.30 -6.30
N SER D 435 -11.90 -3.69 -6.21
CA SER D 435 -10.83 -3.20 -7.12
C SER D 435 -10.69 -4.11 -8.34
N CYS D 436 -11.80 -4.64 -8.84
CA CYS D 436 -11.85 -5.50 -10.05
C CYS D 436 -12.41 -4.68 -11.21
N PHE D 437 -12.56 -5.33 -12.37
CA PHE D 437 -13.14 -4.73 -13.59
C PHE D 437 -14.67 -4.81 -13.53
N PHE D 438 -15.31 -3.82 -14.14
CA PHE D 438 -16.79 -3.73 -14.25
C PHE D 438 -17.13 -3.79 -15.72
N ARG D 439 -17.93 -4.79 -16.10
CA ARG D 439 -18.29 -5.07 -17.52
C ARG D 439 -19.64 -4.42 -17.82
N LEU D 440 -19.75 -3.71 -18.93
CA LEU D 440 -21.05 -3.28 -19.51
C LEU D 440 -21.86 -4.53 -19.83
N VAL D 441 -23.18 -4.50 -19.55
CA VAL D 441 -24.10 -5.61 -19.89
C VAL D 441 -24.01 -5.82 -21.40
N ASP D 442 -24.04 -7.10 -21.82
CA ASP D 442 -23.88 -7.63 -23.20
C ASP D 442 -24.19 -6.57 -24.26
N ARG D 443 -23.22 -6.24 -25.09
CA ARG D 443 -23.38 -5.35 -26.26
C ARG D 443 -23.84 -6.18 -27.46
N ASP D 444 -24.75 -5.62 -28.27
CA ASP D 444 -25.25 -6.27 -29.51
C ASP D 444 -24.36 -5.82 -30.68
N SER D 445 -24.20 -6.71 -31.67
CA SER D 445 -23.41 -6.48 -32.91
C SER D 445 -24.22 -5.58 -33.84
N VAL D 446 -24.60 -4.39 -33.38
CA VAL D 446 -25.27 -3.32 -34.17
C VAL D 446 -24.48 -2.02 -34.00
N TRP D 447 -24.82 -1.00 -34.79
CA TRP D 447 -24.12 0.32 -34.84
C TRP D 447 -24.66 1.25 -33.74
N GLY D 448 -25.93 1.10 -33.38
CA GLY D 448 -26.73 2.15 -32.73
C GLY D 448 -26.48 2.28 -31.24
N TYR D 449 -27.23 3.15 -30.58
CA TYR D 449 -27.13 3.46 -29.13
C TYR D 449 -27.81 2.37 -28.29
N ASP D 450 -28.56 1.48 -28.94
CA ASP D 450 -29.25 0.32 -28.31
C ASP D 450 -28.25 -0.83 -28.16
N LEU D 451 -27.31 -0.68 -27.21
CA LEU D 451 -26.27 -1.67 -26.83
C LEU D 451 -25.27 -1.88 -27.98
N GLY D 452 -25.25 -0.99 -28.97
CA GLY D 452 -24.36 -1.10 -30.14
C GLY D 452 -23.10 -0.25 -29.99
N LEU D 453 -22.40 -0.03 -31.10
CA LEU D 453 -21.11 0.70 -31.13
C LEU D 453 -21.28 2.09 -30.53
N ARG D 454 -22.32 2.83 -30.91
CA ARG D 454 -22.54 4.23 -30.46
C ARG D 454 -22.93 4.26 -28.97
N SER D 455 -23.19 3.12 -28.34
CA SER D 455 -23.52 3.05 -26.90
C SER D 455 -22.23 3.02 -26.07
N LEU D 456 -21.10 2.62 -26.66
CA LEU D 456 -19.86 2.32 -25.90
C LEU D 456 -19.41 3.56 -25.14
N ILE D 457 -19.27 4.69 -25.81
CA ILE D 457 -18.69 5.91 -25.18
C ILE D 457 -19.65 6.40 -24.11
N PRO D 458 -20.95 6.59 -24.41
CA PRO D 458 -21.92 6.94 -23.37
C PRO D 458 -21.87 5.99 -22.15
N ALA D 459 -21.94 4.68 -22.37
CA ALA D 459 -21.98 3.68 -21.28
C ALA D 459 -20.69 3.77 -20.44
N VAL D 460 -19.53 3.79 -21.09
CA VAL D 460 -18.22 3.86 -20.39
C VAL D 460 -18.13 5.18 -19.60
N LEU D 461 -18.53 6.30 -20.22
CA LEU D 461 -18.49 7.63 -19.55
C LEU D 461 -19.41 7.60 -18.33
N THR D 462 -20.65 7.14 -18.51
CA THR D 462 -21.67 7.03 -17.44
C THR D 462 -21.08 6.26 -16.25
N VAL D 463 -20.52 5.08 -16.50
CA VAL D 463 -20.00 4.19 -15.43
C VAL D 463 -18.76 4.84 -14.78
N SER D 464 -17.89 5.45 -15.59
CA SER D 464 -16.67 6.18 -15.12
C SER D 464 -17.06 7.27 -14.13
N MET D 465 -18.13 8.02 -14.43
CA MET D 465 -18.67 9.16 -13.61
C MET D 465 -19.05 8.68 -12.21
N LEU D 466 -19.52 7.42 -12.11
CA LEU D 466 -20.10 6.84 -10.87
C LEU D 466 -19.02 6.24 -10.00
N GLY D 467 -17.73 6.42 -10.34
CA GLY D 467 -16.61 6.03 -9.46
C GLY D 467 -16.03 4.66 -9.78
N TYR D 468 -16.38 4.10 -10.94
CA TYR D 468 -15.88 2.78 -11.42
C TYR D 468 -14.89 3.01 -12.55
N PRO D 469 -13.58 3.12 -12.26
CA PRO D 469 -12.59 3.46 -13.29
C PRO D 469 -12.17 2.29 -14.18
N PHE D 470 -12.15 1.06 -13.63
CA PHE D 470 -11.67 -0.15 -14.33
C PHE D 470 -12.84 -0.75 -15.11
N ILE D 471 -13.10 -0.21 -16.31
CA ILE D 471 -14.28 -0.57 -17.13
C ILE D 471 -13.84 -1.47 -18.29
N LEU D 472 -14.63 -2.53 -18.51
CA LEU D 472 -14.51 -3.49 -19.63
C LEU D 472 -15.77 -3.34 -20.47
N PRO D 473 -15.70 -2.73 -21.67
CA PRO D 473 -16.89 -2.52 -22.50
C PRO D 473 -17.32 -3.80 -23.26
N ASP D 474 -17.55 -4.89 -22.52
CA ASP D 474 -18.02 -6.20 -23.04
C ASP D 474 -17.08 -6.67 -24.16
N MET D 475 -17.62 -7.11 -25.30
CA MET D 475 -16.91 -7.91 -26.33
C MET D 475 -16.71 -7.05 -27.57
N VAL D 476 -15.49 -7.04 -28.12
CA VAL D 476 -15.22 -6.40 -29.43
C VAL D 476 -16.17 -7.04 -30.45
N GLY D 477 -16.97 -6.22 -31.12
CA GLY D 477 -17.91 -6.62 -32.18
C GLY D 477 -19.28 -6.99 -31.62
N GLY D 478 -19.41 -7.09 -30.29
CA GLY D 478 -20.64 -7.51 -29.61
C GLY D 478 -20.76 -9.03 -29.55
N ASN D 479 -21.92 -9.52 -29.10
CA ASN D 479 -22.13 -10.95 -28.78
C ASN D 479 -22.75 -11.69 -29.98
N ALA D 480 -23.04 -11.01 -31.08
CA ALA D 480 -23.48 -11.64 -32.35
C ALA D 480 -24.70 -12.53 -32.11
N VAL D 481 -25.70 -11.98 -31.42
CA VAL D 481 -27.00 -12.69 -31.13
C VAL D 481 -27.81 -12.65 -32.42
N PRO D 482 -28.38 -13.79 -32.88
CA PRO D 482 -29.27 -13.79 -34.05
C PRO D 482 -30.41 -12.78 -33.90
N GLN D 483 -30.79 -12.12 -35.00
CA GLN D 483 -31.88 -11.09 -35.06
C GLN D 483 -31.40 -9.76 -34.46
N ARG D 484 -30.21 -9.74 -33.82
CA ARG D 484 -29.60 -8.53 -33.21
C ARG D 484 -28.16 -8.38 -33.71
N THR D 485 -27.92 -8.68 -34.99
CA THR D 485 -26.58 -8.63 -35.64
C THR D 485 -26.73 -7.90 -36.98
N ALA D 486 -26.07 -6.75 -37.13
CA ALA D 486 -25.78 -6.10 -38.43
C ALA D 486 -24.73 -6.97 -39.13
N GLY D 487 -25.18 -7.78 -40.09
CA GLY D 487 -24.53 -9.01 -40.62
C GLY D 487 -25.59 -10.12 -40.64
N GLY D 488 -25.18 -11.39 -40.57
CA GLY D 488 -26.00 -12.50 -40.10
C GLY D 488 -25.29 -13.18 -38.95
N ASP D 489 -24.33 -14.05 -39.30
CA ASP D 489 -23.60 -14.97 -38.38
C ASP D 489 -22.75 -14.16 -37.40
N VAL D 490 -21.95 -13.22 -37.92
CA VAL D 490 -21.03 -12.35 -37.13
C VAL D 490 -21.27 -10.91 -37.56
N PRO D 491 -20.86 -9.91 -36.76
CA PRO D 491 -20.95 -8.51 -37.16
C PRO D 491 -20.34 -8.28 -38.55
N GLU D 492 -20.97 -7.43 -39.36
CA GLU D 492 -20.37 -6.98 -40.65
C GLU D 492 -18.98 -6.44 -40.35
N ARG D 493 -18.09 -6.59 -41.32
CA ARG D 493 -16.62 -6.41 -41.24
C ARG D 493 -16.27 -5.00 -40.72
N GLU D 494 -16.88 -3.98 -41.31
CA GLU D 494 -16.62 -2.55 -40.99
C GLU D 494 -16.99 -2.29 -39.52
N LEU D 495 -18.07 -2.90 -39.03
CA LEU D 495 -18.52 -2.75 -37.63
C LEU D 495 -17.47 -3.37 -36.70
N TYR D 496 -17.00 -4.58 -37.00
CA TYR D 496 -15.97 -5.29 -36.18
C TYR D 496 -14.74 -4.40 -36.05
N ILE D 497 -14.26 -3.86 -37.17
CA ILE D 497 -13.02 -3.03 -37.26
C ILE D 497 -13.20 -1.76 -36.42
N ARG D 498 -14.28 -1.01 -36.65
CA ARG D 498 -14.52 0.29 -35.97
C ARG D 498 -14.62 0.06 -34.46
N TRP D 499 -15.16 -1.09 -34.06
CA TRP D 499 -15.37 -1.46 -32.64
C TRP D 499 -14.02 -1.79 -31.98
N LEU D 500 -13.28 -2.69 -32.60
CA LEU D 500 -11.88 -3.05 -32.26
C LEU D 500 -11.07 -1.78 -31.97
N GLU D 501 -11.18 -0.79 -32.86
CA GLU D 501 -10.39 0.46 -32.81
C GLU D 501 -10.73 1.25 -31.54
N VAL D 502 -12.03 1.44 -31.25
CA VAL D 502 -12.44 2.22 -30.04
C VAL D 502 -12.12 1.39 -28.79
N ALA D 503 -12.30 0.07 -28.83
CA ALA D 503 -12.03 -0.86 -27.70
C ALA D 503 -10.54 -0.86 -27.33
N ALA D 504 -9.66 -0.68 -28.32
CA ALA D 504 -8.18 -0.64 -28.09
C ALA D 504 -7.81 0.55 -27.18
N PHE D 505 -8.66 1.58 -27.08
CA PHE D 505 -8.41 2.80 -26.28
C PHE D 505 -9.17 2.78 -24.94
N MET D 506 -9.85 1.68 -24.60
CA MET D 506 -10.62 1.53 -23.34
C MET D 506 -9.76 0.82 -22.29
N PRO D 507 -10.08 0.92 -20.99
CA PRO D 507 -9.21 0.35 -19.95
C PRO D 507 -8.89 -1.14 -20.09
N ALA D 508 -9.87 -1.94 -20.53
CA ALA D 508 -9.65 -3.37 -20.84
C ALA D 508 -10.31 -3.69 -22.17
N MET D 509 -9.67 -4.56 -22.93
CA MET D 509 -10.08 -4.94 -24.30
C MET D 509 -10.28 -6.45 -24.34
N GLN D 510 -11.47 -6.90 -24.72
CA GLN D 510 -11.86 -8.32 -24.75
C GLN D 510 -12.36 -8.69 -26.15
N PHE D 511 -11.66 -9.62 -26.79
CA PHE D 511 -12.11 -10.33 -28.02
C PHE D 511 -12.89 -11.58 -27.60
N SER D 512 -13.91 -11.95 -28.37
CA SER D 512 -14.49 -13.31 -28.36
C SER D 512 -14.48 -13.82 -29.80
N ILE D 513 -15.33 -13.26 -30.67
CA ILE D 513 -15.25 -13.52 -32.13
C ILE D 513 -13.93 -12.90 -32.56
N PRO D 514 -12.94 -13.72 -32.99
CA PRO D 514 -11.59 -13.23 -33.21
C PRO D 514 -11.38 -12.58 -34.57
N PRO D 515 -10.29 -11.80 -34.75
CA PRO D 515 -9.97 -11.15 -36.02
C PRO D 515 -9.92 -12.09 -37.23
N TRP D 516 -9.44 -13.32 -37.06
CA TRP D 516 -9.16 -14.29 -38.16
C TRP D 516 -10.45 -15.02 -38.58
N ARG D 517 -11.57 -14.70 -37.93
CA ARG D 517 -12.93 -15.09 -38.40
C ARG D 517 -13.23 -14.33 -39.70
N TYR D 518 -12.55 -13.22 -39.96
CA TYR D 518 -12.81 -12.32 -41.12
C TYR D 518 -11.79 -12.57 -42.24
N ASP D 519 -10.59 -12.00 -42.14
CA ASP D 519 -9.55 -12.02 -43.21
C ASP D 519 -8.24 -11.43 -42.66
N ALA D 520 -7.17 -11.49 -43.45
CA ALA D 520 -5.78 -11.13 -43.06
C ALA D 520 -5.68 -9.63 -42.74
N GLU D 521 -6.45 -8.80 -43.44
CA GLU D 521 -6.44 -7.32 -43.26
C GLU D 521 -6.99 -6.99 -41.86
N VAL D 522 -8.05 -7.68 -41.43
CA VAL D 522 -8.68 -7.48 -40.10
C VAL D 522 -7.68 -7.93 -39.02
N VAL D 523 -7.01 -9.07 -39.22
CA VAL D 523 -5.97 -9.58 -38.28
C VAL D 523 -4.90 -8.50 -38.13
N ALA D 524 -4.41 -7.99 -39.27
CA ALA D 524 -3.34 -6.95 -39.32
C ALA D 524 -3.81 -5.69 -38.57
N ILE D 525 -5.04 -5.23 -38.82
CA ILE D 525 -5.61 -4.04 -38.11
C ILE D 525 -5.60 -4.31 -36.60
N ALA D 526 -5.98 -5.52 -36.17
CA ALA D 526 -6.03 -5.91 -34.75
C ALA D 526 -4.62 -5.93 -34.17
N GLN D 527 -3.66 -6.44 -34.94
CA GLN D 527 -2.21 -6.47 -34.56
C GLN D 527 -1.71 -5.04 -34.42
N LYS D 528 -2.06 -4.15 -35.33
CA LYS D 528 -1.69 -2.71 -35.28
C LYS D 528 -2.26 -2.09 -33.99
N PHE D 529 -3.52 -2.36 -33.67
CA PHE D 529 -4.20 -1.71 -32.53
C PHE D 529 -3.74 -2.33 -31.21
N ALA D 530 -3.39 -3.61 -31.21
CA ALA D 530 -2.74 -4.29 -30.06
C ALA D 530 -1.39 -3.62 -29.78
N ALA D 531 -0.58 -3.43 -30.82
CA ALA D 531 0.75 -2.77 -30.73
C ALA D 531 0.57 -1.34 -30.21
N LEU D 532 -0.39 -0.59 -30.76
CA LEU D 532 -0.63 0.84 -30.40
C LEU D 532 -1.14 0.90 -28.96
N ARG D 533 -2.04 0.00 -28.56
CA ARG D 533 -2.51 -0.10 -27.16
C ARG D 533 -1.32 -0.37 -26.24
N ALA D 534 -0.46 -1.33 -26.59
CA ALA D 534 0.73 -1.74 -25.81
C ALA D 534 1.68 -0.54 -25.57
N SER D 535 1.94 0.29 -26.59
CA SER D 535 3.01 1.32 -26.58
C SER D 535 2.50 2.71 -26.15
N LEU D 536 1.26 3.06 -26.48
CA LEU D 536 0.67 4.41 -26.23
C LEU D 536 -0.36 4.34 -25.08
N VAL D 537 -1.32 3.42 -25.16
CA VAL D 537 -2.55 3.44 -24.29
C VAL D 537 -2.23 2.77 -22.95
N ALA D 538 -1.70 1.55 -22.95
CA ALA D 538 -1.43 0.73 -21.74
C ALA D 538 -0.61 1.50 -20.71
N PRO D 539 0.56 2.09 -21.06
CA PRO D 539 1.37 2.82 -20.09
C PRO D 539 0.60 3.96 -19.41
N LEU D 540 -0.31 4.60 -20.14
CA LEU D 540 -1.12 5.74 -19.65
C LEU D 540 -2.24 5.19 -18.75
N LEU D 541 -2.90 4.10 -19.15
CA LEU D 541 -3.93 3.42 -18.33
C LEU D 541 -3.33 3.00 -16.97
N LEU D 542 -2.17 2.36 -16.96
CA LEU D 542 -1.52 1.88 -15.70
C LEU D 542 -1.21 3.06 -14.78
N GLU D 543 -0.76 4.21 -15.31
CA GLU D 543 -0.43 5.41 -14.48
C GLU D 543 -1.71 5.95 -13.86
N LEU D 544 -2.78 6.08 -14.66
CA LEU D 544 -4.10 6.62 -14.22
C LEU D 544 -4.75 5.64 -13.23
N ALA D 545 -4.54 4.33 -13.42
CA ALA D 545 -5.12 3.30 -12.53
C ALA D 545 -4.47 3.45 -11.14
N GLY D 546 -3.14 3.56 -11.08
CA GLY D 546 -2.38 3.82 -9.84
C GLY D 546 -2.82 5.13 -9.20
N GLU D 547 -3.18 6.13 -10.01
CA GLU D 547 -3.58 7.49 -9.56
C GLU D 547 -4.96 7.44 -8.90
N VAL D 548 -5.90 6.65 -9.45
CA VAL D 548 -7.34 6.63 -9.00
C VAL D 548 -7.46 6.66 -7.47
N THR D 549 -6.72 5.81 -6.75
CA THR D 549 -6.83 5.57 -5.28
C THR D 549 -6.84 6.90 -4.51
N ASP D 553 -10.49 10.04 -9.37
CA ASP D 553 -10.86 10.45 -10.76
C ASP D 553 -11.01 9.21 -11.64
N PRO D 554 -11.89 9.24 -12.65
CA PRO D 554 -12.00 8.14 -13.60
C PRO D 554 -10.77 8.02 -14.52
N ILE D 555 -10.67 6.93 -15.27
CA ILE D 555 -9.62 6.70 -16.29
C ILE D 555 -10.11 7.28 -17.62
N VAL D 556 -11.26 6.79 -18.11
CA VAL D 556 -11.95 7.35 -19.31
C VAL D 556 -12.71 8.60 -18.88
N ARG D 557 -12.41 9.73 -19.51
CA ARG D 557 -12.97 11.04 -19.09
C ARG D 557 -13.70 11.68 -20.28
N PRO D 558 -14.81 12.40 -20.03
CA PRO D 558 -15.49 13.17 -21.07
C PRO D 558 -14.66 14.39 -21.48
N LEU D 559 -14.90 14.95 -22.66
CA LEU D 559 -14.12 16.12 -23.17
C LEU D 559 -14.22 17.29 -22.19
N TRP D 560 -15.38 17.46 -21.56
CA TRP D 560 -15.66 18.60 -20.64
C TRP D 560 -14.78 18.53 -19.38
N TRP D 561 -14.16 17.39 -19.10
CA TRP D 561 -13.28 17.21 -17.93
C TRP D 561 -12.20 18.31 -17.93
N ILE D 562 -11.55 18.51 -19.08
CA ILE D 562 -10.44 19.48 -19.27
C ILE D 562 -10.99 20.83 -19.76
N ALA D 563 -12.25 20.86 -20.22
CA ALA D 563 -12.92 22.04 -20.81
C ALA D 563 -14.30 22.21 -20.19
N PRO D 564 -14.38 22.38 -18.86
CA PRO D 564 -15.67 22.40 -18.15
C PRO D 564 -16.62 23.55 -18.55
N GLY D 565 -16.07 24.66 -19.05
CA GLY D 565 -16.87 25.82 -19.49
C GLY D 565 -17.31 25.73 -20.93
N ASP D 566 -17.02 24.64 -21.65
CA ASP D 566 -17.15 24.53 -23.13
C ASP D 566 -18.41 23.74 -23.44
N GLU D 567 -19.39 24.39 -24.06
CA GLU D 567 -20.77 23.85 -24.27
C GLU D 567 -20.73 22.76 -25.35
N THR D 568 -19.78 22.80 -26.28
CA THR D 568 -19.63 21.76 -27.32
C THR D 568 -19.11 20.49 -26.63
N ALA D 569 -18.07 20.63 -25.80
CA ALA D 569 -17.47 19.52 -25.00
C ALA D 569 -18.54 18.85 -24.14
N HIS D 570 -19.52 19.62 -23.65
CA HIS D 570 -20.65 19.14 -22.81
C HIS D 570 -21.54 18.16 -23.59
N ARG D 571 -21.69 18.35 -24.91
CA ARG D 571 -22.67 17.62 -25.78
C ARG D 571 -22.01 16.43 -26.50
N ILE D 572 -20.69 16.37 -26.60
CA ILE D 572 -20.00 15.39 -27.53
C ILE D 572 -20.14 13.97 -26.96
N ASP D 573 -20.61 13.01 -27.80
CA ASP D 573 -20.75 11.58 -27.43
C ASP D 573 -19.85 10.66 -28.28
N SER D 574 -19.16 11.20 -29.28
CA SER D 574 -18.32 10.43 -30.24
C SER D 574 -16.82 10.61 -29.95
N GLN D 575 -16.48 11.28 -28.84
CA GLN D 575 -15.06 11.51 -28.43
C GLN D 575 -14.95 11.29 -26.91
N PHE D 576 -13.74 11.03 -26.42
CA PHE D 576 -13.43 10.89 -24.97
C PHE D 576 -11.94 11.14 -24.76
N LEU D 577 -11.53 11.30 -23.51
CA LEU D 577 -10.12 11.39 -23.05
C LEU D 577 -9.75 10.13 -22.29
N ILE D 578 -8.49 9.69 -22.41
CA ILE D 578 -7.78 8.84 -21.42
C ILE D 578 -6.91 9.77 -20.58
N GLY D 579 -7.22 9.91 -19.29
CA GLY D 579 -6.66 10.96 -18.42
C GLY D 579 -6.93 12.33 -19.01
N ASP D 580 -5.95 13.23 -18.91
CA ASP D 580 -6.12 14.65 -19.31
C ASP D 580 -5.40 14.92 -20.62
N THR D 581 -4.58 13.97 -21.12
CA THR D 581 -3.55 14.27 -22.16
C THR D 581 -3.80 13.53 -23.48
N LEU D 582 -4.72 12.56 -23.55
CA LEU D 582 -4.96 11.76 -24.79
C LEU D 582 -6.42 11.88 -25.21
N LEU D 583 -6.67 12.56 -26.33
CA LEU D 583 -8.04 12.80 -26.89
C LEU D 583 -8.26 11.81 -28.04
N VAL D 584 -9.40 11.13 -28.05
CA VAL D 584 -9.70 10.01 -28.99
C VAL D 584 -11.00 10.30 -29.74
N ALA D 585 -10.98 10.20 -31.07
CA ALA D 585 -12.12 10.45 -31.97
C ALA D 585 -12.23 9.31 -32.97
N PRO D 586 -12.88 8.19 -32.59
CA PRO D 586 -13.07 7.06 -33.49
C PRO D 586 -14.19 7.32 -34.50
N VAL D 587 -14.13 6.69 -35.68
CA VAL D 587 -15.28 6.67 -36.62
C VAL D 587 -16.28 5.65 -36.10
N LEU D 588 -17.55 6.05 -35.98
CA LEU D 588 -18.64 5.26 -35.33
C LEU D 588 -19.80 5.07 -36.32
N GLU D 589 -19.56 5.23 -37.62
CA GLU D 589 -20.56 5.13 -38.71
C GLU D 589 -20.00 4.31 -39.85
N PRO D 590 -20.84 3.58 -40.61
CA PRO D 590 -20.40 2.86 -41.81
C PRO D 590 -20.16 3.79 -42.99
N GLY D 591 -19.30 3.36 -43.93
CA GLY D 591 -19.04 4.06 -45.20
C GLY D 591 -18.36 5.41 -45.01
N LYS D 592 -17.64 5.60 -43.90
CA LYS D 592 -16.97 6.87 -43.54
C LYS D 592 -15.46 6.62 -43.48
N GLN D 593 -14.69 7.43 -44.21
CA GLN D 593 -13.19 7.45 -44.16
C GLN D 593 -12.75 8.80 -43.60
N GLU D 594 -13.65 9.49 -42.91
CA GLU D 594 -13.39 10.79 -42.24
C GLU D 594 -14.50 11.04 -41.22
N ARG D 595 -14.29 12.02 -40.35
CA ARG D 595 -15.29 12.54 -39.38
C ARG D 595 -14.88 13.93 -38.93
N ASP D 596 -15.80 14.68 -38.35
CA ASP D 596 -15.52 15.97 -37.66
C ASP D 596 -14.92 15.65 -36.29
N VAL D 597 -13.82 16.31 -35.94
CA VAL D 597 -13.12 16.16 -34.64
C VAL D 597 -13.12 17.54 -33.98
N TYR D 598 -13.72 17.66 -32.80
CA TYR D 598 -13.67 18.88 -31.97
C TYR D 598 -12.40 18.83 -31.11
N LEU D 599 -11.56 19.87 -31.16
CA LEU D 599 -10.46 20.07 -30.22
C LEU D 599 -10.80 21.24 -29.31
N PRO D 600 -10.78 21.04 -27.98
CA PRO D 600 -10.97 22.15 -27.03
C PRO D 600 -9.73 23.07 -26.96
N ALA D 601 -9.82 24.14 -26.17
CA ALA D 601 -8.71 25.08 -25.89
C ALA D 601 -7.43 24.30 -25.57
N GLY D 602 -6.28 24.96 -25.69
CA GLY D 602 -4.94 24.37 -25.49
C GLY D 602 -4.45 23.70 -26.76
N LYS D 603 -3.24 23.13 -26.71
CA LYS D 603 -2.52 22.66 -27.91
C LYS D 603 -2.64 21.13 -27.98
N TRP D 604 -2.86 20.62 -29.19
CA TRP D 604 -3.06 19.19 -29.48
C TRP D 604 -2.16 18.78 -30.63
N ARG D 605 -1.46 17.66 -30.47
CA ARG D 605 -0.59 17.04 -31.49
C ARG D 605 -1.25 15.74 -31.96
N SER D 606 -1.57 15.66 -33.25
CA SER D 606 -2.17 14.48 -33.91
C SER D 606 -1.13 13.35 -33.91
N TYR D 607 -1.56 12.12 -34.17
CA TYR D 607 -0.69 10.93 -34.33
C TYR D 607 0.32 11.16 -35.45
N LYS D 608 -0.06 11.91 -36.50
CA LYS D 608 0.83 12.22 -37.67
C LYS D 608 1.81 13.34 -37.30
N GLY D 609 1.57 14.06 -36.19
CA GLY D 609 2.47 15.11 -35.68
C GLY D 609 1.96 16.52 -35.94
N GLU D 610 0.76 16.69 -36.51
CA GLU D 610 0.15 18.03 -36.78
C GLU D 610 -0.07 18.75 -35.44
N LEU D 611 0.46 19.95 -35.23
CA LEU D 611 0.18 20.76 -34.02
C LEU D 611 -1.04 21.65 -34.30
N PHE D 612 -2.14 21.44 -33.57
CA PHE D 612 -3.32 22.34 -33.58
C PHE D 612 -3.29 23.19 -32.31
N ASP D 613 -3.03 24.49 -32.47
CA ASP D 613 -2.89 25.48 -31.37
C ASP D 613 -3.79 26.68 -31.62
N LYS D 614 -4.53 26.73 -32.74
CA LYS D 614 -5.65 27.69 -32.94
C LYS D 614 -6.94 26.98 -32.51
N THR D 615 -7.23 27.01 -31.21
CA THR D 615 -8.28 26.20 -30.55
C THR D 615 -9.06 27.10 -29.59
N PRO D 616 -10.35 26.81 -29.29
CA PRO D 616 -11.04 25.61 -29.78
C PRO D 616 -11.32 25.66 -31.30
N VAL D 617 -11.44 24.50 -31.92
CA VAL D 617 -11.65 24.39 -33.39
C VAL D 617 -12.40 23.08 -33.69
N LEU D 618 -13.27 23.10 -34.70
CA LEU D 618 -13.87 21.87 -35.28
C LEU D 618 -13.08 21.56 -36.55
N LEU D 619 -12.31 20.46 -36.55
CA LEU D 619 -11.65 19.92 -37.77
C LEU D 619 -12.71 19.15 -38.55
N THR D 620 -13.07 19.61 -39.75
CA THR D 620 -14.16 19.02 -40.56
C THR D 620 -13.56 18.02 -41.55
N ASP D 621 -14.29 16.93 -41.80
CA ASP D 621 -13.89 15.82 -42.71
C ASP D 621 -12.42 15.45 -42.44
N TYR D 622 -12.03 15.32 -41.18
CA TYR D 622 -10.65 14.90 -40.79
C TYR D 622 -10.48 13.46 -41.23
N PRO D 623 -9.46 13.14 -42.08
CA PRO D 623 -9.29 11.80 -42.63
C PRO D 623 -9.03 10.74 -41.54
N VAL D 624 -9.79 9.66 -41.56
CA VAL D 624 -9.65 8.48 -40.68
C VAL D 624 -10.06 7.27 -41.50
N ASP D 625 -9.11 6.60 -42.14
CA ASP D 625 -9.41 5.45 -43.03
C ASP D 625 -9.88 4.28 -42.16
N LEU D 626 -10.40 3.24 -42.80
CA LEU D 626 -11.03 2.07 -42.12
C LEU D 626 -10.09 1.53 -41.03
N ASP D 627 -8.78 1.52 -41.31
CA ASP D 627 -7.73 0.93 -40.44
C ASP D 627 -7.12 2.00 -39.52
N GLU D 628 -7.79 3.13 -39.29
CA GLU D 628 -7.23 4.23 -38.45
C GLU D 628 -8.25 4.68 -37.40
N ILE D 629 -7.72 5.35 -36.37
CA ILE D 629 -8.47 6.15 -35.37
C ILE D 629 -7.80 7.52 -35.29
N ALA D 630 -8.56 8.59 -35.06
CA ALA D 630 -8.02 9.94 -34.78
C ALA D 630 -7.71 10.01 -33.28
N TYR D 631 -6.46 10.28 -32.92
CA TYR D 631 -6.07 10.60 -31.52
C TYR D 631 -5.12 11.79 -31.55
N PHE D 632 -5.11 12.55 -30.46
CA PHE D 632 -4.27 13.77 -30.25
C PHE D 632 -3.75 13.75 -28.82
N THR D 633 -2.50 14.17 -28.64
CA THR D 633 -1.80 14.28 -27.34
C THR D 633 -1.66 15.76 -26.99
N TRP D 634 -1.86 16.10 -25.72
CA TRP D 634 -1.62 17.45 -25.14
C TRP D 634 -0.20 17.91 -25.44
N ALA D 635 0.01 19.22 -25.63
CA ALA D 635 1.33 19.86 -25.78
C ALA D 635 1.24 21.35 -25.40
#